data_7A3J
#
_entry.id   7A3J
#
_cell.length_a   164.377
_cell.length_b   252.959
_cell.length_c   260.869
_cell.angle_alpha   90.000
_cell.angle_beta   90.000
_cell.angle_gamma   90.000
#
_symmetry.space_group_name_H-M   'C 2 2 21'
#
loop_
_entity.id
_entity.type
_entity.pdbx_description
1 polymer 'Dipeptidyl peptidase 8'
2 non-polymer 2-ethyl-2-methanoyl-~{N}-[3-[[4-(naphthalen-1-ylmethyl)piperazin-1-yl]methyl]phenyl]butanamide
3 non-polymer 'trimethylamine oxide'
4 non-polymer 'CHLORIDE ION'
5 water water
#
_entity_poly.entity_id   1
_entity_poly.type   'polypeptide(L)'
_entity_poly.pdbx_seq_one_letter_code
;MWKRSEQMKIKSGKCNMAAAMETEQLGVEIFETADCEENIESQDRPKLEPFYVERYSWSQLKKLLADTRKYHGYMMAKAP
HDFMFVKRNDPDGPHSDRIYYLAMSGENRENTLFYSEIPKTINRAAVLMLSWKPLLDLFQATLDYGMYSREEELLRERKR
IGTVGIASYDYHQGSGTFLFQAGSGIYHVKDGGPQGFTQQPLRPNLVETSCPNIRMDPKLCPADPDWIAFIHSNDIWISN
IVTREERRLTYVHNELANMEEDARSAGVATFVLQEEFDRYSGYWWCPKAETTPSGGKILRILYEENDESEVEIIHVTSPM
LETRRADSFRYPKTGTANPKVTFKMSEIMIDAEGRIIDVIDKELIQPFEILFEGVEYIARAGWTPEGKYAWSILLDRSQT
RLQIVLISPELFIPVEDDVMERQRLIESVPDSVTPLIIYEETTDIWINIHDIFHVFPQSHEEEIEFIFASECKTGFRHLY
KITSILKESKYKRSSGGLPAPSDFKCPIKEEIAITSGEWEVLGRHGSNIQVDEVRRLVYFEGTKDSPLEHHLYVVSYVNP
GEVTRLTDRGYSHSCCISQHCDFFISKYSNQKNPHCVSLYKLSSPEDDPTCKTKEFWATILDSAGPLPDYTPPEIFSFES
TTGFTLYGMLYKPHDLQPGKKYPTVLFIYGGPQVQLVNNRFKGVKYFRLNTLASLGYVVVVIDNRGSCHRGLKFEGAFKY
KMGQIEIDDQVEGLQYLASRYDFIDLDRVGIHGWSYGGYLSLMALMQRSDIFRVAIAGAPVTLWIFYDTGYTERYMGHPD
QNEQGYYLGSVAMQAEKFPSEPNRLLLLHGFLDENVHFAHTSILLSFLVRAGKPYDLQIYPQERHSIRVPESGEHYELHL
LHYLQENLGSRIAALKVI
;
_entity_poly.pdbx_strand_id   C,A,B
#
# COMPACT_ATOMS: atom_id res chain seq x y z
N LEU A 48 33.75 48.83 -29.28
CA LEU A 48 32.66 47.84 -28.96
C LEU A 48 31.92 48.20 -27.68
N GLU A 49 30.67 48.63 -27.81
CA GLU A 49 29.81 48.93 -26.66
C GLU A 49 29.23 47.63 -26.09
N PRO A 50 29.06 47.56 -24.76
CA PRO A 50 28.35 46.41 -24.19
C PRO A 50 26.84 46.50 -24.45
N PHE A 51 26.26 45.44 -25.01
CA PHE A 51 24.81 45.28 -25.06
C PHE A 51 24.34 44.91 -23.66
N TYR A 52 23.28 45.57 -23.20
CA TYR A 52 22.64 45.23 -21.91
C TYR A 52 21.22 44.75 -22.19
N VAL A 53 20.88 43.56 -21.71
CA VAL A 53 19.58 42.96 -21.98
C VAL A 53 18.45 43.73 -21.28
N GLU A 54 17.25 43.64 -21.85
CA GLU A 54 16.07 44.26 -21.26
C GLU A 54 15.90 43.73 -19.83
N ARG A 55 15.64 44.64 -18.90
CA ARG A 55 15.43 44.28 -17.50
C ARG A 55 13.94 44.05 -17.27
N TYR A 56 13.49 42.83 -17.51
CA TYR A 56 12.10 42.42 -17.25
C TYR A 56 11.89 42.17 -15.77
N SER A 57 10.67 42.40 -15.30
CA SER A 57 10.28 41.99 -13.95
C SER A 57 10.08 40.48 -13.91
N TRP A 58 9.96 39.96 -12.68
CA TRP A 58 9.72 38.54 -12.44
C TRP A 58 8.40 38.08 -13.07
N SER A 59 7.36 38.91 -12.93
CA SER A 59 6.06 38.69 -13.57
C SER A 59 6.17 38.68 -15.09
N GLN A 60 6.98 39.59 -15.63
CA GLN A 60 7.19 39.71 -17.08
C GLN A 60 7.98 38.56 -17.70
N LEU A 61 9.04 38.12 -17.02
CA LEU A 61 9.77 36.91 -17.43
C LEU A 61 8.89 35.65 -17.36
N LYS A 62 8.01 35.59 -16.36
CA LYS A 62 7.03 34.50 -16.28
C LYS A 62 6.09 34.50 -17.49
N LYS A 63 5.68 35.70 -17.92
CA LYS A 63 4.86 35.89 -19.11
C LYS A 63 5.65 35.47 -20.36
N LEU A 64 6.82 36.06 -20.55
CA LEU A 64 7.68 35.79 -21.70
C LEU A 64 7.93 34.30 -21.92
N LEU A 65 8.23 33.59 -20.83
CA LEU A 65 8.48 32.15 -20.89
C LEU A 65 7.18 31.39 -21.16
N ALA A 66 6.10 31.77 -20.49
CA ALA A 66 4.78 31.14 -20.68
C ALA A 66 4.29 31.23 -22.13
N ASP A 67 4.44 32.43 -22.72
CA ASP A 67 4.06 32.69 -24.11
C ASP A 67 4.89 31.87 -25.08
N THR A 68 6.21 31.91 -24.91
CA THR A 68 7.15 31.21 -25.79
C THR A 68 7.17 29.67 -25.59
N ARG A 69 6.51 29.16 -24.55
CA ARG A 69 6.38 27.72 -24.33
C ARG A 69 5.48 27.07 -25.38
N ALA A 77 6.11 14.68 -27.88
CA ALA A 77 5.40 13.42 -28.14
C ALA A 77 6.32 12.38 -28.77
N LYS A 78 6.24 11.15 -28.30
CA LYS A 78 7.12 10.07 -28.77
C LYS A 78 6.92 9.78 -30.26
N ALA A 79 8.00 9.88 -31.03
CA ALA A 79 7.98 9.47 -32.44
C ALA A 79 7.96 7.94 -32.51
N PRO A 80 7.33 7.38 -33.58
CA PRO A 80 7.23 5.93 -33.77
C PRO A 80 8.51 5.16 -33.48
N HIS A 81 8.39 4.05 -32.74
CA HIS A 81 9.55 3.26 -32.31
C HIS A 81 9.16 1.81 -32.00
N ASP A 82 10.13 0.98 -31.60
CA ASP A 82 9.94 -0.46 -31.37
C ASP A 82 9.24 -1.09 -32.57
N PHE A 83 9.82 -0.90 -33.75
CA PHE A 83 9.23 -1.39 -35.00
C PHE A 83 9.36 -2.90 -35.15
N MET A 84 8.42 -3.49 -35.90
CA MET A 84 8.45 -4.92 -36.17
C MET A 84 7.73 -5.21 -37.49
N PHE A 85 8.43 -5.85 -38.43
CA PHE A 85 7.87 -6.20 -39.74
C PHE A 85 7.35 -7.63 -39.71
N VAL A 86 6.09 -7.82 -40.12
CA VAL A 86 5.51 -9.16 -40.21
C VAL A 86 4.97 -9.37 -41.62
N LYS A 87 5.40 -10.47 -42.26
CA LYS A 87 5.02 -10.78 -43.64
C LYS A 87 3.57 -11.24 -43.74
N ARG A 88 2.90 -10.80 -44.80
CA ARG A 88 1.50 -11.18 -45.05
C ARG A 88 1.35 -12.59 -45.61
N ASN A 89 2.21 -12.97 -46.56
CA ASN A 89 2.13 -14.26 -47.28
C ASN A 89 0.76 -14.41 -47.97
N ASP A 90 0.32 -13.33 -48.62
CA ASP A 90 -0.99 -13.26 -49.29
C ASP A 90 -0.75 -12.85 -50.75
N PRO A 91 -0.57 -13.83 -51.65
CA PRO A 91 -0.31 -13.57 -53.07
C PRO A 91 -1.23 -12.54 -53.74
N ASP A 92 -2.55 -12.68 -53.53
CA ASP A 92 -3.54 -11.78 -54.16
C ASP A 92 -3.68 -10.40 -53.48
N GLY A 93 -3.13 -10.24 -52.27
CA GLY A 93 -3.19 -8.97 -51.56
C GLY A 93 -2.22 -7.93 -52.10
N PRO A 94 -2.49 -6.63 -51.83
CA PRO A 94 -1.58 -5.55 -52.25
C PRO A 94 -0.41 -5.25 -51.30
N HIS A 95 -0.31 -5.94 -50.16
CA HIS A 95 0.67 -5.61 -49.11
C HIS A 95 1.69 -6.72 -48.89
N SER A 96 2.98 -6.34 -48.83
CA SER A 96 4.06 -7.30 -48.56
C SER A 96 4.16 -7.57 -47.07
N ASP A 97 4.33 -6.49 -46.30
CA ASP A 97 4.45 -6.54 -44.83
C ASP A 97 3.36 -5.71 -44.15
N ARG A 98 3.18 -5.98 -42.86
CA ARG A 98 2.53 -5.04 -41.92
C ARG A 98 3.57 -4.70 -40.86
N ILE A 99 3.73 -3.41 -40.56
CA ILE A 99 4.61 -3.00 -39.45
C ILE A 99 3.80 -2.63 -38.21
N TYR A 100 4.28 -3.11 -37.04
CA TYR A 100 3.74 -2.75 -35.74
C TYR A 100 4.76 -1.87 -35.02
N TYR A 101 4.28 -0.92 -34.23
CA TYR A 101 5.15 0.05 -33.56
C TYR A 101 4.45 0.79 -32.42
N LEU A 102 5.23 1.21 -31.43
CA LEU A 102 4.75 2.08 -30.37
C LEU A 102 4.86 3.53 -30.82
N ALA A 103 3.84 4.32 -30.52
CA ALA A 103 3.83 5.72 -30.86
C ALA A 103 2.80 6.49 -30.05
N MET A 104 3.10 7.75 -29.80
CA MET A 104 2.18 8.68 -29.15
C MET A 104 1.51 9.41 -30.30
N SER A 105 0.20 9.24 -30.45
CA SER A 105 -0.53 9.80 -31.62
C SER A 105 -0.50 11.35 -31.69
N GLY A 106 -0.26 12.01 -30.56
CA GLY A 106 0.04 13.45 -30.53
C GLY A 106 -0.37 14.09 -29.21
N GLU A 107 0.41 15.07 -28.76
CA GLU A 107 0.03 15.96 -27.65
C GLU A 107 -0.23 15.17 -26.35
N ASN A 108 -1.18 15.60 -25.52
CA ASN A 108 -1.57 14.85 -24.30
C ASN A 108 -2.29 13.56 -24.67
N ARG A 109 -1.51 12.52 -24.94
CA ARG A 109 -2.04 11.21 -25.30
C ARG A 109 -1.05 10.13 -24.89
N GLU A 110 -1.57 8.94 -24.61
CA GLU A 110 -0.73 7.83 -24.11
C GLU A 110 0.00 7.14 -25.26
N ASN A 111 1.16 6.56 -24.94
CA ASN A 111 1.98 5.80 -25.89
C ASN A 111 1.29 4.46 -26.12
N THR A 112 1.06 4.07 -27.37
CA THR A 112 0.34 2.82 -27.67
C THR A 112 0.68 2.17 -29.01
N LEU A 113 0.28 0.90 -29.13
CA LEU A 113 0.51 0.10 -30.34
C LEU A 113 -0.30 0.59 -31.54
N PHE A 114 0.39 0.84 -32.64
CA PHE A 114 -0.22 1.12 -33.95
C PHE A 114 0.27 0.11 -34.98
N TYR A 115 -0.42 0.03 -36.10
CA TYR A 115 0.07 -0.70 -37.28
C TYR A 115 -0.16 0.06 -38.58
N SER A 116 0.68 -0.22 -39.58
CA SER A 116 0.55 0.34 -40.92
C SER A 116 0.84 -0.74 -41.95
N GLU A 117 0.37 -0.50 -43.17
CA GLU A 117 0.43 -1.48 -44.26
C GLU A 117 1.53 -1.08 -45.25
N ILE A 118 2.46 -2.00 -45.52
CA ILE A 118 3.51 -1.80 -46.50
C ILE A 118 3.05 -2.41 -47.82
N PRO A 119 2.82 -1.56 -48.85
CA PRO A 119 2.36 -2.08 -50.13
C PRO A 119 3.46 -2.75 -50.96
N LYS A 120 3.05 -3.68 -51.83
CA LYS A 120 3.98 -4.40 -52.72
C LYS A 120 4.60 -3.48 -53.76
N THR A 121 3.82 -2.52 -54.26
CA THR A 121 4.28 -1.54 -55.25
C THR A 121 3.88 -0.11 -54.85
N ILE A 122 4.49 0.89 -55.47
CA ILE A 122 4.16 2.30 -55.21
C ILE A 122 4.21 3.18 -56.47
N ASN A 123 3.36 4.20 -56.47
CA ASN A 123 3.38 5.26 -57.48
C ASN A 123 4.61 6.13 -57.21
N ARG A 124 5.68 5.88 -57.96
CA ARG A 124 6.94 6.63 -57.79
C ARG A 124 6.86 8.11 -58.21
N ALA A 125 5.76 8.49 -58.84
CA ALA A 125 5.46 9.91 -59.11
C ALA A 125 5.17 10.68 -57.82
N ALA A 126 4.38 10.07 -56.92
CA ALA A 126 3.94 10.71 -55.67
C ALA A 126 4.63 10.13 -54.43
N VAL A 127 4.45 10.81 -53.30
CA VAL A 127 5.01 10.41 -52.01
C VAL A 127 3.90 9.76 -51.16
N LEU A 128 4.05 8.48 -50.84
CA LEU A 128 3.05 7.74 -50.05
C LEU A 128 3.18 8.10 -48.55
N MET A 129 2.07 8.53 -47.96
CA MET A 129 1.97 8.79 -46.52
C MET A 129 1.18 7.63 -45.90
N LEU A 130 1.84 6.78 -45.12
CA LEU A 130 1.17 5.68 -44.40
C LEU A 130 0.29 6.21 -43.26
N SER A 131 -0.84 5.54 -43.04
CA SER A 131 -1.80 5.91 -42.01
C SER A 131 -1.68 4.95 -40.82
N TRP A 132 -1.80 5.51 -39.61
CA TRP A 132 -1.62 4.76 -38.38
C TRP A 132 -2.95 4.13 -37.95
N LYS A 133 -3.02 2.81 -37.99
CA LYS A 133 -4.20 2.06 -37.54
C LYS A 133 -4.01 1.69 -36.07
N PRO A 134 -4.93 2.12 -35.17
CA PRO A 134 -4.81 1.67 -33.76
C PRO A 134 -4.99 0.17 -33.63
N LEU A 135 -3.99 -0.51 -33.05
CA LEU A 135 -4.04 -1.95 -32.85
C LEU A 135 -4.99 -2.33 -31.70
N LEU A 136 -5.03 -1.50 -30.66
CA LEU A 136 -5.79 -1.80 -29.46
C LEU A 136 -7.03 -0.91 -29.33
N ASP A 137 -8.03 -1.44 -28.63
CA ASP A 137 -9.22 -0.68 -28.24
C ASP A 137 -8.92 0.03 -26.91
N LEU A 138 -9.76 0.99 -26.54
CA LEU A 138 -9.61 1.68 -25.25
C LEU A 138 -9.89 0.70 -24.12
N PHE A 139 -9.13 0.81 -23.03
CA PHE A 139 -9.12 -0.21 -21.96
C PHE A 139 -10.44 -0.27 -21.18
N GLN A 140 -11.41 -1.00 -21.73
CA GLN A 140 -12.76 -1.21 -21.18
C GLN A 140 -13.44 0.02 -20.56
N VAL A 164 -2.88 2.19 -18.74
CA VAL A 164 -2.65 3.58 -19.13
C VAL A 164 -1.86 3.60 -20.47
N GLY A 165 -0.52 3.65 -20.42
CA GLY A 165 0.34 3.70 -21.61
C GLY A 165 1.30 2.53 -21.68
N ILE A 166 1.76 2.21 -22.89
CA ILE A 166 2.64 1.06 -23.13
C ILE A 166 4.04 1.55 -23.51
N ALA A 167 5.04 1.15 -22.73
CA ALA A 167 6.43 1.50 -23.01
C ALA A 167 7.15 0.46 -23.87
N SER A 168 6.67 -0.77 -23.83
CA SER A 168 7.41 -1.92 -24.30
C SER A 168 6.45 -3.07 -24.62
N TYR A 169 6.79 -3.89 -25.60
CA TYR A 169 5.99 -5.07 -25.91
C TYR A 169 6.83 -6.27 -26.30
N ASP A 170 6.21 -7.44 -26.18
CA ASP A 170 6.78 -8.71 -26.62
C ASP A 170 5.95 -9.24 -27.75
N TYR A 171 6.55 -10.11 -28.55
CA TYR A 171 5.85 -10.76 -29.64
C TYR A 171 6.38 -12.17 -29.81
N HIS A 172 5.47 -13.10 -30.11
CA HIS A 172 5.82 -14.45 -30.48
C HIS A 172 5.37 -14.61 -31.93
N GLN A 173 6.32 -15.02 -32.77
CA GLN A 173 6.14 -15.00 -34.22
C GLN A 173 5.15 -16.08 -34.64
N GLY A 174 5.37 -17.30 -34.13
CA GLY A 174 4.61 -18.48 -34.54
C GLY A 174 3.14 -18.50 -34.17
N SER A 175 2.77 -17.76 -33.12
CA SER A 175 1.38 -17.69 -32.62
C SER A 175 0.72 -16.35 -32.90
N GLY A 176 1.52 -15.29 -32.98
CA GLY A 176 1.02 -13.92 -33.18
C GLY A 176 0.75 -13.18 -31.89
N THR A 177 1.13 -13.78 -30.75
CA THR A 177 0.78 -13.27 -29.44
C THR A 177 1.63 -12.05 -29.09
N PHE A 178 0.98 -10.91 -28.93
CA PHE A 178 1.58 -9.75 -28.27
C PHE A 178 1.46 -9.94 -26.77
N LEU A 179 2.42 -9.43 -26.00
CA LEU A 179 2.32 -9.33 -24.55
C LEU A 179 2.89 -7.98 -24.12
N PHE A 180 2.19 -7.29 -23.23
CA PHE A 180 2.62 -5.97 -22.79
C PHE A 180 1.94 -5.55 -21.51
N GLN A 181 2.56 -4.60 -20.82
CA GLN A 181 1.99 -3.98 -19.64
C GLN A 181 1.48 -2.59 -19.99
N ALA A 182 0.25 -2.30 -19.59
CA ALA A 182 -0.36 -0.98 -19.74
C ALA A 182 -0.94 -0.60 -18.40
N GLY A 183 -0.38 0.42 -17.77
CA GLY A 183 -0.74 0.78 -16.41
C GLY A 183 -0.35 -0.37 -15.49
N SER A 184 -1.24 -0.71 -14.56
CA SER A 184 -1.02 -1.82 -13.62
C SER A 184 -1.11 -3.20 -14.28
N GLY A 185 -2.09 -3.37 -15.16
CA GLY A 185 -2.38 -4.67 -15.76
C GLY A 185 -1.42 -5.12 -16.85
N ILE A 186 -1.39 -6.43 -17.07
CA ILE A 186 -0.65 -7.08 -18.14
C ILE A 186 -1.69 -7.67 -19.10
N TYR A 187 -1.50 -7.43 -20.39
CA TYR A 187 -2.49 -7.81 -21.43
C TYR A 187 -1.86 -8.56 -22.59
N HIS A 188 -2.72 -9.18 -23.40
CA HIS A 188 -2.30 -9.80 -24.65
C HIS A 188 -3.36 -9.64 -25.75
N VAL A 189 -2.88 -9.56 -27.00
CA VAL A 189 -3.71 -9.72 -28.19
C VAL A 189 -2.97 -10.64 -29.15
N LYS A 190 -3.63 -11.01 -30.24
CA LYS A 190 -3.00 -11.76 -31.33
C LYS A 190 -3.24 -11.08 -32.66
N ASP A 191 -2.18 -10.97 -33.46
CA ASP A 191 -2.28 -10.47 -34.83
C ASP A 191 -1.05 -10.87 -35.64
N GLY A 192 -1.28 -11.20 -36.91
CA GLY A 192 -0.21 -11.55 -37.84
C GLY A 192 0.32 -12.96 -37.76
N GLY A 193 -0.27 -13.80 -36.91
CA GLY A 193 0.11 -15.21 -36.79
C GLY A 193 -0.76 -16.07 -37.68
N PRO A 194 -0.97 -17.35 -37.28
CA PRO A 194 -1.95 -18.24 -37.90
C PRO A 194 -3.40 -17.70 -37.97
N GLN A 195 -3.79 -16.86 -37.02
CA GLN A 195 -5.17 -16.33 -36.97
C GLN A 195 -5.41 -15.24 -38.01
N GLY A 196 -4.33 -14.69 -38.59
CA GLY A 196 -4.43 -13.71 -39.67
C GLY A 196 -4.29 -12.28 -39.18
N PHE A 197 -4.80 -11.33 -39.98
CA PHE A 197 -4.60 -9.90 -39.75
C PHE A 197 -5.92 -9.15 -39.56
N THR A 198 -6.11 -8.54 -38.39
CA THR A 198 -7.29 -7.73 -38.09
C THR A 198 -7.38 -6.47 -38.96
N GLN A 199 -8.61 -6.05 -39.27
CA GLN A 199 -8.91 -4.77 -39.95
C GLN A 199 -9.59 -3.77 -39.02
N GLN A 200 -9.56 -4.05 -37.71
CA GLN A 200 -10.20 -3.21 -36.69
C GLN A 200 -9.44 -3.37 -35.37
N PRO A 201 -9.49 -2.35 -34.48
CA PRO A 201 -8.77 -2.47 -33.21
C PRO A 201 -9.17 -3.70 -32.41
N LEU A 202 -8.19 -4.42 -31.88
CA LEU A 202 -8.41 -5.58 -31.02
C LEU A 202 -8.56 -5.15 -29.57
N ARG A 203 -9.38 -5.89 -28.83
CA ARG A 203 -9.59 -5.62 -27.42
C ARG A 203 -8.49 -6.36 -26.63
N PRO A 204 -7.73 -5.63 -25.79
CA PRO A 204 -6.68 -6.28 -25.02
C PRO A 204 -7.24 -7.19 -23.93
N ASN A 205 -6.59 -8.34 -23.73
CA ASN A 205 -7.07 -9.39 -22.83
C ASN A 205 -6.24 -9.42 -21.55
N LEU A 206 -6.79 -8.87 -20.48
CA LEU A 206 -6.15 -8.85 -19.16
C LEU A 206 -5.71 -10.23 -18.69
N VAL A 207 -4.44 -10.34 -18.28
CA VAL A 207 -3.90 -11.53 -17.66
C VAL A 207 -4.28 -11.47 -16.19
N GLU A 208 -5.21 -12.32 -15.77
CA GLU A 208 -5.76 -12.27 -14.41
C GLU A 208 -4.70 -12.73 -13.41
N THR A 209 -4.90 -12.35 -12.14
CA THR A 209 -3.92 -12.62 -11.09
C THR A 209 -4.53 -12.64 -9.68
N SER A 210 -3.87 -13.37 -8.77
CA SER A 210 -4.13 -13.33 -7.32
C SER A 210 -3.12 -12.46 -6.57
N CYS A 211 -2.16 -11.86 -7.28
CA CYS A 211 -1.05 -11.13 -6.63
C CYS A 211 -1.53 -9.78 -6.11
N PRO A 212 -1.18 -9.43 -4.86
CA PRO A 212 -1.67 -8.17 -4.28
C PRO A 212 -1.11 -6.89 -4.90
N ASN A 213 0.10 -6.94 -5.43
CA ASN A 213 0.89 -5.75 -5.76
C ASN A 213 1.11 -5.65 -7.26
N ILE A 214 1.61 -4.48 -7.64
CA ILE A 214 1.99 -4.19 -9.03
C ILE A 214 2.92 -5.26 -9.61
N ARG A 215 2.57 -5.74 -10.80
CA ARG A 215 3.41 -6.68 -11.56
C ARG A 215 4.31 -5.91 -12.50
N MET A 216 5.56 -6.37 -12.64
CA MET A 216 6.60 -5.66 -13.40
C MET A 216 7.34 -6.62 -14.34
N ASP A 217 7.76 -6.10 -15.49
CA ASP A 217 8.63 -6.81 -16.44
C ASP A 217 8.03 -8.12 -17.00
N PRO A 218 6.84 -8.03 -17.63
CA PRO A 218 6.29 -9.24 -18.25
C PRO A 218 7.11 -9.68 -19.46
N LYS A 219 7.25 -10.99 -19.65
CA LYS A 219 7.94 -11.56 -20.80
C LYS A 219 7.30 -12.86 -21.27
N LEU A 220 6.95 -12.91 -22.55
CA LEU A 220 6.48 -14.14 -23.20
C LEU A 220 7.57 -15.21 -23.20
N CYS A 221 7.15 -16.45 -22.93
CA CYS A 221 8.03 -17.60 -23.11
C CYS A 221 8.11 -17.88 -24.61
N PRO A 222 9.32 -17.81 -25.20
CA PRO A 222 9.43 -18.13 -26.62
C PRO A 222 9.13 -19.61 -26.94
N ALA A 223 9.39 -20.49 -25.98
CA ALA A 223 9.15 -21.93 -26.16
C ALA A 223 7.65 -22.30 -26.12
N ASP A 224 6.84 -21.54 -25.37
CA ASP A 224 5.39 -21.73 -25.30
C ASP A 224 4.66 -20.41 -25.03
N PRO A 225 4.00 -19.82 -26.05
CA PRO A 225 3.34 -18.52 -25.89
C PRO A 225 2.05 -18.49 -25.03
N ASP A 226 1.66 -19.64 -24.48
CA ASP A 226 0.67 -19.68 -23.40
C ASP A 226 1.25 -19.15 -22.08
N TRP A 227 2.54 -19.35 -21.84
CA TRP A 227 3.19 -18.94 -20.58
C TRP A 227 3.83 -17.55 -20.66
N ILE A 228 3.70 -16.79 -19.57
CA ILE A 228 4.43 -15.54 -19.36
C ILE A 228 5.13 -15.58 -18.01
N ALA A 229 5.98 -14.60 -17.78
CA ALA A 229 6.65 -14.43 -16.49
C ALA A 229 6.64 -12.97 -16.12
N PHE A 230 6.81 -12.68 -14.84
CA PHE A 230 6.90 -11.30 -14.35
C PHE A 230 7.47 -11.27 -12.96
N ILE A 231 7.81 -10.06 -12.52
CA ILE A 231 8.31 -9.82 -11.18
C ILE A 231 7.15 -9.30 -10.35
N HIS A 232 7.04 -9.83 -9.13
CA HIS A 232 6.11 -9.31 -8.14
C HIS A 232 6.81 -9.33 -6.77
N SER A 233 6.93 -8.17 -6.13
CA SER A 233 7.65 -8.00 -4.85
C SER A 233 9.03 -8.68 -4.85
N ASN A 234 9.82 -8.33 -5.86
CA ASN A 234 11.20 -8.82 -6.06
C ASN A 234 11.36 -10.35 -6.13
N ASP A 235 10.34 -11.03 -6.65
CA ASP A 235 10.41 -12.48 -6.89
C ASP A 235 9.80 -12.80 -8.25
N ILE A 236 10.24 -13.91 -8.84
CA ILE A 236 9.83 -14.28 -10.19
C ILE A 236 8.58 -15.16 -10.11
N TRP A 237 7.59 -14.81 -10.93
CA TRP A 237 6.34 -15.57 -11.05
C TRP A 237 6.12 -15.96 -12.49
N ILE A 238 5.27 -16.96 -12.71
CA ILE A 238 4.78 -17.33 -14.05
C ILE A 238 3.25 -17.49 -14.05
N SER A 239 2.64 -17.24 -15.19
CA SER A 239 1.20 -17.25 -15.32
C SER A 239 0.82 -17.71 -16.73
N ASN A 240 0.02 -18.77 -16.82
CA ASN A 240 -0.52 -19.27 -18.09
C ASN A 240 -1.73 -18.42 -18.48
N ILE A 241 -1.76 -17.90 -19.70
CA ILE A 241 -2.82 -16.98 -20.13
C ILE A 241 -4.06 -17.67 -20.73
N VAL A 242 -4.03 -19.01 -20.81
CA VAL A 242 -5.19 -19.80 -21.23
C VAL A 242 -5.73 -20.56 -20.01
N THR A 243 -4.89 -21.39 -19.39
CA THR A 243 -5.30 -22.19 -18.22
C THR A 243 -5.50 -21.35 -16.94
N ARG A 244 -4.96 -20.12 -16.92
CA ARG A 244 -5.05 -19.19 -15.78
C ARG A 244 -4.28 -19.65 -14.54
N GLU A 245 -3.36 -20.60 -14.71
CA GLU A 245 -2.57 -21.09 -13.60
C GLU A 245 -1.48 -20.05 -13.30
N GLU A 246 -1.47 -19.57 -12.07
CA GLU A 246 -0.42 -18.69 -11.58
C GLU A 246 0.50 -19.50 -10.65
N ARG A 247 1.75 -19.07 -10.52
CA ARG A 247 2.73 -19.79 -9.69
C ARG A 247 3.92 -18.89 -9.36
N ARG A 248 4.35 -18.96 -8.09
CA ARG A 248 5.56 -18.28 -7.61
C ARG A 248 6.76 -19.22 -7.71
N LEU A 249 7.84 -18.76 -8.34
CA LEU A 249 9.05 -19.56 -8.58
C LEU A 249 10.21 -19.32 -7.58
N THR A 250 10.24 -18.13 -6.97
CA THR A 250 11.30 -17.75 -6.02
C THR A 250 10.69 -17.22 -4.72
N TYR A 251 11.25 -17.62 -3.59
CA TYR A 251 10.78 -17.20 -2.26
C TYR A 251 11.94 -16.52 -1.53
N VAL A 252 12.49 -15.50 -2.20
CA VAL A 252 13.70 -14.80 -1.78
C VAL A 252 13.36 -13.54 -0.97
N HIS A 253 12.27 -12.86 -1.32
CA HIS A 253 11.85 -11.63 -0.67
C HIS A 253 10.54 -11.84 0.07
N ASN A 254 10.60 -11.73 1.39
CA ASN A 254 9.40 -11.57 2.22
C ASN A 254 8.93 -10.12 2.06
N GLU A 255 7.83 -9.95 1.32
CA GLU A 255 7.22 -8.62 1.07
C GLU A 255 6.72 -7.88 2.33
N LEU A 256 6.41 -8.62 3.39
CA LEU A 256 5.86 -8.04 4.62
C LEU A 256 6.93 -7.49 5.59
N ALA A 257 8.07 -8.19 5.70
CA ALA A 257 9.15 -7.76 6.62
C ALA A 257 9.92 -6.55 6.09
N ASN A 258 10.57 -5.82 7.00
CA ASN A 258 11.28 -4.56 6.67
C ASN A 258 12.55 -4.79 5.87
N MET A 259 12.96 -3.76 5.14
CA MET A 259 14.04 -3.87 4.14
C MET A 259 15.46 -3.91 4.73
N GLU A 260 15.64 -3.49 5.99
CA GLU A 260 16.95 -3.60 6.68
C GLU A 260 17.41 -5.06 6.88
N GLU A 261 16.45 -5.98 7.03
CA GLU A 261 16.73 -7.41 7.19
C GLU A 261 16.61 -8.11 5.84
N ASP A 262 15.45 -7.95 5.21
CA ASP A 262 15.15 -8.57 3.92
C ASP A 262 15.64 -7.68 2.78
N ALA A 263 16.85 -7.96 2.29
CA ALA A 263 17.47 -7.20 1.20
C ALA A 263 17.90 -8.10 0.03
N ARG A 264 17.14 -9.14 -0.23
CA ARG A 264 17.42 -10.05 -1.35
C ARG A 264 16.34 -9.89 -2.42
N SER A 265 16.68 -10.24 -3.66
CA SER A 265 15.78 -10.13 -4.80
C SER A 265 16.14 -11.14 -5.88
N ALA A 266 15.22 -11.35 -6.81
CA ALA A 266 15.40 -12.32 -7.89
C ALA A 266 14.74 -11.86 -9.18
N GLY A 267 15.50 -11.89 -10.28
CA GLY A 267 15.00 -11.48 -11.59
C GLY A 267 14.98 -9.98 -11.83
N VAL A 268 15.63 -9.22 -10.95
CA VAL A 268 15.55 -7.76 -10.97
C VAL A 268 16.96 -7.17 -10.96
N ALA A 269 17.24 -6.30 -11.92
CA ALA A 269 18.51 -5.59 -11.97
C ALA A 269 18.55 -4.54 -10.86
N THR A 270 19.62 -4.55 -10.06
CA THR A 270 19.77 -3.59 -8.95
C THR A 270 20.12 -2.19 -9.46
N PHE A 271 20.16 -1.20 -8.57
CA PHE A 271 20.38 0.22 -8.90
C PHE A 271 21.49 0.49 -9.94
N VAL A 272 22.73 0.11 -9.61
CA VAL A 272 23.89 0.40 -10.45
C VAL A 272 23.76 -0.22 -11.83
N LEU A 273 23.21 -1.43 -11.91
CA LEU A 273 23.01 -2.11 -13.19
C LEU A 273 22.02 -1.36 -14.08
N GLN A 274 20.91 -0.92 -13.50
CA GLN A 274 19.93 -0.12 -14.24
C GLN A 274 20.51 1.25 -14.59
N GLU A 275 21.06 1.93 -13.60
CA GLU A 275 21.49 3.32 -13.76
C GLU A 275 22.81 3.50 -14.52
N GLU A 276 23.72 2.53 -14.46
CA GLU A 276 25.05 2.67 -15.06
C GLU A 276 25.41 1.68 -16.16
N PHE A 277 24.70 0.56 -16.28
CA PHE A 277 24.95 -0.39 -17.37
C PHE A 277 23.75 -0.55 -18.31
N ASP A 278 22.72 0.26 -18.09
CA ASP A 278 21.43 0.17 -18.79
C ASP A 278 20.91 -1.26 -19.01
N ARG A 279 20.91 -2.05 -17.93
CA ARG A 279 20.23 -3.36 -17.89
C ARG A 279 19.05 -3.28 -16.91
N TYR A 280 17.85 -3.59 -17.40
CA TYR A 280 16.61 -3.42 -16.63
C TYR A 280 15.99 -4.75 -16.18
N SER A 281 16.08 -5.76 -17.04
CA SER A 281 15.62 -7.11 -16.71
C SER A 281 16.76 -7.90 -16.05
N GLY A 282 16.37 -8.90 -15.25
CA GLY A 282 17.30 -9.80 -14.58
C GLY A 282 16.95 -11.28 -14.69
N TYR A 283 16.14 -11.62 -15.69
CA TYR A 283 15.77 -13.01 -15.93
C TYR A 283 15.50 -13.20 -17.42
N TRP A 284 15.75 -14.41 -17.91
CA TRP A 284 15.75 -14.69 -19.34
C TRP A 284 15.17 -16.08 -19.60
N TRP A 285 14.02 -16.12 -20.29
CA TRP A 285 13.42 -17.39 -20.72
C TRP A 285 14.41 -18.13 -21.59
N CYS A 286 14.49 -19.44 -21.40
CA CYS A 286 15.20 -20.30 -22.34
C CYS A 286 14.30 -20.45 -23.57
N PRO A 287 14.82 -20.17 -24.78
CA PRO A 287 13.95 -20.03 -25.95
C PRO A 287 13.43 -21.34 -26.55
N LYS A 288 13.85 -22.49 -26.02
CA LYS A 288 13.36 -23.78 -26.49
C LYS A 288 12.97 -24.68 -25.31
N ALA A 289 11.93 -25.48 -25.53
CA ALA A 289 11.47 -26.48 -24.57
C ALA A 289 12.29 -27.76 -24.68
N GLU A 290 12.07 -28.67 -23.73
CA GLU A 290 12.74 -29.97 -23.69
C GLU A 290 11.66 -31.02 -23.43
N THR A 291 11.44 -31.93 -24.37
CA THR A 291 10.34 -32.90 -24.28
C THR A 291 10.60 -34.00 -23.26
N THR A 292 9.54 -34.49 -22.62
CA THR A 292 9.60 -35.53 -21.59
C THR A 292 8.92 -36.83 -22.05
N PRO A 293 9.10 -37.94 -21.29
CA PRO A 293 8.34 -39.19 -21.53
C PRO A 293 6.80 -39.06 -21.49
N SER A 294 6.27 -38.12 -20.72
CA SER A 294 4.81 -37.92 -20.60
C SER A 294 4.12 -37.31 -21.84
N GLY A 295 4.91 -36.83 -22.81
CA GLY A 295 4.38 -35.96 -23.86
C GLY A 295 4.21 -34.51 -23.39
N GLY A 296 4.90 -34.17 -22.30
CA GLY A 296 4.90 -32.80 -21.74
C GLY A 296 6.18 -32.09 -22.11
N LYS A 297 6.63 -31.17 -21.26
CA LYS A 297 7.86 -30.41 -21.52
C LYS A 297 8.47 -29.74 -20.28
N ILE A 298 9.73 -29.33 -20.43
CA ILE A 298 10.42 -28.50 -19.44
C ILE A 298 10.65 -27.10 -20.02
N LEU A 299 10.39 -26.09 -19.19
CA LEU A 299 10.72 -24.70 -19.49
C LEU A 299 11.74 -24.23 -18.46
N ARG A 300 12.66 -23.37 -18.90
CA ARG A 300 13.71 -22.86 -18.03
C ARG A 300 13.75 -21.33 -18.02
N ILE A 301 14.14 -20.78 -16.88
CA ILE A 301 14.42 -19.35 -16.74
C ILE A 301 15.75 -19.19 -16.03
N LEU A 302 16.75 -18.66 -16.74
CA LEU A 302 17.98 -18.17 -16.11
C LEU A 302 17.62 -16.87 -15.42
N TYR A 303 18.10 -16.68 -14.20
CA TYR A 303 17.87 -15.42 -13.49
C TYR A 303 19.00 -15.00 -12.56
N GLU A 304 19.09 -13.70 -12.36
CA GLU A 304 20.06 -13.09 -11.47
C GLU A 304 19.42 -13.02 -10.10
N GLU A 305 20.14 -13.47 -9.07
CA GLU A 305 19.71 -13.31 -7.68
C GLU A 305 20.71 -12.41 -6.98
N ASN A 306 20.20 -11.37 -6.30
CA ASN A 306 21.03 -10.36 -5.66
C ASN A 306 20.77 -10.31 -4.16
N ASP A 307 21.84 -10.15 -3.39
CA ASP A 307 21.78 -9.94 -1.94
C ASP A 307 22.44 -8.60 -1.62
N GLU A 308 21.61 -7.58 -1.37
CA GLU A 308 22.09 -6.21 -1.11
C GLU A 308 22.28 -5.92 0.40
N SER A 309 22.47 -6.97 1.21
CA SER A 309 22.53 -6.85 2.67
C SER A 309 23.76 -6.11 3.17
N GLU A 310 24.89 -6.28 2.47
CA GLU A 310 26.14 -5.57 2.81
C GLU A 310 26.28 -4.22 2.11
N VAL A 311 25.34 -3.85 1.26
CA VAL A 311 25.38 -2.59 0.48
C VAL A 311 24.92 -1.44 1.37
N GLU A 312 25.56 -0.28 1.21
CA GLU A 312 25.22 0.94 1.95
C GLU A 312 23.74 1.29 1.77
N ILE A 313 23.08 1.62 2.87
CA ILE A 313 21.71 2.13 2.83
C ILE A 313 21.80 3.65 2.90
N ILE A 314 20.90 4.33 2.19
CA ILE A 314 20.74 5.78 2.30
C ILE A 314 19.28 6.17 2.34
N HIS A 315 18.99 7.23 3.10
CA HIS A 315 17.64 7.73 3.31
C HIS A 315 17.47 9.06 2.58
N VAL A 316 16.51 9.09 1.66
CA VAL A 316 16.05 10.33 1.01
C VAL A 316 14.58 10.48 1.45
N THR A 317 14.07 11.72 1.48
CA THR A 317 12.77 12.06 2.13
C THR A 317 11.53 11.31 1.53
N SER A 318 10.70 11.98 0.72
CA SER A 318 9.50 11.34 0.13
C SER A 318 8.72 12.33 -0.75
N PRO A 319 7.99 11.84 -1.77
CA PRO A 319 6.97 12.69 -2.43
C PRO A 319 5.96 13.26 -1.43
N MET A 320 5.58 12.46 -0.43
CA MET A 320 4.87 12.94 0.77
C MET A 320 5.80 13.75 1.67
N LEU A 321 5.67 15.09 1.64
CA LEU A 321 6.37 15.96 2.61
C LEU A 321 5.53 16.19 3.88
N GLU A 322 4.27 15.75 3.90
CA GLU A 322 3.41 15.87 5.09
C GLU A 322 3.93 15.01 6.24
N THR A 323 4.22 13.75 5.94
CA THR A 323 4.95 12.87 6.87
C THR A 323 6.43 13.22 6.78
N ARG A 324 6.99 13.77 7.86
CA ARG A 324 8.43 14.09 7.94
C ARG A 324 9.23 12.78 8.02
N ARG A 325 9.32 12.07 6.90
CA ARG A 325 9.86 10.71 6.85
C ARG A 325 10.80 10.51 5.66
N ALA A 326 11.62 9.47 5.75
CA ALA A 326 12.65 9.17 4.77
C ALA A 326 12.61 7.69 4.34
N ASP A 327 12.52 7.45 3.04
CA ASP A 327 12.52 6.10 2.47
C ASP A 327 13.95 5.64 2.18
N SER A 328 14.22 4.37 2.45
CA SER A 328 15.54 3.78 2.33
C SER A 328 15.74 3.10 0.97
N PHE A 329 16.96 3.14 0.45
CA PHE A 329 17.35 2.22 -0.64
C PHE A 329 18.86 1.94 -0.67
N ARG A 330 19.23 0.91 -1.43
CA ARG A 330 20.60 0.39 -1.46
C ARG A 330 21.42 1.05 -2.57
N TYR A 331 22.39 1.89 -2.16
CA TYR A 331 23.20 2.69 -3.08
C TYR A 331 24.68 2.33 -2.89
N PRO A 332 25.24 1.49 -3.78
CA PRO A 332 26.67 1.18 -3.66
C PRO A 332 27.52 2.41 -3.95
N LYS A 333 27.82 3.18 -2.92
CA LYS A 333 28.70 4.35 -3.07
C LYS A 333 30.12 3.87 -3.35
N THR A 334 30.90 4.69 -4.04
CA THR A 334 32.20 4.24 -4.56
C THR A 334 33.17 3.78 -3.46
N GLY A 335 33.94 2.75 -3.78
CA GLY A 335 34.84 2.13 -2.82
C GLY A 335 34.18 1.34 -1.71
N THR A 336 32.90 0.98 -1.88
CA THR A 336 32.16 0.18 -0.91
C THR A 336 31.59 -1.04 -1.62
N ALA A 337 30.95 -1.93 -0.86
CA ALA A 337 30.48 -3.22 -1.37
C ALA A 337 29.39 -3.06 -2.42
N ASN A 338 29.55 -3.78 -3.53
CA ASN A 338 28.48 -3.94 -4.52
C ASN A 338 27.61 -5.11 -4.07
N PRO A 339 26.40 -5.25 -4.65
CA PRO A 339 25.55 -6.39 -4.31
C PRO A 339 26.25 -7.72 -4.54
N LYS A 340 25.96 -8.69 -3.68
CA LYS A 340 26.51 -10.03 -3.81
C LYS A 340 25.60 -10.82 -4.77
N VAL A 341 26.10 -11.10 -5.97
CA VAL A 341 25.28 -11.67 -7.06
C VAL A 341 25.59 -13.13 -7.36
N THR A 342 24.67 -13.77 -8.06
CA THR A 342 24.86 -15.13 -8.58
C THR A 342 23.85 -15.43 -9.68
N PHE A 343 24.12 -16.47 -10.45
CA PHE A 343 23.16 -17.02 -11.39
C PHE A 343 22.34 -18.10 -10.71
N LYS A 344 21.13 -18.27 -11.21
CA LYS A 344 20.20 -19.30 -10.75
C LYS A 344 19.39 -19.76 -11.95
N MET A 345 18.76 -20.92 -11.82
CA MET A 345 17.86 -21.42 -12.84
C MET A 345 16.62 -22.05 -12.21
N SER A 346 15.46 -21.70 -12.74
CA SER A 346 14.19 -22.31 -12.33
C SER A 346 13.85 -23.34 -13.40
N GLU A 347 13.78 -24.60 -13.00
CA GLU A 347 13.43 -25.70 -13.90
C GLU A 347 11.94 -25.97 -13.69
N ILE A 348 11.14 -25.83 -14.74
CA ILE A 348 9.68 -25.84 -14.64
C ILE A 348 9.07 -26.98 -15.47
N MET A 349 8.67 -28.06 -14.80
CA MET A 349 8.07 -29.24 -15.45
C MET A 349 6.57 -29.03 -15.69
N ILE A 350 6.16 -29.08 -16.96
CA ILE A 350 4.75 -28.96 -17.38
C ILE A 350 4.27 -30.32 -17.91
N ASP A 351 3.01 -30.68 -17.62
CA ASP A 351 2.43 -31.95 -18.06
C ASP A 351 1.91 -31.88 -19.52
N ALA A 352 1.27 -32.97 -19.97
CA ALA A 352 0.78 -33.08 -21.35
C ALA A 352 -0.31 -32.07 -21.76
N GLU A 353 -1.02 -31.47 -20.79
CA GLU A 353 -2.05 -30.46 -21.08
C GLU A 353 -1.80 -29.12 -20.38
N GLY A 354 -0.53 -28.73 -20.29
CA GLY A 354 -0.15 -27.37 -19.86
C GLY A 354 -0.30 -27.02 -18.39
N ARG A 355 -0.36 -28.02 -17.52
CA ARG A 355 -0.43 -27.81 -16.08
C ARG A 355 0.96 -28.03 -15.49
N ILE A 356 1.30 -27.24 -14.47
CA ILE A 356 2.58 -27.37 -13.77
C ILE A 356 2.59 -28.65 -12.94
N ILE A 357 3.57 -29.51 -13.18
CA ILE A 357 3.83 -30.69 -12.36
C ILE A 357 4.67 -30.26 -11.16
N ASP A 358 5.83 -29.68 -11.44
CA ASP A 358 6.77 -29.29 -10.38
C ASP A 358 7.67 -28.14 -10.83
N VAL A 359 8.26 -27.46 -9.84
CA VAL A 359 9.22 -26.37 -10.05
C VAL A 359 10.44 -26.64 -9.17
N ILE A 360 11.58 -26.95 -9.78
CA ILE A 360 12.83 -27.15 -9.05
C ILE A 360 13.67 -25.88 -9.18
N ASP A 361 14.00 -25.25 -8.06
CA ASP A 361 14.88 -24.08 -8.06
C ASP A 361 16.32 -24.57 -7.95
N LYS A 362 17.16 -24.18 -8.92
CA LYS A 362 18.53 -24.72 -9.03
C LYS A 362 19.62 -23.64 -8.95
N GLU A 363 20.73 -24.00 -8.31
CA GLU A 363 21.87 -23.10 -8.10
C GLU A 363 23.16 -23.68 -8.71
N LEU A 364 24.17 -22.83 -8.84
CA LEU A 364 25.45 -23.22 -9.45
C LEU A 364 26.18 -24.26 -8.59
N ILE A 365 26.80 -25.23 -9.25
CA ILE A 365 27.49 -26.35 -8.59
C ILE A 365 28.64 -25.90 -7.68
N GLN A 366 29.28 -24.80 -8.04
CA GLN A 366 30.25 -24.13 -7.19
C GLN A 366 29.84 -22.65 -7.10
N PRO A 367 30.40 -21.90 -6.14
CA PRO A 367 30.05 -20.47 -6.03
C PRO A 367 30.37 -19.61 -7.27
N PHE A 368 29.68 -18.47 -7.37
CA PHE A 368 29.92 -17.48 -8.43
C PHE A 368 31.34 -16.92 -8.38
N GLU A 369 31.89 -16.78 -7.16
CA GLU A 369 33.24 -16.23 -6.97
C GLU A 369 34.33 -17.21 -7.42
N ILE A 370 34.02 -18.51 -7.41
CA ILE A 370 34.94 -19.56 -7.84
C ILE A 370 34.88 -19.74 -9.36
N LEU A 371 33.68 -20.03 -9.88
CA LEU A 371 33.48 -20.26 -11.32
C LEU A 371 33.78 -19.05 -12.21
N PHE A 372 33.52 -17.85 -11.69
CA PHE A 372 33.73 -16.60 -12.44
C PHE A 372 34.69 -15.72 -11.63
N GLU A 373 35.94 -16.16 -11.60
CA GLU A 373 36.99 -15.52 -10.82
C GLU A 373 37.16 -14.06 -11.28
N GLY A 374 37.12 -13.14 -10.31
CA GLY A 374 37.33 -11.71 -10.58
C GLY A 374 36.12 -10.89 -11.03
N VAL A 375 35.02 -11.56 -11.37
CA VAL A 375 33.83 -10.88 -11.90
C VAL A 375 33.09 -10.14 -10.78
N GLU A 376 32.68 -8.91 -11.07
CA GLU A 376 31.83 -8.11 -10.16
C GLU A 376 30.46 -7.71 -10.70
N TYR A 377 30.35 -7.46 -12.00
CA TYR A 377 29.08 -7.07 -12.62
C TYR A 377 28.67 -8.07 -13.70
N ILE A 378 27.45 -8.61 -13.60
CA ILE A 378 26.81 -9.28 -14.73
C ILE A 378 26.24 -8.16 -15.60
N ALA A 379 26.95 -7.83 -16.68
CA ALA A 379 26.59 -6.70 -17.55
C ALA A 379 25.40 -7.02 -18.44
N ARG A 380 25.47 -8.18 -19.09
CA ARG A 380 24.41 -8.66 -19.98
C ARG A 380 24.28 -10.17 -19.82
N ALA A 381 23.14 -10.72 -20.23
CA ALA A 381 22.92 -12.16 -20.22
C ALA A 381 21.77 -12.60 -21.11
N GLY A 382 21.72 -13.90 -21.41
CA GLY A 382 20.71 -14.46 -22.28
C GLY A 382 21.01 -15.89 -22.67
N TRP A 383 20.38 -16.34 -23.76
CA TRP A 383 20.54 -17.71 -24.25
C TRP A 383 20.96 -17.70 -25.72
N THR A 384 21.62 -18.78 -26.13
CA THR A 384 21.92 -19.03 -27.55
C THR A 384 20.62 -19.42 -28.25
N PRO A 385 20.50 -19.15 -29.57
CA PRO A 385 19.26 -19.44 -30.31
C PRO A 385 18.64 -20.81 -30.09
N GLU A 386 19.47 -21.83 -29.83
CA GLU A 386 19.01 -23.22 -29.66
C GLU A 386 18.58 -23.50 -28.22
N GLY A 387 18.91 -22.61 -27.30
CA GLY A 387 18.70 -22.84 -25.86
C GLY A 387 19.70 -23.79 -25.24
N LYS A 388 20.80 -24.07 -25.94
CA LYS A 388 21.79 -25.04 -25.47
C LYS A 388 22.64 -24.44 -24.35
N TYR A 389 23.19 -23.25 -24.60
CA TYR A 389 24.00 -22.51 -23.62
C TYR A 389 23.30 -21.21 -23.23
N ALA A 390 23.47 -20.83 -21.96
CA ALA A 390 23.08 -19.52 -21.49
C ALA A 390 24.33 -18.66 -21.51
N TRP A 391 24.32 -17.61 -22.33
CA TRP A 391 25.48 -16.70 -22.40
C TRP A 391 25.40 -15.56 -21.38
N SER A 392 26.55 -14.94 -21.15
CA SER A 392 26.65 -13.77 -20.28
C SER A 392 27.92 -12.97 -20.57
N ILE A 393 27.85 -11.66 -20.37
CA ILE A 393 28.98 -10.76 -20.52
C ILE A 393 29.32 -10.19 -19.14
N LEU A 394 30.51 -10.53 -18.65
CA LEU A 394 30.91 -10.27 -17.27
C LEU A 394 32.06 -9.25 -17.20
N LEU A 395 32.05 -8.43 -16.15
CA LEU A 395 33.08 -7.42 -15.91
C LEU A 395 33.74 -7.61 -14.56
N ASP A 396 35.03 -7.26 -14.47
CA ASP A 396 35.72 -7.12 -13.18
C ASP A 396 35.39 -5.75 -12.60
N ARG A 397 35.79 -5.51 -11.36
CA ARG A 397 35.39 -4.29 -10.64
C ARG A 397 35.91 -2.98 -11.25
N SER A 398 37.16 -2.99 -11.72
CA SER A 398 37.77 -1.81 -12.35
C SER A 398 37.29 -1.59 -13.80
N GLN A 399 36.55 -2.55 -14.35
CA GLN A 399 35.91 -2.45 -15.66
C GLN A 399 36.93 -2.29 -16.79
N THR A 400 38.03 -3.02 -16.65
CA THR A 400 39.07 -3.11 -17.66
C THR A 400 39.23 -4.54 -18.18
N ARG A 401 38.32 -5.45 -17.82
CA ARG A 401 38.30 -6.81 -18.37
C ARG A 401 36.87 -7.29 -18.61
N LEU A 402 36.52 -7.48 -19.89
CA LEU A 402 35.26 -8.07 -20.29
C LEU A 402 35.47 -9.55 -20.57
N GLN A 403 34.48 -10.38 -20.21
CA GLN A 403 34.48 -11.81 -20.54
C GLN A 403 33.10 -12.25 -21.02
N ILE A 404 33.03 -12.83 -22.23
CA ILE A 404 31.82 -13.48 -22.72
C ILE A 404 31.93 -14.94 -22.28
N VAL A 405 30.92 -15.44 -21.58
CA VAL A 405 30.96 -16.78 -20.97
C VAL A 405 29.71 -17.58 -21.29
N LEU A 406 29.89 -18.81 -21.78
CA LEU A 406 28.79 -19.75 -22.01
C LEU A 406 28.61 -20.64 -20.79
N ILE A 407 27.42 -20.61 -20.21
CA ILE A 407 27.07 -21.35 -19.01
C ILE A 407 26.05 -22.40 -19.42
N SER A 408 26.42 -23.68 -19.29
CA SER A 408 25.52 -24.79 -19.62
C SER A 408 24.52 -25.02 -18.48
N PRO A 409 23.26 -25.39 -18.80
CA PRO A 409 22.28 -25.74 -17.76
C PRO A 409 22.75 -26.83 -16.79
N GLU A 410 23.54 -27.78 -17.28
CA GLU A 410 24.10 -28.84 -16.43
C GLU A 410 25.03 -28.36 -15.31
N LEU A 411 25.52 -27.12 -15.37
CA LEU A 411 26.24 -26.51 -14.24
C LEU A 411 25.36 -26.24 -13.02
N PHE A 412 24.03 -26.16 -13.23
CA PHE A 412 23.09 -25.94 -12.14
C PHE A 412 22.60 -27.26 -11.53
N ILE A 413 22.56 -27.32 -10.21
CA ILE A 413 21.99 -28.44 -9.45
C ILE A 413 20.83 -27.94 -8.59
N PRO A 414 19.91 -28.83 -8.18
CA PRO A 414 18.86 -28.41 -7.23
C PRO A 414 19.39 -27.89 -5.90
N VAL A 415 18.64 -26.98 -5.27
CA VAL A 415 19.00 -26.45 -3.96
C VAL A 415 18.63 -27.52 -2.93
N GLU A 416 19.50 -27.73 -1.94
CA GLU A 416 19.32 -28.74 -0.90
C GLU A 416 19.93 -28.29 0.43
N ASP A 417 19.15 -28.38 1.50
CA ASP A 417 19.62 -28.07 2.85
C ASP A 417 20.48 -29.22 3.38
N ASP A 418 19.99 -30.45 3.20
CA ASP A 418 20.70 -31.67 3.59
C ASP A 418 22.06 -31.75 2.89
N VAL A 419 23.13 -31.50 3.64
CA VAL A 419 24.49 -31.38 3.09
C VAL A 419 25.10 -32.70 2.58
N MET A 420 24.51 -33.84 2.96
CA MET A 420 24.87 -35.14 2.37
C MET A 420 24.25 -35.30 0.97
N GLU A 421 22.97 -34.99 0.85
CA GLU A 421 22.24 -35.06 -0.43
C GLU A 421 22.73 -34.01 -1.45
N ARG A 422 23.16 -32.85 -0.95
CA ARG A 422 23.76 -31.79 -1.76
C ARG A 422 25.09 -32.23 -2.39
N GLN A 423 25.93 -32.87 -1.58
CA GLN A 423 27.21 -33.45 -2.03
C GLN A 423 27.02 -34.54 -3.10
N ARG A 424 25.97 -35.36 -2.93
CA ARG A 424 25.69 -36.45 -3.88
C ARG A 424 25.30 -35.94 -5.28
N LEU A 425 24.59 -34.82 -5.32
CA LEU A 425 24.22 -34.17 -6.58
C LEU A 425 25.42 -33.52 -7.30
N ILE A 426 26.37 -32.98 -6.51
CA ILE A 426 27.60 -32.41 -7.08
C ILE A 426 28.42 -33.49 -7.79
N GLU A 427 28.55 -34.64 -7.14
CA GLU A 427 29.32 -35.78 -7.68
C GLU A 427 28.69 -36.39 -8.95
N SER A 428 27.37 -36.39 -9.03
CA SER A 428 26.67 -36.93 -10.21
C SER A 428 26.84 -36.08 -11.48
N VAL A 429 27.11 -34.79 -11.32
CA VAL A 429 27.43 -33.90 -12.44
C VAL A 429 28.85 -34.20 -12.95
N PRO A 430 29.03 -34.35 -14.28
CA PRO A 430 30.37 -34.56 -14.85
C PRO A 430 31.38 -33.44 -14.57
N ASP A 431 32.66 -33.81 -14.57
CA ASP A 431 33.77 -32.84 -14.51
C ASP A 431 34.00 -32.15 -15.86
N SER A 432 33.63 -32.83 -16.95
CA SER A 432 33.68 -32.25 -18.31
C SER A 432 32.77 -31.02 -18.47
N VAL A 433 31.66 -31.01 -17.73
CA VAL A 433 30.74 -29.86 -17.67
C VAL A 433 31.39 -28.71 -16.89
N THR A 434 31.57 -27.57 -17.57
CA THR A 434 32.41 -26.48 -17.10
C THR A 434 32.07 -25.15 -17.80
N PRO A 435 32.26 -24.00 -17.10
CA PRO A 435 32.11 -22.71 -17.79
C PRO A 435 33.07 -22.55 -18.97
N LEU A 436 32.61 -21.89 -20.02
CA LEU A 436 33.39 -21.71 -21.24
C LEU A 436 33.52 -20.22 -21.57
N ILE A 437 34.65 -19.63 -21.19
CA ILE A 437 34.96 -18.25 -21.55
C ILE A 437 35.33 -18.24 -23.05
N ILE A 438 34.31 -18.03 -23.88
CA ILE A 438 34.49 -17.99 -25.34
C ILE A 438 35.13 -16.69 -25.85
N TYR A 439 35.25 -15.68 -24.99
CA TYR A 439 35.93 -14.45 -25.37
C TYR A 439 36.38 -13.68 -24.13
N GLU A 440 37.51 -12.99 -24.26
CA GLU A 440 38.06 -12.15 -23.19
C GLU A 440 38.91 -11.03 -23.78
N GLU A 441 38.83 -9.85 -23.18
CA GLU A 441 39.55 -8.67 -23.68
C GLU A 441 39.82 -7.70 -22.54
N THR A 442 40.88 -6.90 -22.67
CA THR A 442 41.28 -5.93 -21.66
C THR A 442 41.72 -4.61 -22.28
N THR A 443 41.79 -3.58 -21.45
CA THR A 443 42.17 -2.24 -21.90
C THR A 443 42.73 -1.44 -20.74
N ASP A 444 43.64 -0.52 -21.06
CA ASP A 444 44.19 0.44 -20.08
C ASP A 444 43.19 1.53 -19.72
N ILE A 445 42.16 1.73 -20.55
CA ILE A 445 41.19 2.81 -20.39
C ILE A 445 39.95 2.27 -19.67
N TRP A 446 38.93 1.82 -20.40
CA TRP A 446 37.76 1.16 -19.79
C TRP A 446 36.90 0.46 -20.83
N ILE A 447 36.21 -0.57 -20.39
CA ILE A 447 35.23 -1.26 -21.22
C ILE A 447 33.93 -0.46 -21.22
N ASN A 448 33.44 -0.13 -22.42
CA ASN A 448 32.11 0.43 -22.61
C ASN A 448 31.18 -0.71 -23.02
N ILE A 449 30.17 -0.97 -22.19
CA ILE A 449 29.21 -2.04 -22.47
C ILE A 449 28.22 -1.59 -23.55
N HIS A 450 27.84 -2.54 -24.40
CA HIS A 450 26.96 -2.29 -25.53
C HIS A 450 26.07 -3.51 -25.78
N ASP A 451 25.02 -3.30 -26.57
CA ASP A 451 23.95 -4.27 -26.78
C ASP A 451 24.16 -5.17 -28.00
N ILE A 452 25.25 -4.94 -28.73
CA ILE A 452 25.64 -5.78 -29.86
C ILE A 452 26.26 -7.10 -29.38
N PHE A 453 25.63 -8.21 -29.75
CA PHE A 453 26.17 -9.56 -29.58
C PHE A 453 25.27 -10.50 -30.36
N HIS A 454 25.80 -11.13 -31.41
CA HIS A 454 25.01 -12.02 -32.26
C HIS A 454 25.67 -13.40 -32.38
N VAL A 455 25.01 -14.41 -31.82
CA VAL A 455 25.45 -15.79 -31.93
C VAL A 455 24.79 -16.40 -33.16
N PHE A 456 25.59 -17.07 -33.99
CA PHE A 456 25.07 -17.79 -35.17
C PHE A 456 24.59 -19.16 -34.74
N PRO A 457 23.73 -19.80 -35.55
CA PRO A 457 23.36 -21.20 -35.26
C PRO A 457 24.58 -22.11 -35.26
N GLN A 458 24.62 -23.04 -34.30
CA GLN A 458 25.78 -23.89 -34.04
C GLN A 458 25.68 -25.17 -34.88
N SER A 459 26.50 -25.26 -35.94
CA SER A 459 26.56 -26.44 -36.81
C SER A 459 27.64 -27.42 -36.36
N HIS A 460 28.86 -26.92 -36.15
CA HIS A 460 29.95 -27.71 -35.57
C HIS A 460 29.72 -27.87 -34.06
N GLU A 461 30.11 -29.03 -33.53
CA GLU A 461 29.79 -29.40 -32.15
C GLU A 461 30.62 -28.61 -31.13
N GLU A 462 31.94 -28.66 -31.24
CA GLU A 462 32.84 -27.93 -30.34
C GLU A 462 33.37 -26.65 -30.98
N GLU A 463 32.46 -25.87 -31.57
CA GLU A 463 32.77 -24.53 -32.10
C GLU A 463 31.55 -23.64 -31.95
N ILE A 464 31.75 -22.42 -31.44
CA ILE A 464 30.70 -21.38 -31.48
C ILE A 464 31.18 -20.18 -32.29
N GLU A 465 30.28 -19.63 -33.10
CA GLU A 465 30.57 -18.62 -34.10
C GLU A 465 29.69 -17.41 -33.83
N PHE A 466 30.29 -16.23 -33.66
CA PHE A 466 29.53 -15.04 -33.22
C PHE A 466 30.14 -13.69 -33.59
N ILE A 467 29.29 -12.68 -33.79
CA ILE A 467 29.73 -11.29 -34.01
C ILE A 467 29.69 -10.52 -32.69
N PHE A 468 30.73 -9.73 -32.45
CA PHE A 468 30.84 -8.88 -31.27
C PHE A 468 31.46 -7.55 -31.70
N ALA A 469 31.38 -6.54 -30.84
CA ALA A 469 32.00 -5.25 -31.09
C ALA A 469 32.95 -4.92 -29.95
N SER A 470 34.00 -4.17 -30.26
CA SER A 470 35.03 -3.84 -29.27
C SER A 470 35.91 -2.67 -29.66
N GLU A 471 36.21 -1.82 -28.67
CA GLU A 471 37.20 -0.76 -28.78
C GLU A 471 38.60 -1.23 -28.38
N CYS A 472 38.70 -2.43 -27.78
CA CYS A 472 39.95 -2.88 -27.14
C CYS A 472 41.15 -3.10 -28.07
N LYS A 473 40.91 -3.38 -29.35
CA LYS A 473 41.99 -3.57 -30.31
C LYS A 473 42.51 -2.21 -30.77
N THR A 474 41.68 -1.48 -31.53
CA THR A 474 42.09 -0.28 -32.26
C THR A 474 41.81 1.06 -31.57
N GLY A 475 41.01 1.06 -30.49
CA GLY A 475 40.57 2.30 -29.83
C GLY A 475 39.36 2.97 -30.47
N PHE A 476 38.68 2.24 -31.35
CA PHE A 476 37.39 2.61 -31.93
C PHE A 476 36.55 1.35 -32.00
N ARG A 477 35.25 1.47 -31.73
CA ARG A 477 34.36 0.31 -31.66
C ARG A 477 34.10 -0.24 -33.06
N HIS A 478 34.52 -1.48 -33.30
CA HIS A 478 34.35 -2.11 -34.61
C HIS A 478 33.84 -3.54 -34.47
N LEU A 479 33.22 -4.04 -35.52
CA LEU A 479 32.60 -5.36 -35.51
C LEU A 479 33.68 -6.39 -35.79
N TYR A 480 33.57 -7.56 -35.16
CA TYR A 480 34.51 -8.67 -35.34
C TYR A 480 33.75 -9.99 -35.35
N LYS A 481 33.90 -10.77 -36.42
CA LYS A 481 33.38 -12.15 -36.47
C LYS A 481 34.39 -13.10 -35.83
N ILE A 482 33.97 -13.71 -34.70
CA ILE A 482 34.85 -14.54 -33.88
C ILE A 482 34.30 -15.97 -33.80
N THR A 483 35.20 -16.95 -33.98
CA THR A 483 34.88 -18.37 -33.76
C THR A 483 35.76 -18.88 -32.62
N SER A 484 35.14 -19.57 -31.66
CA SER A 484 35.85 -20.10 -30.48
C SER A 484 35.63 -21.61 -30.36
N ILE A 485 36.67 -22.31 -29.91
CA ILE A 485 36.63 -23.77 -29.79
C ILE A 485 36.24 -24.13 -28.36
N LEU A 486 35.20 -24.95 -28.23
CA LEU A 486 34.69 -25.39 -26.94
C LEU A 486 35.44 -26.62 -26.47
N LYS A 487 36.62 -26.40 -25.89
CA LYS A 487 37.45 -27.48 -25.36
C LYS A 487 36.96 -27.90 -23.98
N GLU A 488 37.15 -29.18 -23.68
CA GLU A 488 36.93 -29.71 -22.33
C GLU A 488 38.02 -29.10 -21.44
N SER A 489 37.67 -28.72 -20.22
CA SER A 489 38.58 -27.96 -19.35
C SER A 489 39.71 -28.82 -18.78
N LYS A 490 40.88 -28.20 -18.63
CA LYS A 490 42.02 -28.81 -17.96
C LYS A 490 41.70 -29.03 -16.48
N TYR A 491 41.05 -28.04 -15.86
CA TYR A 491 40.58 -28.14 -14.48
C TYR A 491 39.57 -29.28 -14.29
N LYS A 492 39.65 -29.95 -13.15
CA LYS A 492 38.72 -31.03 -12.78
C LYS A 492 38.22 -30.83 -11.34
N ARG A 493 36.91 -31.03 -11.15
CA ARG A 493 36.23 -30.74 -9.89
C ARG A 493 36.39 -31.86 -8.84
N SER A 494 36.59 -33.10 -9.30
CA SER A 494 36.80 -34.26 -8.43
C SER A 494 37.93 -34.06 -7.43
N SER A 495 39.06 -33.55 -7.94
CA SER A 495 40.24 -33.26 -7.12
C SER A 495 39.98 -32.34 -5.93
N GLY A 496 39.09 -31.36 -6.08
CA GLY A 496 38.71 -30.47 -5.00
C GLY A 496 39.72 -29.39 -4.70
N GLY A 497 40.11 -28.66 -5.74
CA GLY A 497 40.90 -27.43 -5.61
C GLY A 497 40.17 -26.31 -6.37
N LEU A 498 40.57 -25.06 -6.11
CA LEU A 498 39.98 -23.91 -6.81
C LEU A 498 40.68 -23.70 -8.16
N PRO A 499 39.93 -23.36 -9.23
CA PRO A 499 40.55 -23.29 -10.55
C PRO A 499 41.48 -22.09 -10.72
N ALA A 500 42.49 -22.25 -11.60
CA ALA A 500 43.43 -21.18 -11.94
C ALA A 500 42.76 -20.14 -12.84
N PRO A 501 43.25 -18.87 -12.81
CA PRO A 501 42.63 -17.77 -13.57
C PRO A 501 42.22 -18.05 -15.02
N SER A 502 42.99 -18.89 -15.74
CA SER A 502 42.76 -19.13 -17.16
C SER A 502 42.40 -20.59 -17.51
N ASP A 503 41.80 -21.32 -16.57
CA ASP A 503 41.39 -22.71 -16.81
C ASP A 503 40.14 -22.84 -17.69
N PHE A 504 39.24 -21.86 -17.63
CA PHE A 504 38.00 -21.89 -18.42
C PHE A 504 38.12 -21.21 -19.78
N LYS A 505 39.26 -20.56 -20.07
CA LYS A 505 39.42 -19.82 -21.33
C LYS A 505 39.43 -20.75 -22.55
N CYS A 506 38.93 -20.24 -23.67
CA CYS A 506 38.81 -21.02 -24.90
C CYS A 506 39.84 -20.58 -25.94
N PRO A 507 40.24 -21.49 -26.84
CA PRO A 507 41.02 -21.08 -28.01
C PRO A 507 40.22 -20.23 -28.98
N ILE A 508 40.78 -19.10 -29.40
CA ILE A 508 40.20 -18.26 -30.44
C ILE A 508 40.73 -18.80 -31.77
N LYS A 509 39.89 -19.55 -32.49
CA LYS A 509 40.29 -20.15 -33.77
C LYS A 509 40.38 -19.14 -34.91
N GLU A 510 39.55 -18.10 -34.86
CA GLU A 510 39.38 -17.17 -35.97
C GLU A 510 38.83 -15.85 -35.41
N GLU A 511 39.43 -14.73 -35.80
CA GLU A 511 38.99 -13.41 -35.35
C GLU A 511 39.16 -12.39 -36.46
N ILE A 512 38.15 -12.29 -37.33
CA ILE A 512 38.19 -11.44 -38.51
C ILE A 512 37.54 -10.08 -38.19
N ALA A 513 38.25 -8.99 -38.46
CA ALA A 513 37.67 -7.65 -38.33
C ALA A 513 36.76 -7.35 -39.52
N ILE A 514 35.50 -7.04 -39.23
CA ILE A 514 34.50 -6.72 -40.26
C ILE A 514 34.63 -5.26 -40.68
N THR A 515 34.92 -4.37 -39.72
CA THR A 515 35.14 -2.95 -39.99
C THR A 515 36.43 -2.45 -39.34
N SER A 516 36.83 -1.23 -39.69
CA SER A 516 38.02 -0.57 -39.12
C SER A 516 38.10 0.90 -39.54
N GLY A 517 38.79 1.72 -38.75
CA GLY A 517 39.01 3.13 -39.08
C GLY A 517 38.98 4.09 -37.91
N GLU A 518 38.99 5.38 -38.23
CA GLU A 518 38.93 6.46 -37.24
C GLU A 518 37.47 6.89 -37.02
N TRP A 519 36.64 5.90 -36.67
CA TRP A 519 35.20 6.09 -36.52
C TRP A 519 34.63 4.84 -35.83
N GLU A 520 33.52 5.00 -35.10
CA GLU A 520 32.97 3.90 -34.28
C GLU A 520 31.66 3.35 -34.80
N VAL A 521 31.44 2.05 -34.54
CA VAL A 521 30.14 1.38 -34.68
C VAL A 521 29.34 1.70 -33.43
N LEU A 522 28.04 1.94 -33.60
CA LEU A 522 27.17 2.34 -32.47
C LEU A 522 26.38 1.15 -31.93
N GLY A 523 26.44 0.98 -30.61
CA GLY A 523 25.80 -0.14 -29.92
C GLY A 523 25.15 0.19 -28.59
N ARG A 524 24.72 1.45 -28.41
CA ARG A 524 24.00 1.88 -27.22
C ARG A 524 22.75 2.66 -27.62
N HIS A 525 21.84 2.80 -26.65
CA HIS A 525 20.65 3.66 -26.78
C HIS A 525 19.74 3.27 -27.94
N GLY A 526 19.66 1.97 -28.22
CA GLY A 526 18.86 1.45 -29.33
C GLY A 526 19.64 1.10 -30.58
N SER A 527 20.85 1.66 -30.75
CA SER A 527 21.72 1.31 -31.87
C SER A 527 22.17 -0.15 -31.73
N ASN A 528 22.04 -0.92 -32.81
CA ASN A 528 22.43 -2.32 -32.81
C ASN A 528 22.71 -2.78 -34.26
N ILE A 529 22.77 -4.09 -34.48
CA ILE A 529 23.06 -4.66 -35.78
C ILE A 529 21.95 -5.64 -36.17
N GLN A 530 21.70 -5.76 -37.46
CA GLN A 530 20.83 -6.80 -38.00
C GLN A 530 21.71 -7.66 -38.89
N VAL A 531 21.72 -8.97 -38.63
CA VAL A 531 22.52 -9.90 -39.41
C VAL A 531 21.62 -10.58 -40.44
N ASP A 532 21.95 -10.41 -41.72
CA ASP A 532 21.31 -11.14 -42.82
C ASP A 532 22.07 -12.45 -42.99
N GLU A 533 21.56 -13.53 -42.40
CA GLU A 533 22.24 -14.83 -42.48
C GLU A 533 22.14 -15.48 -43.86
N VAL A 534 21.14 -15.09 -44.66
CA VAL A 534 21.00 -15.60 -46.03
C VAL A 534 22.11 -15.03 -46.92
N ARG A 535 22.08 -13.72 -47.17
CA ARG A 535 23.09 -13.07 -48.00
C ARG A 535 24.42 -12.78 -47.27
N ARG A 536 24.51 -13.17 -45.99
CA ARG A 536 25.76 -13.09 -45.21
C ARG A 536 26.30 -11.66 -45.13
N LEU A 537 25.40 -10.75 -44.75
CA LEU A 537 25.68 -9.33 -44.55
C LEU A 537 25.38 -8.95 -43.11
N VAL A 538 25.82 -7.76 -42.71
CA VAL A 538 25.49 -7.20 -41.41
C VAL A 538 25.25 -5.70 -41.55
N TYR A 539 24.06 -5.26 -41.15
CA TYR A 539 23.68 -3.86 -41.14
C TYR A 539 24.09 -3.29 -39.78
N PHE A 540 24.50 -2.03 -39.75
CA PHE A 540 24.96 -1.37 -38.51
C PHE A 540 24.97 0.15 -38.65
N GLU A 541 24.91 0.84 -37.51
CA GLU A 541 25.05 2.29 -37.48
C GLU A 541 26.49 2.66 -37.12
N GLY A 542 26.96 3.79 -37.66
CA GLY A 542 28.34 4.24 -37.43
C GLY A 542 28.59 5.71 -37.71
N THR A 543 29.80 6.17 -37.34
CA THR A 543 30.23 7.56 -37.50
C THR A 543 31.25 7.75 -38.64
N LYS A 544 31.19 6.90 -39.67
CA LYS A 544 32.25 6.86 -40.69
C LYS A 544 32.31 8.11 -41.56
N ASP A 545 31.14 8.61 -41.98
CA ASP A 545 31.08 9.85 -42.74
C ASP A 545 31.35 11.07 -41.87
N SER A 546 30.91 11.04 -40.62
CA SER A 546 31.16 12.13 -39.67
C SER A 546 30.88 11.70 -38.22
N PRO A 547 31.56 12.32 -37.24
CA PRO A 547 31.13 12.21 -35.83
C PRO A 547 29.84 13.00 -35.53
N LEU A 548 29.53 14.00 -36.34
CA LEU A 548 28.34 14.82 -36.18
C LEU A 548 27.04 14.20 -36.74
N GLU A 549 27.15 13.04 -37.43
CA GLU A 549 25.98 12.37 -37.99
C GLU A 549 26.07 10.85 -37.82
N HIS A 550 24.94 10.25 -37.43
CA HIS A 550 24.82 8.80 -37.32
C HIS A 550 24.26 8.29 -38.64
N HIS A 551 24.85 7.25 -39.23
CA HIS A 551 24.39 6.70 -40.50
C HIS A 551 24.33 5.18 -40.49
N LEU A 552 23.39 4.63 -41.27
CA LEU A 552 23.23 3.19 -41.43
C LEU A 552 24.16 2.73 -42.55
N TYR A 553 24.91 1.67 -42.28
CA TYR A 553 25.82 1.09 -43.25
C TYR A 553 25.51 -0.39 -43.41
N VAL A 554 26.18 -1.04 -44.34
CA VAL A 554 26.05 -2.49 -44.54
C VAL A 554 27.36 -3.07 -45.11
N VAL A 555 27.65 -4.31 -44.74
CA VAL A 555 28.92 -4.95 -45.12
C VAL A 555 28.80 -6.47 -44.98
N SER A 556 29.58 -7.20 -45.76
CA SER A 556 29.65 -8.66 -45.65
C SER A 556 30.48 -9.03 -44.43
N TYR A 557 30.05 -10.07 -43.71
CA TYR A 557 30.85 -10.62 -42.60
C TYR A 557 31.78 -11.78 -43.03
N VAL A 558 31.59 -12.30 -44.24
CA VAL A 558 32.44 -13.38 -44.78
C VAL A 558 33.68 -12.80 -45.47
N ASN A 559 33.45 -11.95 -46.48
CA ASN A 559 34.52 -11.24 -47.19
C ASN A 559 34.44 -9.75 -46.88
N PRO A 560 34.84 -9.34 -45.65
CA PRO A 560 34.68 -7.94 -45.28
C PRO A 560 35.55 -6.97 -46.08
N GLY A 561 34.91 -6.14 -46.90
CA GLY A 561 35.60 -5.12 -47.68
C GLY A 561 34.86 -3.79 -47.66
N GLU A 562 34.09 -3.53 -48.71
CA GLU A 562 33.42 -2.25 -48.89
C GLU A 562 32.28 -2.07 -47.89
N VAL A 563 32.32 -0.96 -47.17
CA VAL A 563 31.24 -0.54 -46.29
C VAL A 563 30.32 0.41 -47.06
N THR A 564 29.15 -0.09 -47.45
CA THR A 564 28.16 0.70 -48.20
C THR A 564 27.24 1.47 -47.23
N ARG A 565 27.25 2.80 -47.32
CA ARG A 565 26.32 3.65 -46.58
C ARG A 565 24.94 3.58 -47.23
N LEU A 566 23.90 3.51 -46.40
CA LEU A 566 22.51 3.43 -46.87
C LEU A 566 21.64 4.65 -46.56
N THR A 567 22.13 5.61 -45.78
CA THR A 567 21.34 6.78 -45.39
C THR A 567 21.92 8.05 -46.00
N ASP A 568 21.07 9.04 -46.25
CA ASP A 568 21.48 10.27 -46.91
C ASP A 568 22.21 11.22 -45.95
N ARG A 569 23.23 11.90 -46.45
CA ARG A 569 24.01 12.86 -45.66
C ARG A 569 23.27 14.16 -45.39
N GLY A 570 23.80 15.00 -44.50
CA GLY A 570 23.13 16.22 -44.02
C GLY A 570 21.99 15.94 -43.05
N TYR A 571 22.04 14.75 -42.43
CA TYR A 571 21.00 14.24 -41.56
C TYR A 571 21.66 13.25 -40.61
N SER A 572 21.32 13.30 -39.31
CA SER A 572 21.66 12.21 -38.40
C SER A 572 20.49 11.23 -38.38
N HIS A 573 20.79 9.94 -38.44
CA HIS A 573 19.78 8.89 -38.53
C HIS A 573 19.80 7.95 -37.33
N SER A 574 18.62 7.43 -36.99
CA SER A 574 18.46 6.36 -36.02
C SER A 574 17.59 5.29 -36.68
N CYS A 575 18.17 4.13 -36.99
CA CYS A 575 17.56 3.20 -37.94
C CYS A 575 17.15 1.87 -37.33
N CYS A 576 16.07 1.31 -37.85
CA CYS A 576 15.53 0.03 -37.42
C CYS A 576 15.35 -0.82 -38.67
N ILE A 577 16.10 -1.91 -38.77
CA ILE A 577 16.12 -2.75 -39.97
C ILE A 577 15.13 -3.89 -39.77
N SER A 578 14.35 -4.19 -40.81
CA SER A 578 13.44 -5.34 -40.77
C SER A 578 14.18 -6.64 -40.46
N GLN A 579 13.48 -7.57 -39.81
CA GLN A 579 14.00 -8.92 -39.60
C GLN A 579 14.23 -9.68 -40.90
N HIS A 580 13.51 -9.30 -41.96
CA HIS A 580 13.66 -9.92 -43.29
C HIS A 580 14.73 -9.26 -44.17
N CYS A 581 15.29 -8.14 -43.70
CA CYS A 581 16.38 -7.41 -44.37
C CYS A 581 16.05 -6.84 -45.75
N ASP A 582 14.76 -6.69 -46.05
CA ASP A 582 14.30 -6.10 -47.31
C ASP A 582 13.77 -4.68 -47.11
N PHE A 583 13.87 -4.17 -45.88
CA PHE A 583 13.39 -2.84 -45.51
C PHE A 583 14.19 -2.27 -44.35
N PHE A 584 14.16 -0.95 -44.22
CA PHE A 584 14.61 -0.31 -42.99
C PHE A 584 13.91 1.03 -42.80
N ILE A 585 13.69 1.38 -41.54
CA ILE A 585 13.04 2.62 -41.16
C ILE A 585 14.10 3.50 -40.52
N SER A 586 14.03 4.80 -40.77
CA SER A 586 15.00 5.74 -40.24
C SER A 586 14.28 6.92 -39.60
N LYS A 587 14.58 7.18 -38.33
CA LYS A 587 14.20 8.42 -37.67
C LYS A 587 15.37 9.36 -37.83
N TYR A 588 15.16 10.51 -38.47
CA TYR A 588 16.26 11.41 -38.82
C TYR A 588 15.93 12.89 -38.65
N SER A 589 16.99 13.68 -38.49
CA SER A 589 16.86 15.13 -38.35
C SER A 589 18.19 15.81 -38.66
N ASN A 590 18.16 17.13 -38.68
CA ASN A 590 19.37 17.94 -38.71
C ASN A 590 19.12 19.22 -37.92
N GLN A 591 20.16 20.03 -37.79
CA GLN A 591 20.12 21.24 -36.99
C GLN A 591 18.95 22.20 -37.34
N LYS A 592 18.56 22.23 -38.63
CA LYS A 592 17.50 23.13 -39.14
C LYS A 592 16.11 22.50 -39.24
N ASN A 593 16.04 21.16 -39.40
CA ASN A 593 14.79 20.45 -39.67
C ASN A 593 14.42 19.43 -38.57
N PRO A 594 13.20 19.56 -37.98
CA PRO A 594 12.69 18.58 -37.01
C PRO A 594 12.64 17.14 -37.48
N HIS A 595 12.35 16.25 -36.53
CA HIS A 595 12.50 14.81 -36.73
C HIS A 595 11.51 14.29 -37.77
N CYS A 596 11.92 13.25 -38.48
CA CYS A 596 11.07 12.56 -39.46
C CYS A 596 11.29 11.06 -39.36
N VAL A 597 10.27 10.29 -39.74
CA VAL A 597 10.40 8.85 -39.82
C VAL A 597 9.91 8.43 -41.20
N SER A 598 10.77 7.72 -41.95
CA SER A 598 10.47 7.31 -43.32
C SER A 598 10.95 5.89 -43.58
N LEU A 599 10.19 5.16 -44.40
CA LEU A 599 10.47 3.77 -44.74
C LEU A 599 11.26 3.69 -46.04
N TYR A 600 12.19 2.73 -46.11
CA TYR A 600 13.06 2.54 -47.28
C TYR A 600 13.16 1.06 -47.63
N LYS A 601 12.92 0.73 -48.90
CA LYS A 601 13.03 -0.64 -49.40
C LYS A 601 14.46 -0.94 -49.82
N LEU A 602 14.94 -2.12 -49.44
CA LEU A 602 16.26 -2.60 -49.84
C LEU A 602 16.12 -3.60 -50.99
N SER A 603 17.06 -3.53 -51.93
CA SER A 603 17.14 -4.51 -53.02
C SER A 603 18.52 -4.51 -53.65
N SER A 604 18.81 -5.58 -54.39
CA SER A 604 20.10 -5.78 -55.04
C SER A 604 19.89 -6.07 -56.53
N PRO A 605 20.85 -5.65 -57.39
CA PRO A 605 20.85 -6.12 -58.77
C PRO A 605 21.00 -7.65 -58.83
N GLU A 606 20.31 -8.30 -59.76
CA GLU A 606 20.25 -9.77 -59.82
C GLU A 606 21.65 -10.43 -59.88
N ASP A 607 22.55 -9.82 -60.65
CA ASP A 607 23.93 -10.29 -60.81
C ASP A 607 24.82 -10.27 -59.55
N ASP A 608 24.42 -9.53 -58.51
CA ASP A 608 25.25 -9.32 -57.31
C ASP A 608 24.38 -8.97 -56.08
N PRO A 609 24.06 -9.98 -55.22
CA PRO A 609 23.31 -9.71 -53.99
C PRO A 609 24.05 -8.92 -52.89
N THR A 610 25.38 -8.83 -52.98
CA THR A 610 26.18 -8.00 -52.06
C THR A 610 25.92 -6.50 -52.22
N CYS A 611 25.76 -6.06 -53.47
CA CYS A 611 25.52 -4.64 -53.77
C CYS A 611 24.11 -4.24 -53.35
N LYS A 612 24.02 -3.54 -52.22
CA LYS A 612 22.75 -3.15 -51.62
C LYS A 612 22.45 -1.68 -51.92
N THR A 613 21.27 -1.44 -52.51
CA THR A 613 20.76 -0.08 -52.76
C THR A 613 19.44 0.11 -52.04
N LYS A 614 19.08 1.37 -51.83
CA LYS A 614 17.86 1.73 -51.11
C LYS A 614 17.00 2.65 -51.96
N GLU A 615 15.68 2.46 -51.86
CA GLU A 615 14.72 3.35 -52.47
C GLU A 615 13.73 3.82 -51.41
N PHE A 616 13.42 5.11 -51.40
CA PHE A 616 12.33 5.63 -50.58
C PHE A 616 11.05 4.86 -50.90
N TRP A 617 10.29 4.53 -49.86
CA TRP A 617 9.02 3.81 -50.02
C TRP A 617 7.83 4.64 -49.55
N ALA A 618 7.85 5.05 -48.28
CA ALA A 618 6.77 5.86 -47.72
C ALA A 618 7.18 6.63 -46.47
N THR A 619 6.38 7.63 -46.12
CA THR A 619 6.53 8.41 -44.90
C THR A 619 5.68 7.80 -43.79
N ILE A 620 6.27 7.67 -42.60
CA ILE A 620 5.56 7.24 -41.41
C ILE A 620 5.21 8.47 -40.57
N LEU A 621 6.21 9.28 -40.24
CA LEU A 621 6.00 10.55 -39.54
C LEU A 621 6.62 11.68 -40.34
N ASP A 622 5.83 12.73 -40.58
CA ASP A 622 6.23 13.86 -41.41
C ASP A 622 6.68 15.03 -40.53
N SER A 623 7.59 15.84 -41.07
CA SER A 623 8.08 17.02 -40.35
C SER A 623 6.96 18.04 -40.15
N ALA A 624 6.89 18.60 -38.94
CA ALA A 624 6.05 19.77 -38.67
C ALA A 624 6.57 20.98 -39.48
N GLY A 625 7.90 21.06 -39.63
CA GLY A 625 8.57 22.07 -40.45
C GLY A 625 9.36 23.02 -39.59
N PRO A 626 10.44 23.63 -40.14
CA PRO A 626 11.20 24.66 -39.41
C PRO A 626 10.29 25.74 -38.77
N LEU A 627 10.10 25.65 -37.45
CA LEU A 627 9.19 26.53 -36.70
C LEU A 627 9.87 27.90 -36.53
N PRO A 628 9.16 29.02 -36.86
CA PRO A 628 9.85 30.33 -36.93
C PRO A 628 10.22 31.01 -35.60
N ASP A 629 9.88 30.40 -34.46
CA ASP A 629 10.42 30.81 -33.15
C ASP A 629 11.89 30.42 -33.04
N TYR A 630 12.20 29.18 -33.40
CA TYR A 630 13.54 28.60 -33.24
C TYR A 630 14.48 28.96 -34.40
N THR A 631 15.53 29.74 -34.08
CA THR A 631 16.70 29.92 -34.94
C THR A 631 17.76 28.89 -34.52
N PRO A 632 18.17 27.98 -35.44
CA PRO A 632 19.23 27.03 -35.08
C PRO A 632 20.59 27.68 -34.80
N PRO A 633 21.50 26.93 -34.15
CA PRO A 633 22.89 27.35 -33.97
C PRO A 633 23.78 26.89 -35.12
N GLU A 634 24.95 27.51 -35.25
CA GLU A 634 25.93 27.14 -36.27
C GLU A 634 26.93 26.19 -35.65
N ILE A 635 27.08 25.00 -36.24
CA ILE A 635 28.10 24.07 -35.79
C ILE A 635 29.47 24.59 -36.24
N PHE A 636 30.29 25.01 -35.28
CA PHE A 636 31.69 25.37 -35.53
C PHE A 636 32.64 24.25 -35.10
N SER A 637 33.94 24.47 -35.31
CA SER A 637 34.97 23.55 -34.83
C SER A 637 36.31 24.26 -34.80
N PHE A 638 37.27 23.69 -34.08
CA PHE A 638 38.60 24.28 -33.95
C PHE A 638 39.68 23.26 -33.62
N GLU A 639 40.90 23.54 -34.06
CA GLU A 639 42.05 22.68 -33.79
C GLU A 639 42.64 23.08 -32.43
N SER A 640 42.45 22.21 -31.45
CA SER A 640 42.92 22.43 -30.08
C SER A 640 44.41 22.13 -29.98
N THR A 641 45.10 22.82 -29.07
CA THR A 641 46.50 22.52 -28.74
C THR A 641 46.70 21.09 -28.19
N THR A 642 45.60 20.47 -27.75
CA THR A 642 45.58 19.08 -27.34
C THR A 642 45.77 18.10 -28.50
N GLY A 643 45.60 18.57 -29.73
CA GLY A 643 45.79 17.75 -30.93
C GLY A 643 44.53 17.03 -31.38
N PHE A 644 43.37 17.62 -31.07
CA PHE A 644 42.07 17.09 -31.48
C PHE A 644 41.26 18.23 -32.10
N THR A 645 40.44 17.90 -33.11
CA THR A 645 39.39 18.81 -33.56
C THR A 645 38.29 18.80 -32.52
N LEU A 646 37.91 19.97 -32.03
CA LEU A 646 36.84 20.07 -31.03
C LEU A 646 35.65 20.81 -31.63
N TYR A 647 34.53 20.09 -31.78
CA TYR A 647 33.33 20.65 -32.38
C TYR A 647 32.51 21.41 -31.34
N GLY A 648 31.71 22.36 -31.80
CA GLY A 648 30.87 23.19 -30.92
C GLY A 648 29.64 23.73 -31.63
N MET A 649 28.73 24.33 -30.86
CA MET A 649 27.55 25.01 -31.39
C MET A 649 27.57 26.45 -30.93
N LEU A 650 27.14 27.37 -31.79
CA LEU A 650 27.08 28.80 -31.47
C LEU A 650 25.69 29.33 -31.78
N TYR A 651 25.00 29.84 -30.76
CA TYR A 651 23.78 30.61 -30.96
C TYR A 651 24.18 32.08 -30.91
N LYS A 652 24.17 32.74 -32.07
CA LYS A 652 24.35 34.19 -32.13
C LYS A 652 23.12 34.88 -31.54
N PRO A 653 23.28 36.08 -30.96
CA PRO A 653 22.10 36.85 -30.53
C PRO A 653 21.21 37.26 -31.71
N HIS A 654 19.90 37.19 -31.53
CA HIS A 654 18.96 37.65 -32.55
C HIS A 654 19.02 39.18 -32.63
N ASP A 655 18.90 39.72 -33.84
CA ASP A 655 19.10 41.15 -34.11
C ASP A 655 20.47 41.60 -33.60
N LEU A 656 21.51 41.00 -34.17
CA LEU A 656 22.88 41.27 -33.76
C LEU A 656 23.26 42.67 -34.22
N GLN A 657 23.53 43.56 -33.27
CA GLN A 657 23.85 44.96 -33.57
C GLN A 657 25.31 45.07 -34.03
N PRO A 658 25.61 46.03 -34.92
CA PRO A 658 26.99 46.26 -35.33
C PRO A 658 27.74 47.06 -34.27
N GLY A 659 29.03 46.76 -34.12
CA GLY A 659 29.89 47.44 -33.14
C GLY A 659 29.44 47.32 -31.70
N LYS A 660 28.84 46.19 -31.34
CA LYS A 660 28.39 45.93 -29.98
C LYS A 660 28.78 44.52 -29.55
N LYS A 661 29.00 44.37 -28.24
CA LYS A 661 29.39 43.08 -27.65
C LYS A 661 28.38 42.62 -26.59
N TYR A 662 28.10 41.32 -26.60
CA TYR A 662 26.99 40.73 -25.86
C TYR A 662 27.44 39.80 -24.74
N PRO A 663 26.62 39.65 -23.68
CA PRO A 663 26.95 38.74 -22.59
C PRO A 663 26.78 37.27 -23.03
N THR A 664 27.81 36.48 -22.82
CA THR A 664 27.86 35.09 -23.27
C THR A 664 27.46 34.12 -22.15
N VAL A 665 26.74 33.05 -22.53
CA VAL A 665 26.34 31.99 -21.62
C VAL A 665 26.80 30.67 -22.21
N LEU A 666 27.74 30.02 -21.52
CA LEU A 666 28.24 28.71 -21.92
C LEU A 666 27.40 27.61 -21.27
N PHE A 667 26.60 26.90 -22.07
CA PHE A 667 25.91 25.71 -21.60
C PHE A 667 26.86 24.52 -21.72
N ILE A 668 26.92 23.70 -20.67
CA ILE A 668 27.89 22.59 -20.61
C ILE A 668 27.29 21.33 -20.02
N TYR A 669 27.70 20.19 -20.56
CA TYR A 669 27.64 18.91 -19.86
C TYR A 669 29.07 18.38 -19.69
N GLY A 670 29.74 18.06 -20.80
CA GLY A 670 31.17 17.78 -20.79
C GLY A 670 31.65 16.56 -20.04
N GLY A 671 30.76 15.59 -19.84
CA GLY A 671 31.10 14.35 -19.14
C GLY A 671 31.05 13.19 -20.11
N PRO A 672 31.45 11.98 -19.67
CA PRO A 672 31.46 10.81 -20.55
C PRO A 672 30.08 10.30 -20.92
N GLN A 673 30.04 9.47 -21.96
CA GLN A 673 28.82 8.84 -22.50
C GLN A 673 27.80 9.79 -23.15
N VAL A 674 28.19 11.04 -23.41
CA VAL A 674 27.29 12.06 -23.97
C VAL A 674 28.02 12.97 -24.97
N GLN A 675 27.36 13.24 -26.11
CA GLN A 675 27.77 14.24 -27.10
C GLN A 675 26.64 15.24 -27.30
N LEU A 676 26.85 16.50 -26.91
CA LEU A 676 25.85 17.56 -27.13
C LEU A 676 25.87 18.16 -28.54
N VAL A 677 27.05 18.18 -29.17
CA VAL A 677 27.24 18.84 -30.47
C VAL A 677 27.19 17.78 -31.57
N ASN A 678 26.15 17.86 -32.39
CA ASN A 678 26.00 17.03 -33.58
C ASN A 678 24.94 17.63 -34.50
N ASN A 679 24.71 17.01 -35.66
CA ASN A 679 23.74 17.50 -36.62
C ASN A 679 22.38 16.81 -36.41
N ARG A 680 21.75 17.14 -35.28
CA ARG A 680 20.37 16.76 -34.96
C ARG A 680 19.59 18.01 -34.63
N PHE A 681 18.26 17.88 -34.66
CA PHE A 681 17.40 18.99 -34.27
C PHE A 681 17.49 19.17 -32.75
N LYS A 682 17.78 20.40 -32.34
CA LYS A 682 17.89 20.76 -30.92
C LYS A 682 16.81 21.77 -30.52
N GLY A 683 15.82 22.00 -31.37
CA GLY A 683 14.74 22.93 -31.07
C GLY A 683 13.72 22.46 -30.05
N VAL A 684 13.70 21.16 -29.74
CA VAL A 684 12.82 20.62 -28.69
C VAL A 684 13.53 20.59 -27.34
N LYS A 685 14.51 19.71 -27.19
CA LYS A 685 15.22 19.52 -25.91
C LYS A 685 15.93 20.79 -25.46
N TYR A 686 16.64 21.45 -26.37
CA TYR A 686 17.45 22.63 -26.07
C TYR A 686 16.80 23.91 -26.66
N PHE A 687 15.49 24.03 -26.48
CA PHE A 687 14.72 25.16 -27.00
C PHE A 687 15.12 26.48 -26.34
N ARG A 688 15.37 26.46 -25.04
CA ARG A 688 15.64 27.69 -24.29
C ARG A 688 17.03 28.29 -24.51
N LEU A 689 17.92 27.59 -25.21
CA LEU A 689 19.18 28.16 -25.66
C LEU A 689 18.87 29.23 -26.74
N ASN A 690 17.85 28.94 -27.55
CA ASN A 690 17.27 29.90 -28.49
C ASN A 690 16.58 31.08 -27.78
N THR A 691 15.80 30.80 -26.74
CA THR A 691 15.19 31.84 -25.90
C THR A 691 16.24 32.78 -25.28
N LEU A 692 17.40 32.22 -24.90
CA LEU A 692 18.52 33.04 -24.41
C LEU A 692 19.05 33.96 -25.52
N ALA A 693 19.21 33.41 -26.71
CA ALA A 693 19.65 34.20 -27.87
C ALA A 693 18.69 35.34 -28.21
N SER A 694 17.38 35.12 -28.07
CA SER A 694 16.38 36.15 -28.36
C SER A 694 16.46 37.33 -27.39
N LEU A 695 16.80 37.07 -26.14
CA LEU A 695 16.98 38.12 -25.14
C LEU A 695 18.30 38.89 -25.29
N GLY A 696 19.21 38.38 -26.12
CA GLY A 696 20.47 39.03 -26.39
C GLY A 696 21.59 38.43 -25.58
N TYR A 697 21.73 37.11 -25.65
CA TYR A 697 22.86 36.39 -25.06
C TYR A 697 23.49 35.55 -26.16
N VAL A 698 24.82 35.57 -26.21
CA VAL A 698 25.57 34.60 -27.01
C VAL A 698 25.45 33.29 -26.23
N VAL A 699 25.33 32.17 -26.93
CA VAL A 699 25.27 30.87 -26.29
C VAL A 699 26.24 29.92 -26.99
N VAL A 700 27.21 29.40 -26.22
CA VAL A 700 28.19 28.44 -26.74
C VAL A 700 28.00 27.05 -26.11
N VAL A 701 28.28 26.00 -26.89
CA VAL A 701 28.32 24.62 -26.38
C VAL A 701 29.54 23.94 -26.99
N ILE A 702 30.34 23.28 -26.16
CA ILE A 702 31.57 22.65 -26.62
C ILE A 702 31.65 21.23 -26.07
N ASP A 703 31.85 20.26 -26.96
CA ASP A 703 32.16 18.89 -26.56
C ASP A 703 33.66 18.78 -26.36
N ASN A 704 34.07 18.90 -25.10
CA ASN A 704 35.47 18.73 -24.72
C ASN A 704 35.93 17.27 -24.75
N ARG A 705 37.24 17.07 -24.59
CA ARG A 705 37.84 15.75 -24.41
C ARG A 705 37.09 15.00 -23.31
N GLY A 706 36.91 13.69 -23.50
CA GLY A 706 36.09 12.87 -22.61
C GLY A 706 34.72 12.50 -23.16
N SER A 707 34.17 13.35 -24.04
CA SER A 707 32.83 13.15 -24.59
C SER A 707 32.73 11.97 -25.59
N CYS A 708 31.50 11.65 -25.96
CA CYS A 708 31.15 10.45 -26.72
C CYS A 708 31.51 10.59 -28.20
N HIS A 709 31.50 9.46 -28.91
CA HIS A 709 31.55 9.39 -30.39
C HIS A 709 32.85 9.84 -31.09
N ARG A 710 33.98 9.73 -30.38
CA ARG A 710 35.28 10.10 -30.95
C ARG A 710 36.40 9.06 -30.71
N GLY A 711 36.04 7.86 -30.27
CA GLY A 711 37.01 6.82 -29.95
C GLY A 711 37.45 6.80 -28.50
N LEU A 712 37.96 5.65 -28.08
CA LEU A 712 38.30 5.39 -26.68
C LEU A 712 39.45 6.27 -26.15
N LYS A 713 40.40 6.62 -27.02
CA LYS A 713 41.50 7.52 -26.62
C LYS A 713 41.00 8.94 -26.29
N PHE A 714 40.16 9.49 -27.16
CA PHE A 714 39.51 10.80 -26.91
C PHE A 714 38.73 10.81 -25.59
N GLU A 715 38.01 9.70 -25.35
CA GLU A 715 37.20 9.54 -24.14
C GLU A 715 38.11 9.39 -22.92
N GLY A 716 39.16 8.57 -23.06
CA GLY A 716 40.11 8.28 -21.98
C GLY A 716 40.91 9.46 -21.43
N ALA A 717 40.95 10.57 -22.17
CA ALA A 717 41.68 11.79 -21.78
C ALA A 717 41.64 12.13 -20.30
N PHE A 718 40.49 11.98 -19.65
CA PHE A 718 40.35 12.32 -18.22
C PHE A 718 40.35 11.15 -17.22
N LYS A 719 40.86 9.97 -17.61
CA LYS A 719 40.94 8.86 -16.66
C LYS A 719 41.82 9.26 -15.48
N TYR A 720 41.31 9.02 -14.27
CA TYR A 720 41.95 9.42 -13.01
C TYR A 720 42.03 10.95 -12.77
N LYS A 721 41.55 11.77 -13.72
CA LYS A 721 41.78 13.21 -13.71
C LYS A 721 40.50 14.01 -13.98
N MET A 722 39.34 13.51 -13.55
CA MET A 722 38.08 14.22 -13.77
C MET A 722 38.10 15.60 -13.11
N GLY A 723 37.54 16.58 -13.81
CA GLY A 723 37.52 17.98 -13.38
C GLY A 723 38.76 18.81 -13.65
N GLN A 724 39.78 18.24 -14.29
CA GLN A 724 41.04 18.95 -14.51
C GLN A 724 41.18 19.46 -15.95
N ILE A 725 40.95 18.58 -16.92
CA ILE A 725 41.14 18.92 -18.34
C ILE A 725 39.97 19.62 -19.04
N GLU A 726 38.75 19.47 -18.51
CA GLU A 726 37.53 19.80 -19.27
C GLU A 726 37.41 21.29 -19.57
N ILE A 727 37.67 22.12 -18.56
CA ILE A 727 37.50 23.57 -18.68
C ILE A 727 38.57 24.20 -19.58
N ASP A 728 39.77 23.61 -19.65
CA ASP A 728 40.80 24.04 -20.61
C ASP A 728 40.24 24.06 -22.04
N ASP A 729 39.56 22.99 -22.43
CA ASP A 729 38.90 22.91 -23.73
C ASP A 729 37.73 23.89 -23.88
N GLN A 730 36.98 24.09 -22.80
CA GLN A 730 35.85 25.02 -22.81
C GLN A 730 36.30 26.48 -22.96
N VAL A 731 37.41 26.82 -22.31
CA VAL A 731 37.97 28.17 -22.39
C VAL A 731 38.66 28.40 -23.74
N GLU A 732 39.41 27.39 -24.20
CA GLU A 732 40.07 27.42 -25.51
C GLU A 732 39.06 27.70 -26.62
N GLY A 733 37.99 26.91 -26.64
CA GLY A 733 36.89 27.09 -27.59
C GLY A 733 36.21 28.43 -27.44
N LEU A 734 36.03 28.88 -26.20
CA LEU A 734 35.45 30.20 -25.96
C LEU A 734 36.33 31.30 -26.57
N GLN A 735 37.65 31.17 -26.41
CA GLN A 735 38.60 32.13 -26.96
C GLN A 735 38.81 32.01 -28.48
N TYR A 736 38.65 30.81 -29.03
CA TYR A 736 38.58 30.63 -30.50
C TYR A 736 37.46 31.47 -31.10
N LEU A 737 36.27 31.39 -30.51
CA LEU A 737 35.13 32.21 -30.94
C LEU A 737 35.34 33.70 -30.63
N ALA A 738 35.92 34.00 -29.47
CA ALA A 738 36.07 35.38 -29.01
C ALA A 738 37.04 36.21 -29.84
N SER A 739 38.12 35.60 -30.32
CA SER A 739 39.05 36.28 -31.24
C SER A 739 38.44 36.42 -32.65
N ARG A 740 37.74 35.37 -33.09
CA ARG A 740 37.12 35.32 -34.42
C ARG A 740 35.77 36.08 -34.52
N TYR A 741 35.15 36.41 -33.40
CA TYR A 741 33.91 37.21 -33.37
C TYR A 741 34.01 38.27 -32.28
N ASP A 742 33.91 39.54 -32.68
CA ASP A 742 34.03 40.66 -31.72
C ASP A 742 32.76 40.95 -30.90
N PHE A 743 31.65 40.29 -31.21
CA PHE A 743 30.42 40.43 -30.41
C PHE A 743 30.39 39.62 -29.09
N ILE A 744 31.40 38.78 -28.85
CA ILE A 744 31.50 37.97 -27.63
C ILE A 744 32.24 38.77 -26.55
N ASP A 745 31.48 39.27 -25.57
CA ASP A 745 32.03 40.03 -24.44
C ASP A 745 32.62 39.06 -23.39
N LEU A 746 33.93 38.88 -23.40
CA LEU A 746 34.61 38.02 -22.41
C LEU A 746 34.61 38.55 -20.96
N ASP A 747 34.30 39.84 -20.78
CA ASP A 747 34.11 40.41 -19.43
C ASP A 747 32.79 39.98 -18.76
N ARG A 748 31.85 39.43 -19.54
CA ARG A 748 30.57 38.96 -19.01
C ARG A 748 30.21 37.59 -19.60
N VAL A 749 30.83 36.55 -19.03
CA VAL A 749 30.59 35.16 -19.45
C VAL A 749 30.03 34.35 -18.30
N GLY A 750 28.84 33.77 -18.51
CA GLY A 750 28.23 32.83 -17.55
C GLY A 750 28.41 31.39 -17.98
N ILE A 751 28.31 30.47 -17.03
CA ILE A 751 28.35 29.02 -17.31
C ILE A 751 27.18 28.33 -16.59
N HIS A 752 26.63 27.28 -17.22
CA HIS A 752 25.48 26.56 -16.65
C HIS A 752 25.36 25.14 -17.19
N GLY A 753 25.03 24.21 -16.30
CA GLY A 753 24.85 22.81 -16.65
C GLY A 753 24.15 22.05 -15.54
N TRP A 754 23.74 20.83 -15.86
CA TRP A 754 23.15 19.91 -14.89
C TRP A 754 23.97 18.65 -14.79
N SER A 755 24.06 18.11 -13.58
CA SER A 755 24.75 16.86 -13.29
C SER A 755 26.27 17.04 -13.48
N TYR A 756 26.88 16.48 -14.53
CA TYR A 756 28.31 16.68 -14.78
C TYR A 756 28.53 18.13 -15.21
N GLY A 757 27.54 18.69 -15.91
CA GLY A 757 27.53 20.11 -16.26
C GLY A 757 27.49 21.04 -15.07
N GLY A 758 26.81 20.63 -14.01
CA GLY A 758 26.79 21.40 -12.76
C GLY A 758 28.13 21.31 -12.07
N TYR A 759 28.66 20.09 -12.01
CA TYR A 759 30.02 19.81 -11.55
C TYR A 759 31.05 20.69 -12.25
N LEU A 760 31.04 20.67 -13.57
CA LEU A 760 31.95 21.49 -14.36
C LEU A 760 31.68 22.98 -14.19
N SER A 761 30.41 23.39 -14.03
CA SER A 761 30.08 24.80 -13.77
C SER A 761 30.77 25.30 -12.50
N LEU A 762 30.79 24.46 -11.48
CA LEU A 762 31.46 24.79 -10.23
C LEU A 762 32.96 24.84 -10.45
N MET A 763 33.51 23.76 -11.02
CA MET A 763 34.95 23.69 -11.36
C MET A 763 35.44 24.84 -12.21
N ALA A 764 34.61 25.30 -13.16
CA ALA A 764 34.94 26.42 -14.04
C ALA A 764 35.11 27.72 -13.26
N LEU A 765 34.14 28.04 -12.42
CA LEU A 765 34.21 29.21 -11.53
C LEU A 765 35.35 29.09 -10.51
N MET A 766 35.56 27.86 -10.03
CA MET A 766 36.56 27.57 -9.01
C MET A 766 37.97 27.75 -9.57
N GLN A 767 38.21 27.20 -10.75
CA GLN A 767 39.49 27.27 -11.45
C GLN A 767 39.73 28.58 -12.20
N ARG A 768 38.71 29.09 -12.89
CA ARG A 768 38.85 30.23 -13.80
C ARG A 768 37.92 31.39 -13.44
N SER A 769 38.18 32.01 -12.29
CA SER A 769 37.49 33.25 -11.88
C SER A 769 37.65 34.33 -12.95
N ASP A 770 38.86 34.40 -13.52
CA ASP A 770 39.19 35.32 -14.62
C ASP A 770 38.24 35.25 -15.82
N ILE A 771 37.89 34.05 -16.25
CA ILE A 771 37.07 33.87 -17.45
C ILE A 771 35.56 33.96 -17.15
N PHE A 772 35.13 33.31 -16.07
CA PHE A 772 33.70 33.13 -15.78
C PHE A 772 33.19 34.04 -14.67
N ARG A 773 32.21 34.89 -15.00
CA ARG A 773 31.60 35.80 -14.02
C ARG A 773 30.65 35.08 -13.09
N VAL A 774 29.72 34.30 -13.66
CA VAL A 774 28.75 33.53 -12.87
C VAL A 774 28.78 32.07 -13.27
N ALA A 775 28.37 31.21 -12.33
CA ALA A 775 28.18 29.79 -12.58
C ALA A 775 26.87 29.35 -11.93
N ILE A 776 26.03 28.66 -12.69
CA ILE A 776 24.78 28.12 -12.17
C ILE A 776 24.89 26.60 -12.25
N ALA A 777 25.16 25.97 -11.11
CA ALA A 777 25.34 24.53 -11.06
C ALA A 777 24.04 23.87 -10.68
N GLY A 778 23.64 22.86 -11.47
CA GLY A 778 22.40 22.13 -11.28
C GLY A 778 22.67 20.69 -10.93
N ALA A 779 22.12 20.22 -9.82
CA ALA A 779 22.36 18.87 -9.32
C ALA A 779 23.84 18.44 -9.46
N PRO A 780 24.77 19.27 -8.93
CA PRO A 780 26.18 18.99 -9.17
C PRO A 780 26.70 17.82 -8.34
N VAL A 781 27.59 17.03 -8.94
CA VAL A 781 28.44 16.12 -8.18
C VAL A 781 29.55 16.98 -7.57
N THR A 782 29.58 17.07 -6.24
CA THR A 782 30.60 17.84 -5.50
C THR A 782 31.60 16.98 -4.72
N LEU A 783 31.47 15.66 -4.78
CA LEU A 783 32.28 14.78 -3.96
C LEU A 783 32.16 13.37 -4.54
N TRP A 784 33.20 12.90 -5.22
CA TRP A 784 33.10 11.64 -5.97
C TRP A 784 32.93 10.39 -5.10
N ILE A 785 33.33 10.47 -3.83
CA ILE A 785 33.08 9.36 -2.88
C ILE A 785 31.58 9.14 -2.57
N PHE A 786 30.76 10.18 -2.76
CA PHE A 786 29.29 10.10 -2.64
C PHE A 786 28.55 9.57 -3.88
N TYR A 787 29.26 9.39 -5.00
CA TYR A 787 28.66 8.82 -6.21
C TYR A 787 28.86 7.30 -6.24
N ASP A 788 28.05 6.62 -7.05
CA ASP A 788 28.05 5.15 -7.11
C ASP A 788 29.30 4.49 -7.69
N THR A 789 29.43 3.20 -7.41
CA THR A 789 30.57 2.38 -7.82
C THR A 789 30.75 2.31 -9.33
N GLY A 790 29.70 1.87 -10.02
CA GLY A 790 29.77 1.56 -11.46
C GLY A 790 30.32 2.67 -12.33
N TYR A 791 29.89 3.89 -12.04
CA TYR A 791 30.36 5.07 -12.76
C TYR A 791 31.75 5.52 -12.27
N THR A 792 31.85 5.84 -10.98
CA THR A 792 33.04 6.51 -10.44
C THR A 792 34.33 5.69 -10.60
N GLU A 793 34.25 4.40 -10.29
CA GLU A 793 35.40 3.50 -10.39
C GLU A 793 35.85 3.23 -11.84
N ARG A 794 34.92 3.35 -12.78
CA ARG A 794 35.23 3.18 -14.21
C ARG A 794 36.20 4.26 -14.72
N TYR A 795 35.94 5.50 -14.32
CA TYR A 795 36.72 6.65 -14.77
C TYR A 795 37.83 7.07 -13.79
N MET A 796 37.67 6.80 -12.49
CA MET A 796 38.64 7.22 -11.47
C MET A 796 39.37 6.09 -10.72
N GLY A 797 39.02 4.83 -10.98
CA GLY A 797 39.53 3.71 -10.18
C GLY A 797 39.11 3.80 -8.72
N HIS A 798 39.64 2.91 -7.89
CA HIS A 798 39.32 2.87 -6.45
C HIS A 798 39.94 4.10 -5.78
N PRO A 799 39.25 4.72 -4.80
CA PRO A 799 39.84 5.91 -4.12
C PRO A 799 41.18 5.68 -3.42
N ASP A 800 41.38 4.48 -2.86
CA ASP A 800 42.68 4.04 -2.29
C ASP A 800 43.87 4.23 -3.24
N GLN A 801 43.67 3.90 -4.52
CA GLN A 801 44.70 4.01 -5.57
C GLN A 801 44.87 5.41 -6.18
N ASN A 802 44.02 6.37 -5.84
CA ASN A 802 44.01 7.66 -6.55
C ASN A 802 43.53 8.81 -5.65
N GLU A 803 44.22 9.00 -4.54
CA GLU A 803 43.87 10.04 -3.57
C GLU A 803 43.90 11.46 -4.16
N GLN A 804 44.88 11.75 -5.03
CA GLN A 804 44.98 13.08 -5.67
C GLN A 804 43.85 13.33 -6.66
N GLY A 805 43.52 12.31 -7.45
CA GLY A 805 42.44 12.40 -8.42
C GLY A 805 41.10 12.73 -7.79
N TYR A 806 40.75 12.00 -6.72
CA TYR A 806 39.52 12.25 -5.98
C TYR A 806 39.52 13.62 -5.29
N TYR A 807 40.63 14.01 -4.67
CA TYR A 807 40.75 15.33 -4.04
C TYR A 807 40.64 16.45 -5.07
N LEU A 808 41.40 16.35 -6.15
CA LEU A 808 41.41 17.38 -7.18
C LEU A 808 40.12 17.41 -7.99
N GLY A 809 39.41 16.28 -8.05
CA GLY A 809 38.12 16.20 -8.75
C GLY A 809 36.88 16.47 -7.92
N SER A 810 37.03 16.82 -6.64
CA SER A 810 35.89 17.04 -5.72
C SER A 810 35.80 18.50 -5.28
N VAL A 811 34.84 19.24 -5.81
CA VAL A 811 34.72 20.67 -5.49
C VAL A 811 34.44 20.97 -4.00
N ALA A 812 33.85 20.01 -3.28
CA ALA A 812 33.57 20.17 -1.84
C ALA A 812 34.85 20.25 -1.01
N MET A 813 35.85 19.45 -1.39
CA MET A 813 37.16 19.49 -0.72
C MET A 813 37.98 20.74 -1.05
N GLN A 814 37.61 21.50 -2.08
CA GLN A 814 38.33 22.71 -2.51
C GLN A 814 37.49 23.98 -2.38
N ALA A 815 36.60 24.03 -1.38
CA ALA A 815 35.66 25.16 -1.24
C ALA A 815 36.33 26.52 -1.01
N GLU A 816 37.57 26.50 -0.52
CA GLU A 816 38.37 27.72 -0.35
C GLU A 816 38.69 28.47 -1.66
N LYS A 817 38.69 27.75 -2.77
CA LYS A 817 39.04 28.33 -4.08
C LYS A 817 37.89 29.08 -4.77
N PHE A 818 36.68 29.06 -4.22
CA PHE A 818 35.55 29.80 -4.81
C PHE A 818 35.75 31.31 -4.62
N PRO A 819 35.03 32.14 -5.40
CA PRO A 819 35.13 33.58 -5.19
C PRO A 819 34.57 34.03 -3.85
N SER A 820 35.16 35.08 -3.29
CA SER A 820 34.59 35.79 -2.16
C SER A 820 33.80 37.03 -2.61
N GLU A 821 33.23 36.97 -3.82
CA GLU A 821 32.23 37.92 -4.27
C GLU A 821 30.90 37.17 -4.36
N PRO A 822 29.82 37.77 -3.84
CA PRO A 822 28.50 37.16 -3.99
C PRO A 822 27.92 37.38 -5.40
N ASN A 823 26.75 36.83 -5.65
CA ASN A 823 26.06 36.93 -6.95
C ASN A 823 26.88 36.37 -8.13
N ARG A 824 27.73 35.39 -7.85
CA ARG A 824 28.49 34.64 -8.86
C ARG A 824 28.26 33.13 -8.82
N LEU A 825 27.55 32.63 -7.79
CA LEU A 825 27.38 31.20 -7.59
C LEU A 825 25.92 30.91 -7.30
N LEU A 826 25.32 30.05 -8.12
CA LEU A 826 23.94 29.61 -7.92
C LEU A 826 23.90 28.08 -7.93
N LEU A 827 23.37 27.51 -6.85
CA LEU A 827 23.19 26.07 -6.74
C LEU A 827 21.71 25.75 -6.89
N LEU A 828 21.40 24.81 -7.79
CA LEU A 828 20.04 24.32 -8.01
C LEU A 828 20.05 22.83 -7.75
N HIS A 829 19.19 22.33 -6.87
CA HIS A 829 19.13 20.89 -6.62
C HIS A 829 17.73 20.43 -6.23
N GLY A 830 17.30 19.30 -6.83
CA GLY A 830 16.13 18.58 -6.38
C GLY A 830 16.37 17.90 -5.04
N PHE A 831 15.49 18.17 -4.07
CA PHE A 831 15.64 17.67 -2.70
C PHE A 831 15.63 16.13 -2.59
N LEU A 832 14.85 15.48 -3.48
CA LEU A 832 14.70 14.02 -3.48
C LEU A 832 15.45 13.31 -4.61
N ASP A 833 16.44 13.98 -5.21
CA ASP A 833 17.24 13.39 -6.30
C ASP A 833 17.88 12.11 -5.78
N GLU A 834 17.67 11.01 -6.50
CA GLU A 834 18.21 9.71 -6.10
C GLU A 834 19.37 9.19 -6.97
N ASN A 835 19.84 10.00 -7.91
CA ASN A 835 21.05 9.71 -8.67
C ASN A 835 22.23 10.56 -8.17
N VAL A 836 22.02 11.87 -8.14
CA VAL A 836 22.96 12.83 -7.55
C VAL A 836 22.31 13.41 -6.29
N HIS A 837 22.58 12.81 -5.14
CA HIS A 837 21.82 13.13 -3.92
C HIS A 837 22.04 14.56 -3.47
N PHE A 838 21.04 15.10 -2.77
CA PHE A 838 21.14 16.45 -2.23
C PHE A 838 22.35 16.61 -1.31
N ALA A 839 22.75 15.50 -0.68
CA ALA A 839 24.02 15.38 0.05
C ALA A 839 25.21 16.09 -0.60
N HIS A 840 25.36 15.96 -1.92
CA HIS A 840 26.44 16.66 -2.64
C HIS A 840 26.34 18.18 -2.43
N THR A 841 25.13 18.71 -2.56
CA THR A 841 24.92 20.14 -2.37
C THR A 841 25.07 20.54 -0.91
N SER A 842 24.51 19.75 0.00
CA SER A 842 24.55 20.11 1.43
C SER A 842 25.98 20.07 1.97
N ILE A 843 26.79 19.10 1.55
CA ILE A 843 28.18 19.01 1.99
C ILE A 843 29.06 20.10 1.39
N LEU A 844 28.75 20.51 0.15
CA LEU A 844 29.38 21.69 -0.45
C LEU A 844 29.06 22.95 0.36
N LEU A 845 27.80 23.09 0.76
CA LEU A 845 27.39 24.21 1.59
C LEU A 845 28.08 24.21 2.95
N SER A 846 28.33 23.02 3.51
CA SER A 846 29.12 22.91 4.75
C SER A 846 30.47 23.59 4.60
N PHE A 847 31.23 23.18 3.59
CA PHE A 847 32.60 23.66 3.39
C PHE A 847 32.69 25.10 2.91
N LEU A 848 31.69 25.56 2.13
CA LEU A 848 31.59 26.97 1.74
C LEU A 848 31.35 27.88 2.96
N VAL A 849 30.53 27.41 3.89
CA VAL A 849 30.26 28.12 5.14
C VAL A 849 31.53 28.19 5.99
N ARG A 850 32.20 27.04 6.16
CA ARG A 850 33.54 26.98 6.78
C ARG A 850 34.53 27.95 6.14
N ALA A 851 34.57 27.99 4.82
CA ALA A 851 35.47 28.88 4.08
C ALA A 851 35.00 30.34 4.00
N GLY A 852 33.86 30.68 4.61
CA GLY A 852 33.33 32.04 4.59
C GLY A 852 32.87 32.55 3.22
N LYS A 853 32.57 31.64 2.30
CA LYS A 853 32.24 31.99 0.91
C LYS A 853 30.73 32.16 0.74
N PRO A 854 30.30 33.12 -0.12
CA PRO A 854 28.89 33.33 -0.40
C PRO A 854 28.33 32.37 -1.46
N TYR A 855 27.02 32.13 -1.41
CA TYR A 855 26.31 31.33 -2.41
C TYR A 855 24.85 31.76 -2.49
N ASP A 856 24.20 31.38 -3.59
CA ASP A 856 22.74 31.45 -3.71
C ASP A 856 22.24 30.03 -3.94
N LEU A 857 21.03 29.73 -3.46
CA LEU A 857 20.51 28.36 -3.48
C LEU A 857 19.01 28.32 -3.83
N GLN A 858 18.63 27.33 -4.62
CA GLN A 858 17.24 27.07 -4.97
C GLN A 858 16.97 25.57 -4.88
N ILE A 859 15.86 25.21 -4.23
CA ILE A 859 15.49 23.83 -4.00
C ILE A 859 14.14 23.54 -4.64
N TYR A 860 14.00 22.31 -5.15
CA TYR A 860 12.82 21.87 -5.89
C TYR A 860 12.32 20.56 -5.27
N PRO A 861 11.52 20.64 -4.18
CA PRO A 861 11.06 19.42 -3.50
C PRO A 861 10.03 18.60 -4.30
N GLN A 862 9.89 17.33 -3.91
CA GLN A 862 8.97 16.38 -4.57
C GLN A 862 9.34 16.10 -6.03
N GLU A 863 10.64 16.07 -6.33
CA GLU A 863 11.15 15.91 -7.69
C GLU A 863 12.45 15.10 -7.70
N ARG A 864 12.46 14.00 -8.47
CA ARG A 864 13.52 12.99 -8.41
C ARG A 864 14.70 13.27 -9.37
N HIS A 865 14.77 12.55 -10.51
CA HIS A 865 15.97 12.62 -11.38
C HIS A 865 16.02 14.00 -12.03
N SER A 866 15.01 14.31 -12.85
CA SER A 866 14.87 15.61 -13.50
C SER A 866 13.59 16.30 -13.00
N ILE A 867 13.32 17.48 -13.52
CA ILE A 867 12.17 18.30 -13.09
C ILE A 867 10.91 17.89 -13.87
N ARG A 868 10.12 16.99 -13.29
CA ARG A 868 8.92 16.43 -13.93
C ARG A 868 7.71 17.35 -13.84
N VAL A 869 7.45 17.89 -12.63
CA VAL A 869 6.31 18.78 -12.41
C VAL A 869 6.57 20.07 -13.20
N PRO A 870 5.62 20.47 -14.09
CA PRO A 870 5.91 21.59 -14.98
C PRO A 870 6.02 22.94 -14.28
N GLU A 871 5.29 23.14 -13.17
CA GLU A 871 5.35 24.40 -12.39
C GLU A 871 6.73 24.67 -11.78
N SER A 872 7.40 23.62 -11.31
CA SER A 872 8.78 23.71 -10.85
C SER A 872 9.79 23.87 -12.00
N GLY A 873 9.49 23.25 -13.15
CA GLY A 873 10.23 23.49 -14.40
C GLY A 873 10.08 24.93 -14.87
N GLU A 874 8.84 25.44 -14.84
CA GLU A 874 8.55 26.85 -15.07
C GLU A 874 9.30 27.77 -14.09
N HIS A 875 9.35 27.38 -12.82
CA HIS A 875 10.10 28.13 -11.80
C HIS A 875 11.62 28.06 -12.01
N TYR A 876 12.11 26.90 -12.45
CA TYR A 876 13.52 26.74 -12.77
C TYR A 876 13.96 27.68 -13.89
N GLU A 877 13.22 27.65 -15.00
CA GLU A 877 13.51 28.49 -16.16
C GLU A 877 13.42 29.98 -15.81
N LEU A 878 12.44 30.34 -14.97
CA LEU A 878 12.22 31.72 -14.58
C LEU A 878 13.36 32.25 -13.72
N HIS A 879 13.72 31.50 -12.69
CA HIS A 879 14.81 31.90 -11.80
C HIS A 879 16.13 31.97 -12.56
N LEU A 880 16.42 30.93 -13.35
CA LEU A 880 17.65 30.88 -14.15
C LEU A 880 17.79 32.07 -15.10
N LEU A 881 16.70 32.43 -15.76
CA LEU A 881 16.70 33.59 -16.68
C LEU A 881 16.85 34.90 -15.91
N HIS A 882 16.08 35.02 -14.83
CA HIS A 882 16.14 36.20 -13.96
C HIS A 882 17.51 36.39 -13.29
N TYR A 883 18.14 35.27 -12.91
CA TYR A 883 19.46 35.31 -12.29
C TYR A 883 20.52 35.83 -13.26
N LEU A 884 20.49 35.30 -14.49
CA LEU A 884 21.37 35.75 -15.58
C LEU A 884 21.15 37.22 -15.89
N GLN A 885 19.89 37.64 -15.95
CA GLN A 885 19.54 39.04 -16.11
C GLN A 885 20.21 39.89 -15.03
N GLU A 886 19.86 39.66 -13.76
CA GLU A 886 20.30 40.52 -12.65
C GLU A 886 21.80 40.51 -12.35
N ASN A 887 22.52 39.44 -12.70
CA ASN A 887 23.94 39.28 -12.35
C ASN A 887 24.89 39.04 -13.54
N LEU A 888 24.40 39.22 -14.78
CA LEU A 888 25.25 39.07 -15.97
C LEU A 888 24.80 39.96 -17.14
N GLY A 889 23.58 39.75 -17.61
CA GLY A 889 23.10 40.36 -18.84
C GLY A 889 22.76 41.85 -18.82
N SER A 890 22.14 42.31 -17.73
CA SER A 890 21.45 43.62 -17.72
C SER A 890 22.34 44.81 -17.39
N ARG A 891 21.71 45.99 -17.42
CA ARG A 891 22.31 47.26 -17.02
C ARG A 891 22.77 47.23 -15.56
N ILE A 892 21.88 46.78 -14.68
CA ILE A 892 22.10 46.78 -13.23
C ILE A 892 23.23 45.80 -12.85
N ALA A 893 23.33 44.68 -13.57
CA ALA A 893 24.37 43.66 -13.35
C ALA A 893 25.80 44.22 -13.36
N ALA A 894 26.07 45.13 -14.30
CA ALA A 894 27.39 45.79 -14.40
C ALA A 894 27.56 46.84 -13.30
N LEU A 895 26.52 47.64 -13.06
CA LEU A 895 26.50 48.60 -11.95
C LEU A 895 26.71 47.97 -10.57
N LYS A 896 26.29 46.71 -10.42
CA LYS A 896 26.33 46.00 -9.14
C LYS A 896 27.74 45.63 -8.63
N VAL A 897 28.74 45.55 -9.52
CA VAL A 897 30.10 45.13 -9.10
C VAL A 897 30.78 46.15 -8.19
N LEU B 48 -37.95 -13.72 -53.32
CA LEU B 48 -38.76 -14.08 -52.12
C LEU B 48 -39.39 -12.86 -51.48
N GLU B 49 -40.72 -12.78 -51.51
CA GLU B 49 -41.45 -11.67 -50.87
C GLU B 49 -41.66 -11.94 -49.38
N PRO B 50 -41.63 -10.88 -48.55
CA PRO B 50 -41.81 -11.07 -47.12
C PRO B 50 -43.25 -11.42 -46.74
N PHE B 51 -43.42 -12.39 -45.83
CA PHE B 51 -44.69 -12.64 -45.17
C PHE B 51 -44.85 -11.64 -44.02
N TYR B 52 -46.04 -11.07 -43.89
CA TYR B 52 -46.38 -10.20 -42.77
C TYR B 52 -47.50 -10.89 -41.99
N VAL B 53 -47.33 -10.98 -40.67
CA VAL B 53 -48.37 -11.56 -39.81
C VAL B 53 -49.60 -10.67 -39.83
N GLU B 54 -50.76 -11.27 -39.55
CA GLU B 54 -51.99 -10.51 -39.41
C GLU B 54 -51.82 -9.54 -38.24
N ARG B 55 -52.33 -8.32 -38.42
CA ARG B 55 -52.24 -7.27 -37.39
C ARG B 55 -53.53 -7.26 -36.55
N TYR B 56 -53.55 -8.12 -35.53
CA TYR B 56 -54.67 -8.22 -34.60
C TYR B 56 -54.58 -7.06 -33.59
N SER B 57 -55.75 -6.54 -33.21
CA SER B 57 -55.82 -5.55 -32.12
C SER B 57 -55.54 -6.21 -30.77
N TRP B 58 -55.31 -5.38 -29.76
CA TRP B 58 -55.06 -5.85 -28.39
C TRP B 58 -56.19 -6.77 -27.88
N SER B 59 -57.44 -6.32 -28.06
CA SER B 59 -58.62 -7.11 -27.65
C SER B 59 -58.73 -8.44 -28.40
N GLN B 60 -58.41 -8.42 -29.69
CA GLN B 60 -58.44 -9.62 -30.51
C GLN B 60 -57.38 -10.62 -30.06
N LEU B 61 -56.13 -10.15 -29.93
CA LEU B 61 -55.02 -10.98 -29.43
C LEU B 61 -55.35 -11.65 -28.10
N LYS B 62 -55.94 -10.89 -27.18
CA LYS B 62 -56.34 -11.41 -25.87
C LYS B 62 -57.31 -12.58 -26.01
N LYS B 63 -58.26 -12.44 -26.95
CA LYS B 63 -59.23 -13.50 -27.27
C LYS B 63 -58.56 -14.70 -27.94
N LEU B 64 -57.70 -14.44 -28.93
CA LEU B 64 -56.97 -15.51 -29.65
C LEU B 64 -56.20 -16.38 -28.67
N LEU B 65 -55.48 -15.73 -27.76
CA LEU B 65 -54.76 -16.43 -26.70
C LEU B 65 -55.72 -17.16 -25.76
N ALA B 66 -56.81 -16.49 -25.36
CA ALA B 66 -57.82 -17.08 -24.48
C ALA B 66 -58.57 -18.29 -25.08
N ASP B 67 -58.86 -18.26 -26.38
CA ASP B 67 -59.46 -19.39 -27.09
C ASP B 67 -58.55 -20.63 -27.04
N THR B 68 -57.26 -20.41 -27.29
CA THR B 68 -56.25 -21.48 -27.21
C THR B 68 -55.70 -21.72 -25.78
N ARG B 69 -56.03 -20.84 -24.82
CA ARG B 69 -55.66 -21.02 -23.40
C ARG B 69 -56.33 -22.23 -22.75
N LYS B 70 -57.40 -22.76 -23.36
CA LYS B 70 -57.95 -24.07 -22.96
C LYS B 70 -56.92 -25.23 -23.01
N TYR B 71 -55.72 -24.97 -23.55
CA TYR B 71 -54.55 -25.84 -23.38
C TYR B 71 -53.58 -25.45 -22.23
N HIS B 72 -53.99 -24.55 -21.32
CA HIS B 72 -53.10 -24.08 -20.22
C HIS B 72 -53.04 -25.10 -19.08
N GLY B 73 -54.15 -25.24 -18.35
CA GLY B 73 -54.27 -26.23 -17.30
C GLY B 73 -54.32 -27.63 -17.89
N TYR B 74 -55.04 -27.77 -19.00
CA TYR B 74 -55.04 -28.98 -19.82
C TYR B 74 -53.65 -29.66 -19.88
N MET B 75 -53.54 -30.81 -19.21
CA MET B 75 -52.29 -31.58 -19.02
C MET B 75 -51.21 -30.89 -18.16
N MET B 76 -51.64 -30.02 -17.23
CA MET B 76 -50.77 -29.43 -16.20
C MET B 76 -50.77 -30.30 -14.93
N ALA B 77 -51.84 -31.10 -14.75
CA ALA B 77 -51.96 -32.01 -13.60
C ALA B 77 -50.72 -32.89 -13.40
N LYS B 78 -50.23 -32.97 -12.16
CA LYS B 78 -49.02 -33.73 -11.84
C LYS B 78 -49.18 -35.22 -12.16
N ALA B 79 -48.29 -35.74 -13.01
CA ALA B 79 -48.25 -37.16 -13.31
C ALA B 79 -47.74 -37.93 -12.08
N PRO B 80 -48.17 -39.20 -11.92
CA PRO B 80 -47.76 -40.01 -10.79
C PRO B 80 -46.26 -39.99 -10.52
N HIS B 81 -45.89 -39.82 -9.25
CA HIS B 81 -44.47 -39.78 -8.85
C HIS B 81 -44.28 -40.27 -7.40
N ASP B 82 -43.04 -40.25 -6.91
CA ASP B 82 -42.68 -40.76 -5.58
C ASP B 82 -43.21 -42.18 -5.38
N PHE B 83 -42.87 -43.05 -6.33
CA PHE B 83 -43.35 -44.43 -6.33
C PHE B 83 -42.69 -45.27 -5.26
N MET B 84 -43.44 -46.26 -4.77
CA MET B 84 -42.94 -47.19 -3.77
C MET B 84 -43.63 -48.53 -3.97
N PHE B 85 -42.85 -49.61 -3.89
CA PHE B 85 -43.34 -50.97 -4.07
C PHE B 85 -43.35 -51.67 -2.72
N VAL B 86 -44.50 -52.24 -2.35
CA VAL B 86 -44.62 -53.02 -1.13
C VAL B 86 -45.22 -54.39 -1.48
N LYS B 87 -44.54 -55.45 -1.05
CA LYS B 87 -44.95 -56.81 -1.37
C LYS B 87 -46.14 -57.25 -0.53
N ARG B 88 -47.08 -57.93 -1.19
CA ARG B 88 -48.31 -58.38 -0.54
C ARG B 88 -48.06 -59.60 0.34
N ASN B 89 -47.19 -60.51 -0.12
CA ASN B 89 -46.83 -61.74 0.60
C ASN B 89 -48.07 -62.58 0.95
N ASP B 90 -48.88 -62.84 -0.07
CA ASP B 90 -50.14 -63.57 0.08
C ASP B 90 -50.23 -64.63 -1.03
N PRO B 91 -49.74 -65.87 -0.74
CA PRO B 91 -49.78 -66.99 -1.68
C PRO B 91 -51.12 -67.25 -2.39
N ASP B 92 -52.24 -67.11 -1.68
CA ASP B 92 -53.57 -67.34 -2.28
C ASP B 92 -54.08 -66.19 -3.15
N GLY B 93 -53.55 -64.98 -2.97
CA GLY B 93 -54.08 -63.76 -3.62
C GLY B 93 -53.55 -63.51 -5.02
N PRO B 94 -54.24 -62.62 -5.77
CA PRO B 94 -53.88 -62.36 -7.18
C PRO B 94 -52.75 -61.34 -7.40
N HIS B 95 -52.32 -60.64 -6.34
CA HIS B 95 -51.40 -59.51 -6.46
C HIS B 95 -50.04 -59.80 -5.82
N SER B 96 -48.96 -59.40 -6.51
CA SER B 96 -47.59 -59.56 -6.02
C SER B 96 -47.16 -58.36 -5.17
N ASP B 97 -47.44 -57.16 -5.69
CA ASP B 97 -47.07 -55.90 -5.06
C ASP B 97 -48.30 -55.00 -4.95
N ARG B 98 -48.25 -54.05 -4.02
CA ARG B 98 -49.04 -52.83 -4.08
C ARG B 98 -48.06 -51.68 -4.24
N ILE B 99 -48.36 -50.75 -5.15
CA ILE B 99 -47.55 -49.55 -5.31
C ILE B 99 -48.27 -48.33 -4.74
N TYR B 100 -47.53 -47.48 -4.05
CA TYR B 100 -48.05 -46.18 -3.59
C TYR B 100 -47.35 -45.05 -4.33
N TYR B 101 -48.05 -43.94 -4.53
CA TYR B 101 -47.53 -42.81 -5.31
C TYR B 101 -48.36 -41.55 -5.12
N LEU B 102 -47.71 -40.40 -5.26
CA LEU B 102 -48.40 -39.10 -5.24
C LEU B 102 -48.84 -38.75 -6.66
N ALA B 103 -50.05 -38.21 -6.78
CA ALA B 103 -50.59 -37.82 -8.09
C ALA B 103 -51.70 -36.81 -7.96
N MET B 104 -51.99 -36.14 -9.07
CA MET B 104 -53.09 -35.20 -9.18
C MET B 104 -54.13 -35.92 -10.05
N SER B 105 -55.29 -36.26 -9.46
CA SER B 105 -56.30 -37.09 -10.14
C SER B 105 -57.02 -36.34 -11.26
N GLY B 106 -57.73 -35.27 -10.89
CA GLY B 106 -58.41 -34.40 -11.85
C GLY B 106 -57.49 -33.29 -12.32
N GLU B 107 -58.06 -32.32 -13.04
CA GLU B 107 -57.29 -31.17 -13.47
C GLU B 107 -57.08 -30.21 -12.29
N ASN B 108 -58.17 -29.61 -11.81
CA ASN B 108 -58.12 -28.73 -10.63
C ASN B 108 -58.37 -29.55 -9.37
N ARG B 109 -57.36 -30.30 -8.95
CA ARG B 109 -57.42 -31.12 -7.76
C ARG B 109 -56.07 -31.15 -7.05
N GLU B 110 -56.11 -31.46 -5.75
CA GLU B 110 -54.91 -31.44 -4.92
C GLU B 110 -54.09 -32.72 -5.10
N ASN B 111 -52.77 -32.55 -5.02
CA ASN B 111 -51.83 -33.66 -5.14
C ASN B 111 -51.94 -34.54 -3.88
N THR B 112 -52.31 -35.81 -4.05
CA THR B 112 -52.52 -36.74 -2.93
C THR B 112 -52.04 -38.17 -3.20
N LEU B 113 -52.00 -38.98 -2.14
CA LEU B 113 -51.55 -40.37 -2.21
C LEU B 113 -52.61 -41.28 -2.82
N PHE B 114 -52.20 -42.09 -3.79
CA PHE B 114 -53.00 -43.18 -4.34
C PHE B 114 -52.23 -44.49 -4.22
N TYR B 115 -52.93 -45.60 -4.41
CA TYR B 115 -52.29 -46.90 -4.59
C TYR B 115 -52.90 -47.66 -5.76
N SER B 116 -52.13 -48.60 -6.30
CA SER B 116 -52.58 -49.50 -7.36
C SER B 116 -52.08 -50.91 -7.07
N GLU B 117 -52.81 -51.91 -7.57
CA GLU B 117 -52.50 -53.33 -7.34
C GLU B 117 -51.78 -53.94 -8.55
N ILE B 118 -50.63 -54.57 -8.29
CA ILE B 118 -49.83 -55.21 -9.35
C ILE B 118 -50.16 -56.70 -9.37
N PRO B 119 -50.83 -57.21 -10.44
CA PRO B 119 -51.16 -58.63 -10.48
C PRO B 119 -49.97 -59.56 -10.68
N LYS B 120 -50.12 -60.81 -10.22
CA LYS B 120 -49.11 -61.86 -10.42
C LYS B 120 -49.03 -62.33 -11.87
N THR B 121 -50.15 -62.19 -12.60
CA THR B 121 -50.24 -62.56 -14.02
C THR B 121 -51.08 -61.55 -14.79
N ILE B 122 -50.81 -61.44 -16.09
CA ILE B 122 -51.55 -60.55 -16.99
C ILE B 122 -52.07 -61.29 -18.23
N ASN B 123 -53.23 -60.86 -18.73
CA ASN B 123 -53.75 -61.32 -20.01
C ASN B 123 -53.00 -60.55 -21.10
N ARG B 124 -52.04 -61.21 -21.75
CA ARG B 124 -51.17 -60.55 -22.73
C ARG B 124 -51.84 -60.23 -24.07
N ALA B 125 -53.11 -60.61 -24.23
CA ALA B 125 -53.96 -60.12 -25.33
C ALA B 125 -54.29 -58.64 -25.15
N ALA B 126 -54.88 -58.29 -24.00
CA ALA B 126 -55.32 -56.92 -23.71
C ALA B 126 -54.27 -56.07 -22.97
N VAL B 127 -54.55 -54.78 -22.84
CA VAL B 127 -53.69 -53.81 -22.15
C VAL B 127 -54.29 -53.44 -20.80
N LEU B 128 -53.66 -53.88 -19.71
CA LEU B 128 -54.14 -53.61 -18.36
C LEU B 128 -53.87 -52.16 -17.93
N MET B 129 -54.94 -51.41 -17.65
CA MET B 129 -54.84 -50.07 -17.08
C MET B 129 -55.11 -50.16 -15.59
N LEU B 130 -54.08 -49.95 -14.77
CA LEU B 130 -54.22 -49.96 -13.30
C LEU B 130 -55.14 -48.83 -12.84
N SER B 131 -56.08 -49.16 -11.96
CA SER B 131 -56.99 -48.17 -11.37
C SER B 131 -56.34 -47.55 -10.14
N TRP B 132 -56.59 -46.25 -9.95
CA TRP B 132 -56.00 -45.48 -8.85
C TRP B 132 -56.94 -45.51 -7.64
N LYS B 133 -56.49 -46.13 -6.54
CA LYS B 133 -57.26 -46.18 -5.30
C LYS B 133 -56.80 -45.03 -4.39
N PRO B 134 -57.73 -44.16 -3.93
CA PRO B 134 -57.28 -43.11 -3.01
C PRO B 134 -56.86 -43.70 -1.67
N LEU B 135 -55.61 -43.43 -1.25
CA LEU B 135 -55.10 -43.92 0.03
C LEU B 135 -55.76 -43.20 1.21
N LEU B 136 -55.95 -41.89 1.06
CA LEU B 136 -56.45 -41.05 2.15
C LEU B 136 -57.90 -40.66 1.96
N ASP B 137 -58.58 -40.49 3.10
CA ASP B 137 -59.95 -40.01 3.15
C ASP B 137 -59.96 -38.48 3.07
N LEU B 138 -61.12 -37.90 2.79
CA LEU B 138 -61.28 -36.45 2.77
C LEU B 138 -61.07 -35.89 4.19
N PHE B 139 -60.42 -34.74 4.29
CA PHE B 139 -59.99 -34.18 5.58
C PHE B 139 -61.17 -33.61 6.39
N GLN B 140 -60.93 -33.24 7.65
CA GLN B 140 -61.99 -32.87 8.60
C GLN B 140 -62.70 -31.55 8.26
N VAL B 164 -55.72 -30.11 1.97
CA VAL B 164 -54.85 -29.46 0.98
C VAL B 164 -53.91 -30.53 0.38
N GLY B 165 -52.90 -30.11 -0.41
CA GLY B 165 -52.04 -31.03 -1.16
C GLY B 165 -50.81 -31.52 -0.42
N ILE B 166 -50.32 -32.69 -0.84
CA ILE B 166 -49.12 -33.33 -0.29
C ILE B 166 -48.00 -33.23 -1.34
N ALA B 167 -46.87 -32.68 -0.93
CA ALA B 167 -45.72 -32.54 -1.82
C ALA B 167 -44.88 -33.82 -1.82
N SER B 168 -44.65 -34.37 -0.63
CA SER B 168 -43.84 -35.58 -0.46
C SER B 168 -44.32 -36.39 0.74
N TYR B 169 -43.69 -37.54 0.98
CA TYR B 169 -44.03 -38.37 2.13
C TYR B 169 -42.86 -39.24 2.61
N ASP B 170 -43.01 -39.73 3.84
CA ASP B 170 -42.10 -40.68 4.46
C ASP B 170 -42.81 -42.01 4.63
N TYR B 171 -42.04 -43.06 4.89
CA TYR B 171 -42.57 -44.40 5.10
C TYR B 171 -41.58 -45.23 5.91
N HIS B 172 -42.10 -45.93 6.92
CA HIS B 172 -41.31 -46.88 7.70
C HIS B 172 -41.82 -48.26 7.31
N GLN B 173 -40.94 -49.04 6.70
CA GLN B 173 -41.28 -50.33 6.10
C GLN B 173 -41.84 -51.32 7.10
N GLY B 174 -41.12 -51.49 8.22
CA GLY B 174 -41.43 -52.47 9.24
C GLY B 174 -42.71 -52.25 10.03
N SER B 175 -43.26 -51.04 9.97
CA SER B 175 -44.49 -50.67 10.68
C SER B 175 -45.64 -50.29 9.75
N GLY B 176 -45.34 -49.91 8.51
CA GLY B 176 -46.35 -49.45 7.54
C GLY B 176 -46.72 -47.98 7.65
N THR B 177 -45.98 -47.23 8.48
CA THR B 177 -46.34 -45.85 8.86
C THR B 177 -45.97 -44.83 7.77
N PHE B 178 -46.99 -44.25 7.12
CA PHE B 178 -46.82 -43.05 6.26
C PHE B 178 -46.77 -41.80 7.14
N LEU B 179 -45.90 -40.85 6.79
CA LEU B 179 -45.88 -39.52 7.42
C LEU B 179 -45.80 -38.48 6.32
N PHE B 180 -46.61 -37.43 6.43
CA PHE B 180 -46.67 -36.43 5.39
C PHE B 180 -47.29 -35.14 5.91
N GLN B 181 -46.82 -34.00 5.40
CA GLN B 181 -47.45 -32.72 5.64
C GLN B 181 -48.48 -32.48 4.54
N ALA B 182 -49.65 -32.00 4.94
CA ALA B 182 -50.73 -31.66 4.02
C ALA B 182 -51.30 -30.32 4.47
N GLY B 183 -50.89 -29.24 3.80
CA GLY B 183 -51.20 -27.90 4.26
C GLY B 183 -50.41 -27.62 5.53
N SER B 184 -51.10 -27.14 6.56
CA SER B 184 -50.45 -26.81 7.85
C SER B 184 -50.15 -28.05 8.71
N GLY B 185 -51.11 -28.96 8.77
CA GLY B 185 -50.99 -30.15 9.60
C GLY B 185 -49.99 -31.18 9.13
N ILE B 186 -49.53 -32.00 10.08
CA ILE B 186 -48.71 -33.18 9.81
C ILE B 186 -49.55 -34.39 10.21
N TYR B 187 -49.66 -35.36 9.31
CA TYR B 187 -50.57 -36.49 9.51
C TYR B 187 -49.82 -37.81 9.39
N HIS B 188 -50.52 -38.90 9.71
CA HIS B 188 -50.00 -40.25 9.51
C HIS B 188 -51.11 -41.28 9.31
N VAL B 189 -50.84 -42.28 8.49
CA VAL B 189 -51.72 -43.44 8.30
C VAL B 189 -50.85 -44.67 8.22
N LYS B 190 -51.45 -45.85 8.31
CA LYS B 190 -50.72 -47.12 8.20
C LYS B 190 -51.31 -48.00 7.13
N ASP B 191 -50.44 -48.48 6.24
CA ASP B 191 -50.82 -49.48 5.24
C ASP B 191 -49.58 -50.26 4.82
N GLY B 192 -49.75 -51.54 4.54
CA GLY B 192 -48.68 -52.40 4.06
C GLY B 192 -47.69 -52.94 5.09
N GLY B 193 -47.88 -52.63 6.36
CA GLY B 193 -47.05 -53.17 7.43
C GLY B 193 -47.64 -54.45 7.97
N PRO B 194 -47.32 -54.80 9.23
CA PRO B 194 -48.00 -55.89 9.95
C PRO B 194 -49.54 -55.76 10.03
N GLN B 195 -50.08 -54.55 10.03
CA GLN B 195 -51.53 -54.34 10.07
C GLN B 195 -52.25 -54.86 8.82
N GLY B 196 -51.59 -54.74 7.66
CA GLY B 196 -52.11 -55.28 6.40
C GLY B 196 -52.43 -54.21 5.38
N PHE B 197 -53.41 -54.51 4.51
CA PHE B 197 -53.70 -53.69 3.33
C PHE B 197 -55.17 -53.30 3.27
N THR B 198 -55.44 -52.00 3.36
CA THR B 198 -56.80 -51.47 3.30
C THR B 198 -57.42 -51.66 1.91
N GLN B 199 -58.75 -51.77 1.87
CA GLN B 199 -59.52 -51.75 0.63
C GLN B 199 -60.38 -50.49 0.53
N GLN B 200 -60.16 -49.54 1.44
CA GLN B 200 -60.90 -48.26 1.44
C GLN B 200 -60.03 -47.12 2.00
N PRO B 201 -60.36 -45.86 1.63
CA PRO B 201 -59.59 -44.71 2.11
C PRO B 201 -59.42 -44.66 3.62
N LEU B 202 -58.17 -44.58 4.07
CA LEU B 202 -57.83 -44.44 5.48
C LEU B 202 -57.91 -42.98 5.88
N ARG B 203 -58.32 -42.75 7.13
CA ARG B 203 -58.44 -41.40 7.67
C ARG B 203 -57.07 -40.93 8.15
N PRO B 204 -56.64 -39.74 7.69
CA PRO B 204 -55.36 -39.20 8.15
C PRO B 204 -55.43 -38.71 9.59
N ASN B 205 -54.48 -39.17 10.41
CA ASN B 205 -54.43 -38.83 11.84
C ASN B 205 -53.51 -37.64 12.09
N LEU B 206 -54.09 -36.49 12.42
CA LEU B 206 -53.33 -35.30 12.77
C LEU B 206 -52.39 -35.54 13.94
N VAL B 207 -51.13 -35.16 13.77
CA VAL B 207 -50.17 -35.08 14.87
C VAL B 207 -50.47 -33.74 15.57
N GLU B 208 -50.95 -33.82 16.80
CA GLU B 208 -51.35 -32.62 17.55
C GLU B 208 -50.11 -31.84 17.99
N THR B 209 -50.28 -30.57 18.30
CA THR B 209 -49.15 -29.69 18.64
C THR B 209 -49.52 -28.54 19.57
N SER B 210 -48.50 -28.04 20.28
CA SER B 210 -48.56 -26.79 21.03
C SER B 210 -47.84 -25.66 20.30
N CYS B 211 -47.18 -25.98 19.17
CA CYS B 211 -46.39 -24.99 18.44
C CYS B 211 -47.30 -23.98 17.74
N PRO B 212 -47.00 -22.68 17.87
CA PRO B 212 -47.90 -21.63 17.33
C PRO B 212 -47.90 -21.46 15.81
N ASN B 213 -46.83 -21.90 15.14
CA ASN B 213 -46.58 -21.56 13.74
C ASN B 213 -46.57 -22.83 12.91
N ILE B 214 -46.57 -22.63 11.60
CA ILE B 214 -46.58 -23.72 10.62
C ILE B 214 -45.36 -24.64 10.80
N ARG B 215 -45.59 -25.95 10.86
CA ARG B 215 -44.50 -26.92 11.02
C ARG B 215 -44.02 -27.39 9.66
N MET B 216 -42.71 -27.50 9.52
CA MET B 216 -42.07 -27.75 8.22
C MET B 216 -41.12 -28.95 8.29
N ASP B 217 -41.04 -29.66 7.17
CA ASP B 217 -40.06 -30.73 6.96
C ASP B 217 -40.20 -31.88 7.96
N PRO B 218 -41.39 -32.51 8.01
CA PRO B 218 -41.56 -33.69 8.85
C PRO B 218 -40.75 -34.89 8.36
N LYS B 219 -40.18 -35.65 9.28
CA LYS B 219 -39.45 -36.88 8.97
C LYS B 219 -39.65 -37.93 10.06
N LEU B 220 -40.02 -39.15 9.69
CA LEU B 220 -40.05 -40.28 10.62
C LEU B 220 -38.64 -40.67 11.02
N CYS B 221 -38.47 -41.00 12.30
CA CYS B 221 -37.25 -41.64 12.79
C CYS B 221 -37.27 -43.09 12.28
N PRO B 222 -36.26 -43.51 11.51
CA PRO B 222 -36.27 -44.90 11.02
C PRO B 222 -36.10 -45.97 12.11
N ALA B 223 -35.47 -45.61 13.23
CA ALA B 223 -35.25 -46.53 14.35
C ALA B 223 -36.49 -46.68 15.24
N ASP B 224 -37.34 -45.66 15.28
CA ASP B 224 -38.59 -45.70 16.05
C ASP B 224 -39.70 -44.89 15.36
N PRO B 225 -40.65 -45.57 14.68
CA PRO B 225 -41.73 -44.86 13.97
C PRO B 225 -42.80 -44.16 14.83
N ASP B 226 -42.71 -44.26 16.15
CA ASP B 226 -43.51 -43.41 17.03
C ASP B 226 -42.99 -41.96 17.04
N TRP B 227 -41.68 -41.80 16.86
CA TRP B 227 -41.05 -40.48 16.88
C TRP B 227 -40.96 -39.85 15.50
N ILE B 228 -41.34 -38.58 15.42
CA ILE B 228 -41.06 -37.74 14.24
C ILE B 228 -40.24 -36.53 14.67
N ALA B 229 -39.66 -35.87 13.68
CA ALA B 229 -39.00 -34.58 13.87
C ALA B 229 -39.59 -33.60 12.89
N PHE B 230 -39.45 -32.31 13.19
CA PHE B 230 -39.85 -31.26 12.28
C PHE B 230 -39.20 -29.94 12.67
N ILE B 231 -39.33 -28.97 11.78
CA ILE B 231 -38.78 -27.64 11.99
C ILE B 231 -39.93 -26.70 12.35
N HIS B 232 -39.69 -25.87 13.35
CA HIS B 232 -40.61 -24.81 13.72
C HIS B 232 -39.80 -23.59 14.11
N SER B 233 -40.07 -22.46 13.47
CA SER B 233 -39.32 -21.21 13.64
C SER B 233 -37.80 -21.43 13.67
N ASN B 234 -37.30 -22.07 12.61
CA ASN B 234 -35.86 -22.32 12.42
C ASN B 234 -35.17 -23.13 13.54
N ASP B 235 -35.92 -24.00 14.18
CA ASP B 235 -35.41 -24.87 15.24
C ASP B 235 -36.03 -26.24 15.11
N ILE B 236 -35.28 -27.25 15.56
CA ILE B 236 -35.68 -28.65 15.42
C ILE B 236 -36.47 -29.06 16.64
N TRP B 237 -37.60 -29.71 16.39
CA TRP B 237 -38.44 -30.29 17.43
C TRP B 237 -38.58 -31.77 17.15
N ILE B 238 -39.00 -32.51 18.16
CA ILE B 238 -39.47 -33.89 17.99
C ILE B 238 -40.84 -34.03 18.63
N SER B 239 -41.59 -35.01 18.15
CA SER B 239 -42.95 -35.25 18.60
C SER B 239 -43.26 -36.74 18.51
N ASN B 240 -43.93 -37.26 19.53
CA ASN B 240 -44.34 -38.65 19.57
C ASN B 240 -45.80 -38.75 19.14
N ILE B 241 -46.08 -39.58 18.15
CA ILE B 241 -47.45 -39.71 17.62
C ILE B 241 -48.37 -40.60 18.47
N VAL B 242 -47.79 -41.36 19.41
CA VAL B 242 -48.58 -42.22 20.31
C VAL B 242 -48.73 -41.53 21.66
N THR B 243 -47.60 -41.21 22.30
CA THR B 243 -47.59 -40.59 23.63
C THR B 243 -47.86 -39.09 23.63
N ARG B 244 -47.99 -38.46 22.45
CA ARG B 244 -48.27 -37.01 22.31
C ARG B 244 -47.19 -36.06 22.85
N GLU B 245 -46.04 -36.61 23.26
CA GLU B 245 -44.96 -35.84 23.87
C GLU B 245 -44.30 -34.98 22.79
N GLU B 246 -43.88 -33.77 23.16
CA GLU B 246 -43.37 -32.81 22.21
C GLU B 246 -42.26 -31.97 22.82
N ARG B 247 -41.03 -32.16 22.33
CA ARG B 247 -39.87 -31.47 22.86
C ARG B 247 -39.20 -30.65 21.76
N ARG B 248 -38.76 -29.45 22.12
CA ARG B 248 -37.90 -28.64 21.27
C ARG B 248 -36.44 -29.03 21.54
N LEU B 249 -35.71 -29.35 20.47
CA LEU B 249 -34.32 -29.86 20.56
C LEU B 249 -33.23 -28.79 20.43
N THR B 250 -33.53 -27.68 19.75
CA THR B 250 -32.56 -26.60 19.52
C THR B 250 -33.18 -25.26 19.90
N TYR B 251 -32.39 -24.40 20.54
CA TYR B 251 -32.85 -23.08 21.01
C TYR B 251 -32.02 -21.98 20.35
N VAL B 252 -31.86 -22.12 19.05
CA VAL B 252 -30.92 -21.32 18.26
C VAL B 252 -31.54 -20.01 17.78
N HIS B 253 -32.85 -20.02 17.53
CA HIS B 253 -33.57 -18.88 16.96
C HIS B 253 -34.69 -18.46 17.90
N ASN B 254 -34.60 -17.25 18.42
CA ASN B 254 -35.68 -16.63 19.19
C ASN B 254 -36.58 -15.83 18.24
N GLU B 255 -37.84 -16.26 18.10
CA GLU B 255 -38.77 -15.67 17.12
C GLU B 255 -39.23 -14.22 17.46
N LEU B 256 -39.09 -13.81 18.72
CA LEU B 256 -39.45 -12.44 19.14
C LEU B 256 -38.51 -11.37 18.56
N ALA B 257 -37.20 -11.65 18.56
CA ALA B 257 -36.20 -10.71 18.04
C ALA B 257 -36.22 -10.65 16.51
N ASN B 258 -35.88 -9.48 15.96
CA ASN B 258 -35.90 -9.27 14.50
C ASN B 258 -34.72 -9.94 13.82
N MET B 259 -34.82 -10.11 12.49
CA MET B 259 -33.88 -10.93 11.73
C MET B 259 -32.49 -10.30 11.53
N GLU B 260 -32.38 -8.98 11.71
CA GLU B 260 -31.07 -8.30 11.67
C GLU B 260 -30.15 -8.69 12.85
N GLU B 261 -30.74 -8.98 14.00
CA GLU B 261 -29.99 -9.45 15.18
C GLU B 261 -29.91 -10.97 15.17
N ASP B 262 -31.08 -11.62 15.20
CA ASP B 262 -31.18 -13.08 15.23
C ASP B 262 -31.03 -13.63 13.82
N ALA B 263 -29.85 -14.18 13.54
CA ALA B 263 -29.50 -14.67 12.21
C ALA B 263 -29.11 -16.15 12.18
N ARG B 264 -29.43 -16.88 13.25
CA ARG B 264 -29.08 -18.30 13.33
C ARG B 264 -30.28 -19.21 13.17
N SER B 265 -29.99 -20.45 12.81
CA SER B 265 -31.01 -21.45 12.53
C SER B 265 -30.41 -22.84 12.60
N ALA B 266 -31.28 -23.85 12.64
CA ALA B 266 -30.85 -25.24 12.73
C ALA B 266 -31.83 -26.16 12.01
N GLY B 267 -31.30 -27.16 11.31
CA GLY B 267 -32.12 -28.13 10.58
C GLY B 267 -32.62 -27.66 9.23
N VAL B 268 -32.17 -26.48 8.78
CA VAL B 268 -32.69 -25.84 7.56
C VAL B 268 -31.52 -25.44 6.66
N ALA B 269 -31.66 -25.73 5.36
CA ALA B 269 -30.71 -25.28 4.36
C ALA B 269 -30.96 -23.81 4.00
N THR B 270 -29.89 -23.00 3.97
CA THR B 270 -30.00 -21.58 3.62
C THR B 270 -30.27 -21.38 2.12
N PHE B 271 -30.51 -20.13 1.73
CA PHE B 271 -30.89 -19.77 0.37
C PHE B 271 -30.08 -20.44 -0.75
N VAL B 272 -28.76 -20.34 -0.65
CA VAL B 272 -27.87 -20.80 -1.71
C VAL B 272 -27.91 -22.32 -1.86
N LEU B 273 -28.04 -23.02 -0.74
CA LEU B 273 -28.10 -24.48 -0.75
C LEU B 273 -29.42 -25.00 -1.33
N GLN B 274 -30.52 -24.30 -1.05
CA GLN B 274 -31.80 -24.59 -1.69
C GLN B 274 -31.79 -24.22 -3.17
N GLU B 275 -31.43 -22.97 -3.45
CA GLU B 275 -31.53 -22.44 -4.81
C GLU B 275 -30.45 -22.98 -5.77
N GLU B 276 -29.22 -23.15 -5.30
CA GLU B 276 -28.08 -23.51 -6.17
C GLU B 276 -27.49 -24.92 -5.98
N PHE B 277 -27.92 -25.67 -4.95
CA PHE B 277 -27.46 -27.05 -4.74
C PHE B 277 -28.59 -28.08 -4.57
N ASP B 278 -29.83 -27.66 -4.87
CA ASP B 278 -31.04 -28.46 -4.62
C ASP B 278 -30.95 -29.35 -3.36
N ARG B 279 -30.67 -28.71 -2.22
CA ARG B 279 -30.79 -29.33 -0.92
C ARG B 279 -31.74 -28.51 -0.06
N TYR B 280 -32.76 -29.17 0.50
CA TYR B 280 -33.83 -28.47 1.24
C TYR B 280 -33.86 -28.82 2.74
N SER B 281 -33.60 -30.07 3.08
CA SER B 281 -33.48 -30.49 4.47
C SER B 281 -32.10 -30.17 5.06
N GLY B 282 -32.05 -29.92 6.36
CA GLY B 282 -30.80 -29.67 7.09
C GLY B 282 -30.61 -30.49 8.35
N TYR B 283 -31.35 -31.60 8.50
CA TYR B 283 -31.16 -32.52 9.61
C TYR B 283 -31.41 -33.95 9.14
N TRP B 284 -30.80 -34.92 9.83
CA TRP B 284 -30.80 -36.32 9.40
C TRP B 284 -30.86 -37.27 10.60
N TRP B 285 -31.96 -38.03 10.71
CA TRP B 285 -32.09 -39.06 11.74
C TRP B 285 -31.03 -40.14 11.55
N CYS B 286 -30.39 -40.56 12.64
CA CYS B 286 -29.58 -41.76 12.62
C CYS B 286 -30.54 -42.94 12.44
N PRO B 287 -30.27 -43.84 11.46
CA PRO B 287 -31.26 -44.87 11.12
C PRO B 287 -31.37 -46.05 12.11
N LYS B 288 -30.43 -46.15 13.05
CA LYS B 288 -30.48 -47.15 14.11
C LYS B 288 -30.39 -46.47 15.48
N ALA B 289 -30.84 -47.20 16.50
CA ALA B 289 -30.86 -46.70 17.88
C ALA B 289 -29.94 -47.53 18.78
N GLU B 290 -29.22 -46.84 19.65
CA GLU B 290 -28.35 -47.47 20.66
C GLU B 290 -29.21 -47.87 21.86
N THR B 291 -29.08 -49.12 22.33
CA THR B 291 -29.81 -49.62 23.49
C THR B 291 -29.08 -49.29 24.80
N THR B 292 -29.76 -48.61 25.72
CA THR B 292 -29.21 -48.32 27.05
C THR B 292 -29.33 -49.56 27.97
N PRO B 293 -28.61 -49.56 29.11
CA PRO B 293 -28.74 -50.68 30.06
C PRO B 293 -30.14 -50.87 30.69
N SER B 294 -30.93 -49.79 30.79
CA SER B 294 -32.25 -49.82 31.42
C SER B 294 -33.40 -50.28 30.52
N GLY B 295 -33.09 -50.88 29.36
CA GLY B 295 -34.09 -51.24 28.36
C GLY B 295 -34.68 -50.07 27.60
N GLY B 296 -33.99 -48.92 27.63
CA GLY B 296 -34.37 -47.73 26.86
C GLY B 296 -33.50 -47.63 25.62
N LYS B 297 -33.36 -46.42 25.08
CA LYS B 297 -32.50 -46.18 23.91
C LYS B 297 -32.12 -44.72 23.68
N ILE B 298 -31.13 -44.52 22.82
CA ILE B 298 -30.64 -43.20 22.44
C ILE B 298 -30.86 -42.98 20.93
N LEU B 299 -31.74 -42.04 20.60
CA LEU B 299 -31.97 -41.61 19.22
C LEU B 299 -31.05 -40.42 18.94
N ARG B 300 -30.62 -40.31 17.68
CA ARG B 300 -29.69 -39.25 17.26
C ARG B 300 -30.19 -38.51 16.03
N ILE B 301 -29.93 -37.20 16.00
CA ILE B 301 -30.21 -36.36 14.84
C ILE B 301 -28.97 -35.52 14.52
N LEU B 302 -28.30 -35.83 13.42
CA LEU B 302 -27.29 -34.93 12.86
C LEU B 302 -28.03 -33.74 12.26
N TYR B 303 -27.46 -32.55 12.41
CA TYR B 303 -28.04 -31.36 11.79
C TYR B 303 -27.03 -30.24 11.52
N GLU B 304 -27.34 -29.46 10.49
CA GLU B 304 -26.58 -28.28 10.13
C GLU B 304 -27.05 -27.12 11.00
N GLU B 305 -26.11 -26.35 11.54
CA GLU B 305 -26.42 -25.09 12.22
C GLU B 305 -25.73 -23.95 11.46
N ASN B 306 -26.54 -23.02 10.96
CA ASN B 306 -26.05 -21.87 10.16
C ASN B 306 -26.17 -20.58 10.96
N ASP B 307 -25.22 -19.69 10.73
CA ASP B 307 -25.25 -18.34 11.28
C ASP B 307 -25.00 -17.38 10.12
N GLU B 308 -25.96 -16.51 9.86
CA GLU B 308 -25.92 -15.62 8.69
C GLU B 308 -25.73 -14.14 9.08
N SER B 309 -24.99 -13.90 10.16
CA SER B 309 -24.78 -12.54 10.66
C SER B 309 -23.97 -11.69 9.69
N GLU B 310 -22.92 -12.27 9.12
CA GLU B 310 -22.02 -11.57 8.20
C GLU B 310 -22.49 -11.58 6.74
N VAL B 311 -23.56 -12.33 6.45
CA VAL B 311 -24.12 -12.41 5.10
C VAL B 311 -24.90 -11.13 4.84
N GLU B 312 -24.81 -10.62 3.62
CA GLU B 312 -25.45 -9.35 3.26
C GLU B 312 -26.97 -9.46 3.30
N ILE B 313 -27.62 -8.34 3.65
CA ILE B 313 -29.08 -8.26 3.74
C ILE B 313 -29.55 -7.47 2.54
N ILE B 314 -30.69 -7.88 1.97
CA ILE B 314 -31.30 -7.15 0.84
C ILE B 314 -32.80 -7.00 1.03
N HIS B 315 -33.33 -5.87 0.56
CA HIS B 315 -34.72 -5.49 0.77
C HIS B 315 -35.51 -5.59 -0.53
N VAL B 316 -36.21 -6.71 -0.69
CA VAL B 316 -37.20 -6.87 -1.77
C VAL B 316 -38.51 -6.30 -1.24
N THR B 317 -39.28 -5.63 -2.10
CA THR B 317 -40.60 -5.06 -1.75
C THR B 317 -41.54 -6.18 -1.31
N SER B 318 -42.35 -5.92 -0.28
CA SER B 318 -43.20 -6.96 0.33
C SER B 318 -44.40 -7.31 -0.57
N PRO B 319 -44.97 -8.54 -0.40
CA PRO B 319 -46.16 -8.91 -1.19
C PRO B 319 -47.41 -8.06 -0.92
N MET B 320 -47.46 -7.41 0.24
CA MET B 320 -48.52 -6.45 0.58
C MET B 320 -48.11 -5.07 0.05
N LEU B 321 -48.44 -4.77 -1.21
CA LEU B 321 -48.08 -3.47 -1.82
C LEU B 321 -48.80 -2.27 -1.21
N GLU B 322 -50.01 -2.49 -0.67
CA GLU B 322 -50.78 -1.42 0.01
C GLU B 322 -50.05 -0.81 1.22
N THR B 323 -49.28 -1.64 1.93
CA THR B 323 -48.34 -1.19 2.96
C THR B 323 -46.95 -1.08 2.33
N ARG B 324 -46.52 0.16 2.04
CA ARG B 324 -45.26 0.40 1.29
C ARG B 324 -44.02 0.08 2.11
N ARG B 325 -43.74 -1.21 2.24
CA ARG B 325 -42.64 -1.74 3.03
C ARG B 325 -41.78 -2.70 2.21
N ALA B 326 -40.66 -3.12 2.79
CA ALA B 326 -39.74 -4.06 2.15
C ALA B 326 -39.27 -5.10 3.17
N ASP B 327 -39.58 -6.38 2.88
CA ASP B 327 -39.13 -7.50 3.71
C ASP B 327 -37.66 -7.81 3.41
N SER B 328 -36.90 -8.13 4.46
CA SER B 328 -35.45 -8.39 4.37
C SER B 328 -35.13 -9.88 4.38
N PHE B 329 -34.13 -10.29 3.59
CA PHE B 329 -33.56 -11.65 3.69
C PHE B 329 -32.07 -11.72 3.33
N ARG B 330 -31.45 -12.86 3.66
CA ARG B 330 -29.99 -13.04 3.55
C ARG B 330 -29.57 -13.58 2.17
N TYR B 331 -28.88 -12.75 1.40
CA TYR B 331 -28.46 -13.11 0.05
C TYR B 331 -26.95 -12.95 -0.04
N PRO B 332 -26.20 -14.07 -0.03
CA PRO B 332 -24.76 -13.93 -0.17
C PRO B 332 -24.42 -13.65 -1.63
N LYS B 333 -24.25 -12.38 -1.96
CA LYS B 333 -23.86 -11.99 -3.32
C LYS B 333 -22.38 -12.34 -3.55
N THR B 334 -22.06 -12.70 -4.80
CA THR B 334 -20.73 -13.19 -5.17
C THR B 334 -19.63 -12.24 -4.74
N GLY B 335 -18.58 -12.82 -4.12
CA GLY B 335 -17.53 -12.05 -3.48
C GLY B 335 -17.64 -12.01 -1.95
N THR B 336 -18.87 -11.90 -1.44
CA THR B 336 -19.11 -11.67 0.00
C THR B 336 -19.21 -12.98 0.79
N ALA B 337 -19.45 -12.86 2.09
CA ALA B 337 -19.45 -13.99 3.01
C ALA B 337 -20.66 -14.90 2.84
N ASN B 338 -20.40 -16.20 2.75
CA ASN B 338 -21.42 -17.24 2.90
C ASN B 338 -21.73 -17.45 4.38
N PRO B 339 -22.84 -18.15 4.70
CA PRO B 339 -23.14 -18.45 6.10
C PRO B 339 -22.02 -19.22 6.83
N LYS B 340 -21.93 -19.02 8.14
CA LYS B 340 -20.96 -19.72 8.97
C LYS B 340 -21.63 -21.02 9.43
N VAL B 341 -21.13 -22.15 8.93
CA VAL B 341 -21.77 -23.45 9.15
C VAL B 341 -20.98 -24.38 10.04
N THR B 342 -21.71 -25.33 10.63
CA THR B 342 -21.10 -26.39 11.42
C THR B 342 -22.10 -27.53 11.56
N PHE B 343 -21.57 -28.73 11.84
CA PHE B 343 -22.41 -29.87 12.21
C PHE B 343 -22.64 -29.83 13.70
N LYS B 344 -23.81 -30.34 14.09
CA LYS B 344 -24.21 -30.51 15.49
C LYS B 344 -24.93 -31.85 15.57
N MET B 345 -25.04 -32.39 16.78
CA MET B 345 -25.83 -33.61 16.99
C MET B 345 -26.64 -33.54 18.27
N SER B 346 -27.95 -33.74 18.16
CA SER B 346 -28.84 -33.85 19.30
C SER B 346 -28.92 -35.32 19.65
N GLU B 347 -28.66 -35.64 20.92
CA GLU B 347 -28.64 -37.00 21.42
C GLU B 347 -29.81 -37.12 22.40
N ILE B 348 -30.74 -38.04 22.10
CA ILE B 348 -32.06 -38.06 22.74
C ILE B 348 -32.28 -39.37 23.52
N MET B 349 -32.13 -39.30 24.85
CA MET B 349 -32.34 -40.46 25.74
C MET B 349 -33.83 -40.69 25.97
N ILE B 350 -34.28 -41.90 25.67
CA ILE B 350 -35.67 -42.33 25.83
C ILE B 350 -35.69 -43.55 26.78
N ASP B 351 -36.63 -43.57 27.72
CA ASP B 351 -36.78 -44.72 28.65
C ASP B 351 -37.47 -45.92 27.96
N ALA B 352 -37.69 -47.00 28.70
CA ALA B 352 -38.25 -48.23 28.12
C ALA B 352 -39.72 -48.18 27.68
N GLU B 353 -40.43 -47.08 27.96
CA GLU B 353 -41.82 -46.90 27.51
C GLU B 353 -42.04 -45.62 26.67
N GLY B 354 -40.96 -45.04 26.13
CA GLY B 354 -41.04 -43.92 25.20
C GLY B 354 -41.19 -42.52 25.80
N ARG B 355 -40.81 -42.35 27.07
CA ARG B 355 -40.73 -41.02 27.67
C ARG B 355 -39.32 -40.50 27.45
N ILE B 356 -39.19 -39.20 27.22
CA ILE B 356 -37.87 -38.58 27.06
C ILE B 356 -37.25 -38.44 28.44
N ILE B 357 -36.08 -39.05 28.64
CA ILE B 357 -35.31 -38.87 29.86
C ILE B 357 -34.59 -37.53 29.80
N ASP B 358 -33.78 -37.37 28.75
CA ASP B 358 -32.91 -36.21 28.62
C ASP B 358 -32.58 -35.93 27.15
N VAL B 359 -32.16 -34.68 26.88
CA VAL B 359 -31.71 -34.25 25.55
C VAL B 359 -30.40 -33.48 25.68
N ILE B 360 -29.29 -34.13 25.31
CA ILE B 360 -27.98 -33.48 25.26
C ILE B 360 -27.76 -32.99 23.84
N ASP B 361 -27.60 -31.67 23.68
CA ASP B 361 -27.18 -31.10 22.41
C ASP B 361 -25.65 -31.10 22.37
N LYS B 362 -25.08 -31.58 21.28
CA LYS B 362 -23.62 -31.77 21.17
C LYS B 362 -23.07 -31.03 19.95
N GLU B 363 -21.85 -30.50 20.10
CA GLU B 363 -21.14 -29.81 19.02
C GLU B 363 -19.88 -30.58 18.67
N LEU B 364 -19.19 -30.17 17.61
CA LEU B 364 -17.96 -30.84 17.18
C LEU B 364 -16.84 -30.62 18.18
N ILE B 365 -15.96 -31.61 18.31
CA ILE B 365 -14.82 -31.55 19.25
C ILE B 365 -13.87 -30.37 18.97
N GLN B 366 -13.60 -30.10 17.69
CA GLN B 366 -12.83 -28.93 17.25
C GLN B 366 -13.71 -28.13 16.28
N PRO B 367 -13.35 -26.86 15.99
CA PRO B 367 -14.16 -26.07 15.04
C PRO B 367 -14.26 -26.69 13.64
N PHE B 368 -15.34 -26.34 12.94
CA PHE B 368 -15.62 -26.82 11.58
C PHE B 368 -14.51 -26.44 10.60
N GLU B 369 -13.96 -25.23 10.78
CA GLU B 369 -12.88 -24.71 9.93
C GLU B 369 -11.57 -25.51 10.07
N ILE B 370 -11.35 -26.09 11.25
CA ILE B 370 -10.15 -26.87 11.53
C ILE B 370 -10.27 -28.29 10.97
N LEU B 371 -11.36 -28.97 11.32
CA LEU B 371 -11.57 -30.38 10.93
C LEU B 371 -11.84 -30.60 9.44
N PHE B 372 -12.51 -29.63 8.81
CA PHE B 372 -12.84 -29.69 7.39
C PHE B 372 -12.24 -28.48 6.69
N GLU B 373 -10.92 -28.36 6.81
CA GLU B 373 -10.15 -27.23 6.25
C GLU B 373 -10.46 -27.06 4.76
N GLY B 374 -10.84 -25.84 4.38
CA GLY B 374 -11.13 -25.49 2.98
C GLY B 374 -12.59 -25.53 2.57
N VAL B 375 -13.44 -26.23 3.34
CA VAL B 375 -14.85 -26.46 2.98
C VAL B 375 -15.68 -25.21 3.22
N GLU B 376 -16.53 -24.87 2.24
CA GLU B 376 -17.50 -23.77 2.37
C GLU B 376 -18.97 -24.19 2.29
N TYR B 377 -19.28 -25.20 1.48
CA TYR B 377 -20.65 -25.67 1.30
C TYR B 377 -20.80 -27.13 1.74
N ILE B 378 -21.76 -27.39 2.64
CA ILE B 378 -22.22 -28.74 2.91
C ILE B 378 -23.29 -29.07 1.85
N ALA B 379 -22.87 -29.74 0.78
CA ALA B 379 -23.74 -30.02 -0.36
C ALA B 379 -24.78 -31.11 -0.06
N ARG B 380 -24.31 -32.22 0.51
CA ARG B 380 -25.18 -33.36 0.82
C ARG B 380 -24.75 -33.97 2.16
N ALA B 381 -25.69 -34.58 2.87
CA ALA B 381 -25.36 -35.31 4.11
C ALA B 381 -26.34 -36.43 4.41
N GLY B 382 -25.88 -37.39 5.21
CA GLY B 382 -26.71 -38.52 5.61
C GLY B 382 -26.03 -39.39 6.64
N TRP B 383 -26.45 -40.65 6.70
CA TRP B 383 -25.85 -41.65 7.56
C TRP B 383 -25.58 -42.91 6.74
N THR B 384 -24.68 -43.76 7.25
CA THR B 384 -24.45 -45.08 6.67
C THR B 384 -25.63 -45.99 7.05
N PRO B 385 -25.83 -47.10 6.31
CA PRO B 385 -26.98 -47.97 6.60
C PRO B 385 -27.03 -48.50 8.04
N GLU B 386 -25.88 -48.84 8.61
CA GLU B 386 -25.81 -49.34 9.99
C GLU B 386 -25.92 -48.21 11.01
N GLY B 387 -25.65 -46.98 10.57
CA GLY B 387 -25.72 -45.81 11.41
C GLY B 387 -24.47 -45.60 12.23
N LYS B 388 -23.37 -46.30 11.90
CA LYS B 388 -22.13 -46.17 12.66
C LYS B 388 -21.46 -44.82 12.41
N TYR B 389 -21.44 -44.41 11.14
CA TYR B 389 -20.90 -43.12 10.73
C TYR B 389 -21.98 -42.25 10.09
N ALA B 390 -21.88 -40.94 10.30
CA ALA B 390 -22.56 -39.95 9.46
C ALA B 390 -21.64 -39.60 8.31
N TRP B 391 -22.20 -39.38 7.12
CA TRP B 391 -21.40 -38.94 5.98
C TRP B 391 -21.82 -37.56 5.51
N SER B 392 -20.94 -36.95 4.74
CA SER B 392 -21.22 -35.66 4.11
C SER B 392 -20.37 -35.47 2.86
N ILE B 393 -20.95 -34.81 1.85
CA ILE B 393 -20.23 -34.42 0.65
C ILE B 393 -19.98 -32.92 0.75
N LEU B 394 -18.70 -32.54 0.76
CA LEU B 394 -18.26 -31.18 1.08
C LEU B 394 -17.56 -30.52 -0.10
N LEU B 395 -17.73 -29.20 -0.22
CA LEU B 395 -17.19 -28.43 -1.33
C LEU B 395 -16.37 -27.27 -0.84
N ASP B 396 -15.24 -27.01 -1.51
CA ASP B 396 -14.48 -25.78 -1.31
C ASP B 396 -15.16 -24.63 -2.06
N ARG B 397 -14.83 -23.39 -1.69
CA ARG B 397 -15.53 -22.21 -2.23
C ARG B 397 -15.49 -22.09 -3.77
N SER B 398 -14.37 -22.49 -4.38
CA SER B 398 -14.22 -22.44 -5.83
C SER B 398 -15.00 -23.56 -6.53
N GLN B 399 -15.45 -24.55 -5.75
CA GLN B 399 -16.28 -25.66 -6.24
C GLN B 399 -15.52 -26.50 -7.26
N THR B 400 -14.23 -26.69 -6.97
CA THR B 400 -13.34 -27.55 -7.75
C THR B 400 -12.75 -28.70 -6.94
N ARG B 401 -13.10 -28.82 -5.65
CA ARG B 401 -12.68 -29.94 -4.81
C ARG B 401 -13.88 -30.51 -4.06
N LEU B 402 -14.21 -31.75 -4.36
CA LEU B 402 -15.22 -32.51 -3.63
C LEU B 402 -14.52 -33.41 -2.63
N GLN B 403 -15.13 -33.56 -1.46
CA GLN B 403 -14.67 -34.52 -0.45
C GLN B 403 -15.89 -35.28 0.08
N ILE B 404 -15.76 -36.60 0.19
CA ILE B 404 -16.73 -37.43 0.89
C ILE B 404 -16.09 -37.78 2.22
N VAL B 405 -16.73 -37.40 3.32
CA VAL B 405 -16.13 -37.45 4.65
C VAL B 405 -17.05 -38.18 5.63
N LEU B 406 -16.54 -39.27 6.22
CA LEU B 406 -17.25 -39.95 7.31
C LEU B 406 -16.96 -39.24 8.64
N ILE B 407 -18.01 -39.09 9.43
CA ILE B 407 -17.99 -38.33 10.67
C ILE B 407 -18.62 -39.23 11.73
N SER B 408 -17.80 -39.71 12.67
CA SER B 408 -18.29 -40.54 13.78
C SER B 408 -19.07 -39.67 14.76
N PRO B 409 -20.12 -40.24 15.39
CA PRO B 409 -20.79 -39.52 16.49
C PRO B 409 -19.88 -39.21 17.68
N GLU B 410 -18.81 -39.99 17.85
CA GLU B 410 -17.82 -39.77 18.91
C GLU B 410 -17.06 -38.43 18.79
N LEU B 411 -16.99 -37.86 17.59
CA LEU B 411 -16.49 -36.49 17.38
C LEU B 411 -17.27 -35.40 18.12
N PHE B 412 -18.52 -35.68 18.48
CA PHE B 412 -19.39 -34.69 19.12
C PHE B 412 -19.36 -34.77 20.65
N ILE B 413 -19.23 -33.61 21.28
CA ILE B 413 -19.20 -33.47 22.74
C ILE B 413 -20.28 -32.48 23.17
N PRO B 414 -20.80 -32.58 24.41
CA PRO B 414 -21.83 -31.64 24.85
C PRO B 414 -21.41 -30.18 24.80
N VAL B 415 -22.38 -29.28 24.71
CA VAL B 415 -22.13 -27.84 24.72
C VAL B 415 -21.92 -27.43 26.18
N GLU B 416 -20.83 -26.71 26.45
CA GLU B 416 -20.48 -26.27 27.80
C GLU B 416 -19.90 -24.86 27.78
N ASP B 417 -20.46 -23.98 28.61
CA ASP B 417 -19.94 -22.61 28.79
C ASP B 417 -18.66 -22.62 29.62
N ASP B 418 -18.65 -23.46 30.66
CA ASP B 418 -17.50 -23.60 31.56
C ASP B 418 -16.30 -24.21 30.83
N VAL B 419 -15.31 -23.36 30.52
CA VAL B 419 -14.10 -23.77 29.78
C VAL B 419 -13.21 -24.74 30.58
N MET B 420 -13.37 -24.77 31.90
CA MET B 420 -12.78 -25.80 32.76
C MET B 420 -13.32 -27.18 32.39
N GLU B 421 -14.65 -27.33 32.43
CA GLU B 421 -15.33 -28.59 32.13
C GLU B 421 -15.28 -28.94 30.64
N ARG B 422 -15.30 -27.91 29.78
CA ARG B 422 -15.19 -28.09 28.31
C ARG B 422 -13.87 -28.76 27.92
N GLN B 423 -12.78 -28.32 28.54
CA GLN B 423 -11.45 -28.91 28.33
C GLN B 423 -11.37 -30.37 28.80
N ARG B 424 -12.11 -30.69 29.87
CA ARG B 424 -12.22 -32.08 30.36
C ARG B 424 -12.86 -33.00 29.32
N LEU B 425 -13.88 -32.50 28.63
CA LEU B 425 -14.57 -33.25 27.58
C LEU B 425 -13.71 -33.46 26.32
N ILE B 426 -12.89 -32.46 25.97
CA ILE B 426 -12.00 -32.55 24.80
C ILE B 426 -10.93 -33.64 25.01
N GLU B 427 -10.30 -33.63 26.18
CA GLU B 427 -9.26 -34.61 26.52
C GLU B 427 -9.80 -36.05 26.73
N SER B 428 -11.07 -36.18 27.09
CA SER B 428 -11.71 -37.50 27.29
C SER B 428 -11.93 -38.27 25.98
N VAL B 429 -12.09 -37.56 24.86
CA VAL B 429 -12.29 -38.19 23.55
C VAL B 429 -10.95 -38.68 22.99
N PRO B 430 -10.88 -39.95 22.51
CA PRO B 430 -9.64 -40.48 21.90
C PRO B 430 -9.10 -39.67 20.73
N ASP B 431 -7.77 -39.69 20.55
CA ASP B 431 -7.13 -39.08 19.38
C ASP B 431 -7.39 -39.88 18.10
N SER B 432 -7.57 -41.19 18.23
CA SER B 432 -7.89 -42.06 17.08
C SER B 432 -9.24 -41.73 16.43
N VAL B 433 -10.16 -41.20 17.23
CA VAL B 433 -11.44 -40.66 16.74
C VAL B 433 -11.16 -39.39 15.94
N THR B 434 -11.43 -39.45 14.65
CA THR B 434 -10.99 -38.44 13.69
C THR B 434 -11.91 -38.42 12.45
N PRO B 435 -12.06 -37.25 11.78
CA PRO B 435 -12.72 -37.25 10.47
C PRO B 435 -11.99 -38.13 9.45
N LEU B 436 -12.75 -38.72 8.53
CA LEU B 436 -12.23 -39.70 7.58
C LEU B 436 -12.64 -39.34 6.16
N ILE B 437 -11.72 -38.72 5.42
CA ILE B 437 -11.97 -38.34 4.01
C ILE B 437 -11.82 -39.59 3.13
N ILE B 438 -12.94 -40.23 2.83
CA ILE B 438 -12.94 -41.49 2.05
C ILE B 438 -12.84 -41.33 0.53
N TYR B 439 -12.91 -40.09 0.04
CA TYR B 439 -12.80 -39.81 -1.39
C TYR B 439 -12.58 -38.32 -1.61
N GLU B 440 -11.54 -37.98 -2.38
CA GLU B 440 -11.25 -36.59 -2.77
C GLU B 440 -11.00 -36.53 -4.27
N GLU B 441 -11.70 -35.63 -4.96
CA GLU B 441 -11.54 -35.42 -6.40
C GLU B 441 -11.51 -33.93 -6.71
N THR B 442 -10.83 -33.58 -7.82
CA THR B 442 -10.71 -32.20 -8.27
C THR B 442 -10.87 -32.09 -9.78
N THR B 443 -11.11 -30.86 -10.24
CA THR B 443 -11.35 -30.57 -11.65
C THR B 443 -10.93 -29.14 -11.96
N ASP B 444 -10.50 -28.93 -13.20
CA ASP B 444 -10.15 -27.61 -13.71
C ASP B 444 -11.37 -26.85 -14.24
N ILE B 445 -12.54 -27.49 -14.22
CA ILE B 445 -13.78 -26.87 -14.64
C ILE B 445 -14.62 -26.59 -13.37
N TRP B 446 -15.50 -27.52 -12.98
CA TRP B 446 -16.28 -27.37 -11.74
C TRP B 446 -16.89 -28.72 -11.36
N ILE B 447 -17.13 -28.90 -10.06
CA ILE B 447 -17.87 -30.04 -9.54
C ILE B 447 -19.37 -29.79 -9.72
N ASN B 448 -20.04 -30.73 -10.39
CA ASN B 448 -21.50 -30.73 -10.45
C ASN B 448 -22.02 -31.72 -9.40
N ILE B 449 -22.78 -31.18 -8.43
CA ILE B 449 -23.35 -32.00 -7.36
C ILE B 449 -24.55 -32.80 -7.89
N HIS B 450 -24.66 -34.04 -7.41
CA HIS B 450 -25.71 -34.98 -7.81
C HIS B 450 -26.16 -35.79 -6.61
N ASP B 451 -27.26 -36.51 -6.78
CA ASP B 451 -27.91 -37.25 -5.70
C ASP B 451 -27.48 -38.73 -5.59
N ILE B 452 -26.55 -39.17 -6.44
CA ILE B 452 -26.00 -40.54 -6.40
C ILE B 452 -24.91 -40.71 -5.32
N PHE B 453 -25.15 -41.61 -4.37
CA PHE B 453 -24.14 -42.06 -3.39
C PHE B 453 -24.70 -43.24 -2.60
N HIS B 454 -24.31 -44.46 -2.97
CA HIS B 454 -24.78 -45.69 -2.32
C HIS B 454 -23.66 -46.33 -1.51
N VAL B 455 -23.91 -46.58 -0.23
CA VAL B 455 -22.94 -47.18 0.69
C VAL B 455 -23.36 -48.62 0.99
N PHE B 456 -22.48 -49.57 0.70
CA PHE B 456 -22.75 -50.99 0.96
C PHE B 456 -22.64 -51.30 2.46
N PRO B 457 -23.28 -52.40 2.91
CA PRO B 457 -23.11 -52.82 4.30
C PRO B 457 -21.65 -53.15 4.60
N GLN B 458 -21.22 -52.82 5.81
CA GLN B 458 -19.80 -52.86 6.17
C GLN B 458 -19.42 -54.28 6.66
N SER B 459 -18.62 -54.99 5.87
CA SER B 459 -18.19 -56.35 6.22
C SER B 459 -16.95 -56.31 7.11
N HIS B 460 -15.85 -55.81 6.57
CA HIS B 460 -14.62 -55.61 7.37
C HIS B 460 -14.78 -54.39 8.26
N GLU B 461 -14.04 -54.38 9.36
CA GLU B 461 -14.09 -53.29 10.34
C GLU B 461 -13.43 -52.01 9.81
N GLU B 462 -12.31 -52.17 9.10
CA GLU B 462 -11.49 -51.04 8.63
C GLU B 462 -11.58 -50.86 7.11
N GLU B 463 -12.79 -50.97 6.57
CA GLU B 463 -13.05 -50.75 5.14
C GLU B 463 -14.48 -50.25 4.93
N ILE B 464 -14.65 -49.29 4.03
CA ILE B 464 -15.98 -48.87 3.57
C ILE B 464 -16.04 -48.94 2.05
N GLU B 465 -17.18 -49.40 1.56
CA GLU B 465 -17.36 -49.77 0.16
C GLU B 465 -18.59 -49.01 -0.37
N PHE B 466 -18.43 -48.29 -1.48
CA PHE B 466 -19.52 -47.45 -2.02
C PHE B 466 -19.46 -47.21 -3.52
N ILE B 467 -20.63 -46.91 -4.09
CA ILE B 467 -20.75 -46.45 -5.48
C ILE B 467 -20.93 -44.93 -5.44
N PHE B 468 -20.22 -44.23 -6.33
CA PHE B 468 -20.33 -42.79 -6.48
C PHE B 468 -20.28 -42.46 -7.97
N ALA B 469 -20.82 -41.30 -8.35
CA ALA B 469 -20.73 -40.83 -9.72
C ALA B 469 -19.78 -39.65 -9.81
N SER B 470 -19.08 -39.52 -10.94
CA SER B 470 -18.08 -38.47 -11.13
C SER B 470 -17.80 -38.17 -12.60
N GLU B 471 -17.59 -36.89 -12.88
CA GLU B 471 -17.10 -36.39 -14.17
C GLU B 471 -15.57 -36.17 -14.16
N CYS B 472 -14.96 -36.19 -12.98
CA CYS B 472 -13.56 -35.75 -12.81
C CYS B 472 -12.47 -36.58 -13.51
N LYS B 473 -12.74 -37.85 -13.83
CA LYS B 473 -11.76 -38.69 -14.56
C LYS B 473 -11.87 -38.41 -16.07
N THR B 474 -12.96 -38.85 -16.68
CA THR B 474 -13.13 -38.81 -18.15
C THR B 474 -13.78 -37.55 -18.71
N GLY B 475 -14.25 -36.64 -17.86
CA GLY B 475 -15.08 -35.51 -18.31
C GLY B 475 -16.50 -35.92 -18.71
N PHE B 476 -16.95 -37.07 -18.21
CA PHE B 476 -18.33 -37.54 -18.37
C PHE B 476 -18.72 -38.27 -17.07
N ARG B 477 -19.97 -38.09 -16.62
CA ARG B 477 -20.37 -38.62 -15.32
C ARG B 477 -20.52 -40.12 -15.40
N HIS B 478 -19.68 -40.84 -14.65
CA HIS B 478 -19.72 -42.30 -14.64
C HIS B 478 -19.68 -42.88 -13.24
N LEU B 479 -20.21 -44.08 -13.11
CA LEU B 479 -20.31 -44.78 -11.84
C LEU B 479 -19.00 -45.50 -11.53
N TYR B 480 -18.52 -45.36 -10.29
CA TYR B 480 -17.28 -45.98 -9.84
C TYR B 480 -17.53 -46.67 -8.50
N LYS B 481 -17.28 -47.98 -8.44
CA LYS B 481 -17.25 -48.69 -7.15
C LYS B 481 -15.90 -48.41 -6.50
N ILE B 482 -15.93 -47.96 -5.24
CA ILE B 482 -14.73 -47.51 -4.55
C ILE B 482 -14.70 -48.12 -3.15
N THR B 483 -13.53 -48.64 -2.77
CA THR B 483 -13.30 -49.20 -1.44
C THR B 483 -12.19 -48.41 -0.77
N SER B 484 -12.44 -47.92 0.44
CA SER B 484 -11.51 -47.01 1.13
C SER B 484 -11.11 -47.54 2.49
N ILE B 485 -9.80 -47.52 2.77
CA ILE B 485 -9.27 -48.07 4.02
C ILE B 485 -9.41 -47.01 5.10
N LEU B 486 -10.00 -47.40 6.22
CA LEU B 486 -10.22 -46.49 7.35
C LEU B 486 -9.06 -46.58 8.35
N LYS B 487 -7.94 -45.95 7.99
CA LYS B 487 -6.75 -45.90 8.85
C LYS B 487 -6.96 -44.96 10.03
N GLU B 488 -6.27 -45.25 11.13
CA GLU B 488 -6.13 -44.28 12.22
C GLU B 488 -5.28 -43.13 11.68
N SER B 489 -5.68 -41.90 11.97
CA SER B 489 -5.01 -40.73 11.40
C SER B 489 -3.67 -40.47 12.06
N LYS B 490 -2.73 -39.97 11.26
CA LYS B 490 -1.39 -39.61 11.73
C LYS B 490 -1.44 -38.38 12.64
N TYR B 491 -2.44 -37.52 12.43
CA TYR B 491 -2.70 -36.37 13.31
C TYR B 491 -3.19 -36.85 14.67
N LYS B 492 -2.50 -36.40 15.73
CA LYS B 492 -2.87 -36.67 17.11
C LYS B 492 -3.24 -35.36 17.80
N ARG B 493 -4.46 -35.30 18.33
CA ARG B 493 -5.03 -34.08 18.88
C ARG B 493 -4.36 -33.59 20.19
N SER B 494 -3.72 -34.51 20.93
CA SER B 494 -3.02 -34.19 22.18
C SER B 494 -1.86 -33.20 22.01
N SER B 495 -1.15 -33.30 20.89
CA SER B 495 -0.06 -32.37 20.55
C SER B 495 -0.50 -30.90 20.47
N GLY B 496 -1.77 -30.65 20.16
CA GLY B 496 -2.32 -29.30 20.16
C GLY B 496 -1.98 -28.46 18.94
N GLY B 497 -1.51 -29.10 17.87
CA GLY B 497 -1.30 -28.44 16.58
C GLY B 497 -2.56 -28.51 15.74
N LEU B 498 -2.59 -27.74 14.67
CA LEU B 498 -3.69 -27.79 13.70
C LEU B 498 -3.32 -28.87 12.66
N PRO B 499 -4.29 -29.70 12.24
CA PRO B 499 -3.99 -30.80 11.32
C PRO B 499 -3.56 -30.33 9.92
N ALA B 500 -2.59 -31.02 9.34
CA ALA B 500 -2.07 -30.72 8.01
C ALA B 500 -3.13 -30.97 6.93
N PRO B 501 -2.98 -30.31 5.75
CA PRO B 501 -3.90 -30.44 4.62
C PRO B 501 -4.51 -31.82 4.32
N SER B 502 -3.75 -32.91 4.51
CA SER B 502 -4.21 -34.25 4.12
C SER B 502 -4.02 -35.31 5.21
N ASP B 503 -4.10 -34.92 6.48
CA ASP B 503 -4.00 -35.87 7.61
C ASP B 503 -5.20 -36.82 7.72
N PHE B 504 -6.36 -36.40 7.24
CA PHE B 504 -7.59 -37.21 7.31
C PHE B 504 -7.85 -38.06 6.06
N LYS B 505 -7.00 -37.95 5.03
CA LYS B 505 -7.24 -38.65 3.76
C LYS B 505 -7.06 -40.17 3.90
N CYS B 506 -8.13 -40.90 3.60
CA CYS B 506 -8.12 -42.36 3.63
C CYS B 506 -7.54 -42.91 2.32
N PRO B 507 -6.72 -43.97 2.39
CA PRO B 507 -6.21 -44.54 1.14
C PRO B 507 -7.29 -45.28 0.33
N ILE B 508 -7.23 -45.12 -0.99
CA ILE B 508 -8.14 -45.82 -1.90
C ILE B 508 -7.54 -47.18 -2.20
N LYS B 509 -8.16 -48.23 -1.67
CA LYS B 509 -7.73 -49.60 -1.95
C LYS B 509 -8.04 -50.00 -3.40
N GLU B 510 -9.27 -49.69 -3.82
CA GLU B 510 -9.78 -50.10 -5.13
C GLU B 510 -10.61 -48.97 -5.73
N GLU B 511 -10.69 -48.92 -7.06
CA GLU B 511 -11.53 -47.95 -7.75
C GLU B 511 -11.89 -48.45 -9.15
N ILE B 512 -12.93 -49.29 -9.23
CA ILE B 512 -13.37 -49.88 -10.49
C ILE B 512 -14.36 -48.93 -11.19
N ALA B 513 -14.08 -48.60 -12.45
CA ALA B 513 -15.07 -47.90 -13.28
C ALA B 513 -16.14 -48.87 -13.76
N ILE B 514 -17.39 -48.61 -13.37
CA ILE B 514 -18.54 -49.43 -13.73
C ILE B 514 -19.05 -49.07 -15.12
N THR B 515 -19.07 -47.77 -15.45
CA THR B 515 -19.46 -47.29 -16.78
C THR B 515 -18.39 -46.39 -17.37
N SER B 516 -18.45 -46.19 -18.70
CA SER B 516 -17.48 -45.35 -19.43
C SER B 516 -17.94 -45.03 -20.85
N GLY B 517 -17.49 -43.89 -21.37
CA GLY B 517 -17.79 -43.47 -22.75
C GLY B 517 -18.05 -41.99 -22.95
N GLU B 518 -18.50 -41.64 -24.15
CA GLU B 518 -18.82 -40.26 -24.54
C GLU B 518 -20.30 -39.97 -24.26
N TRP B 519 -20.70 -40.22 -23.01
CA TRP B 519 -22.08 -40.14 -22.58
C TRP B 519 -22.07 -40.12 -21.05
N GLU B 520 -23.08 -39.50 -20.43
CA GLU B 520 -23.11 -39.37 -18.98
C GLU B 520 -24.22 -40.17 -18.30
N VAL B 521 -23.94 -40.57 -17.07
CA VAL B 521 -24.96 -41.06 -16.13
C VAL B 521 -25.66 -39.84 -15.53
N LEU B 522 -26.97 -39.95 -15.34
CA LEU B 522 -27.81 -38.88 -14.81
C LEU B 522 -28.04 -39.08 -13.31
N GLY B 523 -27.87 -38.00 -12.54
CA GLY B 523 -28.01 -38.02 -11.08
C GLY B 523 -28.64 -36.79 -10.45
N ARG B 524 -29.49 -36.07 -11.20
CA ARG B 524 -30.19 -34.89 -10.72
C ARG B 524 -31.68 -34.95 -11.09
N HIS B 525 -32.48 -34.11 -10.41
CA HIS B 525 -33.90 -33.94 -10.71
C HIS B 525 -34.73 -35.24 -10.63
N GLY B 526 -34.30 -36.18 -9.79
CA GLY B 526 -34.99 -37.47 -9.64
C GLY B 526 -34.28 -38.66 -10.26
N SER B 527 -33.30 -38.39 -11.13
CA SER B 527 -32.44 -39.44 -11.66
C SER B 527 -31.50 -39.92 -10.55
N ASN B 528 -31.46 -41.23 -10.36
CA ASN B 528 -30.58 -41.83 -9.36
C ASN B 528 -30.32 -43.27 -9.77
N ILE B 529 -29.60 -44.00 -8.93
CA ILE B 529 -29.31 -45.40 -9.17
C ILE B 529 -30.13 -46.27 -8.24
N GLN B 530 -30.27 -47.55 -8.60
CA GLN B 530 -30.86 -48.57 -7.73
C GLN B 530 -29.93 -49.77 -7.72
N VAL B 531 -29.30 -50.02 -6.59
CA VAL B 531 -28.40 -51.16 -6.44
C VAL B 531 -29.22 -52.43 -6.09
N ASP B 532 -28.80 -53.56 -6.66
CA ASP B 532 -29.35 -54.88 -6.36
C ASP B 532 -28.23 -55.70 -5.72
N GLU B 533 -28.16 -55.66 -4.39
CA GLU B 533 -27.07 -56.33 -3.66
C GLU B 533 -27.13 -57.86 -3.71
N VAL B 534 -28.27 -58.43 -4.12
CA VAL B 534 -28.40 -59.88 -4.33
C VAL B 534 -27.70 -60.28 -5.63
N ARG B 535 -28.27 -59.90 -6.78
CA ARG B 535 -27.70 -60.22 -8.10
C ARG B 535 -26.53 -59.31 -8.51
N ARG B 536 -26.11 -58.41 -7.61
CA ARG B 536 -24.92 -57.58 -7.79
C ARG B 536 -24.94 -56.75 -9.08
N LEU B 537 -26.08 -56.10 -9.31
CA LEU B 537 -26.31 -55.21 -10.45
C LEU B 537 -26.50 -53.77 -9.97
N VAL B 538 -26.59 -52.85 -10.92
CA VAL B 538 -26.94 -51.46 -10.63
C VAL B 538 -27.75 -50.89 -11.79
N TYR B 539 -28.97 -50.44 -11.50
CA TYR B 539 -29.81 -49.80 -12.50
C TYR B 539 -29.51 -48.30 -12.46
N PHE B 540 -29.57 -47.63 -13.62
CA PHE B 540 -29.23 -46.20 -13.73
C PHE B 540 -29.79 -45.57 -15.00
N GLU B 541 -29.93 -44.24 -15.00
CA GLU B 541 -30.37 -43.51 -16.19
C GLU B 541 -29.15 -42.86 -16.82
N GLY B 542 -29.14 -42.77 -18.14
CA GLY B 542 -28.03 -42.17 -18.88
C GLY B 542 -28.35 -41.81 -20.32
N THR B 543 -27.35 -41.25 -21.01
CA THR B 543 -27.49 -40.74 -22.38
C THR B 543 -26.73 -41.58 -23.42
N LYS B 544 -26.44 -42.84 -23.12
CA LYS B 544 -25.59 -43.67 -23.98
C LYS B 544 -26.10 -43.81 -25.42
N ASP B 545 -27.39 -44.03 -25.58
CA ASP B 545 -27.99 -44.15 -26.90
C ASP B 545 -28.17 -42.81 -27.60
N SER B 546 -28.35 -41.73 -26.84
CA SER B 546 -28.48 -40.38 -27.40
C SER B 546 -28.41 -39.29 -26.34
N PRO B 547 -27.83 -38.12 -26.70
CA PRO B 547 -27.96 -36.96 -25.82
C PRO B 547 -29.36 -36.30 -25.86
N LEU B 548 -30.22 -36.71 -26.81
CA LEU B 548 -31.61 -36.25 -26.89
C LEU B 548 -32.62 -37.18 -26.20
N GLU B 549 -32.17 -38.26 -25.56
CA GLU B 549 -33.07 -39.23 -24.91
C GLU B 549 -32.43 -39.82 -23.66
N HIS B 550 -33.14 -39.73 -22.55
CA HIS B 550 -32.75 -40.39 -21.30
C HIS B 550 -33.27 -41.83 -21.36
N HIS B 551 -32.45 -42.80 -20.94
CA HIS B 551 -32.83 -44.22 -20.97
C HIS B 551 -32.35 -44.96 -19.73
N LEU B 552 -33.00 -46.09 -19.44
CA LEU B 552 -32.69 -46.91 -18.28
C LEU B 552 -31.74 -48.05 -18.66
N TYR B 553 -30.65 -48.18 -17.92
CA TYR B 553 -29.65 -49.21 -18.18
C TYR B 553 -29.36 -50.00 -16.91
N VAL B 554 -28.85 -51.21 -17.09
CA VAL B 554 -28.43 -52.07 -15.98
C VAL B 554 -27.07 -52.67 -16.31
N VAL B 555 -26.28 -52.93 -15.27
CA VAL B 555 -24.92 -53.44 -15.42
C VAL B 555 -24.40 -54.00 -14.09
N SER B 556 -23.50 -54.98 -14.15
CA SER B 556 -22.86 -55.52 -12.94
C SER B 556 -21.86 -54.52 -12.38
N TYR B 557 -21.71 -54.49 -11.05
CA TYR B 557 -20.72 -53.64 -10.38
C TYR B 557 -19.51 -54.42 -9.85
N VAL B 558 -19.45 -55.73 -10.10
CA VAL B 558 -18.28 -56.56 -9.76
C VAL B 558 -17.45 -56.81 -11.03
N ASN B 559 -18.10 -57.36 -12.05
CA ASN B 559 -17.48 -57.59 -13.35
C ASN B 559 -18.19 -56.71 -14.38
N PRO B 560 -17.89 -55.39 -14.36
CA PRO B 560 -18.61 -54.48 -15.26
C PRO B 560 -18.26 -54.69 -16.71
N GLY B 561 -19.27 -54.90 -17.55
CA GLY B 561 -19.07 -55.13 -18.98
C GLY B 561 -20.20 -54.56 -19.81
N GLU B 562 -20.88 -55.42 -20.56
CA GLU B 562 -22.02 -55.05 -21.40
C GLU B 562 -23.04 -54.21 -20.62
N VAL B 563 -23.37 -53.03 -21.14
CA VAL B 563 -24.42 -52.19 -20.56
C VAL B 563 -25.70 -52.47 -21.34
N THR B 564 -26.72 -52.95 -20.64
CA THR B 564 -27.99 -53.35 -21.26
C THR B 564 -29.04 -52.26 -21.11
N ARG B 565 -29.64 -51.85 -22.22
CA ARG B 565 -30.73 -50.87 -22.22
C ARG B 565 -32.05 -51.57 -21.95
N LEU B 566 -32.85 -51.00 -21.06
CA LEU B 566 -34.16 -51.55 -20.69
C LEU B 566 -35.36 -50.74 -21.24
N THR B 567 -35.11 -49.54 -21.76
CA THR B 567 -36.20 -48.66 -22.20
C THR B 567 -36.18 -48.53 -23.73
N ASP B 568 -37.37 -48.47 -24.33
CA ASP B 568 -37.50 -48.47 -25.78
C ASP B 568 -37.10 -47.12 -26.40
N ARG B 569 -36.35 -47.17 -27.49
CA ARG B 569 -35.89 -45.97 -28.21
C ARG B 569 -37.04 -45.23 -28.89
N GLY B 570 -36.77 -43.98 -29.25
CA GLY B 570 -37.80 -43.08 -29.80
C GLY B 570 -38.61 -42.35 -28.76
N TYR B 571 -38.22 -42.51 -27.48
CA TYR B 571 -38.83 -41.84 -26.34
C TYR B 571 -37.70 -41.46 -25.37
N SER B 572 -37.93 -40.39 -24.61
CA SER B 572 -37.08 -40.07 -23.43
C SER B 572 -37.81 -40.61 -22.20
N HIS B 573 -37.05 -41.08 -21.21
CA HIS B 573 -37.60 -41.81 -20.08
C HIS B 573 -37.09 -41.28 -18.73
N SER B 574 -38.03 -40.94 -17.85
CA SER B 574 -37.74 -40.72 -16.43
C SER B 574 -38.25 -41.95 -15.69
N CYS B 575 -37.35 -42.65 -15.00
CA CYS B 575 -37.65 -43.99 -14.48
C CYS B 575 -37.50 -44.13 -12.96
N CYS B 576 -38.31 -45.03 -12.40
CA CYS B 576 -38.29 -45.37 -10.98
C CYS B 576 -38.24 -46.88 -10.89
N ILE B 577 -37.23 -47.42 -10.21
CA ILE B 577 -37.03 -48.87 -10.10
C ILE B 577 -37.47 -49.32 -8.71
N SER B 578 -38.22 -50.41 -8.65
CA SER B 578 -38.65 -50.98 -7.38
C SER B 578 -37.46 -51.32 -6.50
N GLN B 579 -37.67 -51.20 -5.19
CA GLN B 579 -36.66 -51.58 -4.18
C GLN B 579 -36.31 -53.07 -4.22
N HIS B 580 -37.24 -53.90 -4.71
CA HIS B 580 -37.02 -55.34 -4.87
C HIS B 580 -36.41 -55.70 -6.25
N CYS B 581 -36.18 -54.68 -7.09
CA CYS B 581 -35.47 -54.80 -8.37
C CYS B 581 -36.10 -55.79 -9.37
N ASP B 582 -37.41 -56.00 -9.22
CA ASP B 582 -38.18 -56.90 -10.07
C ASP B 582 -39.25 -56.17 -10.88
N PHE B 583 -39.27 -54.84 -10.80
CA PHE B 583 -40.16 -53.98 -11.59
C PHE B 583 -39.50 -52.61 -11.78
N PHE B 584 -39.97 -51.85 -12.76
CA PHE B 584 -39.67 -50.43 -12.85
C PHE B 584 -40.80 -49.68 -13.53
N ILE B 585 -40.95 -48.41 -13.20
CA ILE B 585 -41.97 -47.54 -13.80
C ILE B 585 -41.23 -46.51 -14.63
N SER B 586 -41.79 -46.16 -15.78
CA SER B 586 -41.19 -45.17 -16.67
C SER B 586 -42.23 -44.14 -17.05
N LYS B 587 -41.92 -42.87 -16.76
CA LYS B 587 -42.64 -41.74 -17.32
C LYS B 587 -41.90 -41.38 -18.60
N TYR B 588 -42.59 -41.43 -19.74
CA TYR B 588 -41.94 -41.28 -21.05
C TYR B 588 -42.74 -40.44 -22.03
N SER B 589 -42.03 -39.74 -22.92
CA SER B 589 -42.64 -38.97 -23.99
C SER B 589 -41.69 -38.85 -25.17
N ASN B 590 -42.23 -38.39 -26.28
CA ASN B 590 -41.43 -37.92 -27.41
C ASN B 590 -42.04 -36.64 -27.97
N GLN B 591 -41.36 -36.04 -28.94
CA GLN B 591 -41.75 -34.75 -29.51
C GLN B 591 -43.21 -34.69 -30.00
N LYS B 592 -43.72 -35.80 -30.53
CA LYS B 592 -45.10 -35.89 -31.07
C LYS B 592 -46.17 -36.37 -30.07
N ASN B 593 -45.77 -37.11 -29.03
CA ASN B 593 -46.71 -37.76 -28.10
C ASN B 593 -46.53 -37.32 -26.64
N PRO B 594 -47.63 -36.88 -25.97
CA PRO B 594 -47.60 -36.54 -24.54
C PRO B 594 -47.14 -37.62 -23.58
N HIS B 595 -46.97 -37.23 -22.32
CA HIS B 595 -46.39 -38.09 -21.30
C HIS B 595 -47.28 -39.29 -21.02
N CYS B 596 -46.62 -40.42 -20.75
CA CYS B 596 -47.27 -41.67 -20.34
C CYS B 596 -46.51 -42.19 -19.14
N VAL B 597 -47.16 -43.00 -18.32
CA VAL B 597 -46.51 -43.70 -17.21
C VAL B 597 -46.90 -45.16 -17.28
N SER B 598 -45.90 -46.05 -17.28
CA SER B 598 -46.14 -47.48 -17.50
C SER B 598 -45.27 -48.34 -16.61
N LEU B 599 -45.83 -49.49 -16.21
CA LEU B 599 -45.14 -50.47 -15.37
C LEU B 599 -44.53 -51.54 -16.27
N TYR B 600 -43.27 -51.86 -16.02
CA TYR B 600 -42.54 -52.92 -16.74
C TYR B 600 -41.96 -53.91 -15.75
N LYS B 601 -42.21 -55.21 -15.98
CA LYS B 601 -41.65 -56.28 -15.16
C LYS B 601 -40.29 -56.70 -15.67
N LEU B 602 -39.35 -56.90 -14.75
CA LEU B 602 -38.01 -57.38 -15.07
C LEU B 602 -37.88 -58.87 -14.76
N SER B 603 -37.18 -59.57 -15.63
CA SER B 603 -36.77 -60.96 -15.37
C SER B 603 -35.53 -61.30 -16.20
N SER B 604 -35.06 -62.53 -16.03
CA SER B 604 -33.91 -63.05 -16.74
C SER B 604 -34.34 -64.25 -17.58
N PRO B 605 -33.57 -64.56 -18.65
CA PRO B 605 -33.70 -65.89 -19.26
C PRO B 605 -33.21 -66.95 -18.28
N GLU B 606 -33.88 -68.11 -18.30
CA GLU B 606 -33.56 -69.24 -17.39
C GLU B 606 -32.07 -69.58 -17.32
N ASP B 607 -31.38 -69.54 -18.47
CA ASP B 607 -29.96 -69.90 -18.56
C ASP B 607 -28.95 -68.83 -18.11
N ASP B 608 -29.40 -67.58 -17.94
CA ASP B 608 -28.48 -66.46 -17.63
C ASP B 608 -29.15 -65.38 -16.76
N PRO B 609 -29.00 -65.48 -15.41
CA PRO B 609 -29.48 -64.41 -14.50
C PRO B 609 -28.83 -63.02 -14.67
N THR B 610 -27.65 -62.95 -15.28
CA THR B 610 -26.99 -61.66 -15.62
C THR B 610 -27.79 -60.86 -16.64
N CYS B 611 -28.26 -61.53 -17.68
CA CYS B 611 -28.99 -60.91 -18.78
C CYS B 611 -30.39 -60.49 -18.29
N LYS B 612 -30.68 -59.19 -18.37
CA LYS B 612 -31.97 -58.65 -17.92
C LYS B 612 -32.86 -58.30 -19.10
N THR B 613 -34.12 -58.71 -19.01
CA THR B 613 -35.13 -58.42 -20.01
C THR B 613 -36.26 -57.67 -19.34
N LYS B 614 -37.19 -57.16 -20.13
CA LYS B 614 -38.36 -56.48 -19.59
C LYS B 614 -39.61 -56.77 -20.40
N GLU B 615 -40.76 -56.70 -19.72
CA GLU B 615 -42.04 -56.93 -20.35
C GLU B 615 -43.05 -55.91 -19.82
N PHE B 616 -43.78 -55.28 -20.72
CA PHE B 616 -44.89 -54.40 -20.35
C PHE B 616 -45.87 -55.17 -19.48
N TRP B 617 -46.19 -54.61 -18.31
CA TRP B 617 -47.11 -55.23 -17.35
C TRP B 617 -48.44 -54.49 -17.34
N ALA B 618 -48.38 -53.17 -17.15
CA ALA B 618 -49.59 -52.34 -17.11
C ALA B 618 -49.34 -50.86 -17.38
N THR B 619 -50.41 -50.17 -17.81
CA THR B 619 -50.44 -48.71 -17.91
C THR B 619 -50.89 -48.11 -16.57
N ILE B 620 -50.19 -47.06 -16.13
CA ILE B 620 -50.58 -46.30 -14.93
C ILE B 620 -51.28 -45.01 -15.34
N LEU B 621 -50.67 -44.25 -16.24
CA LEU B 621 -51.29 -43.07 -16.84
C LEU B 621 -51.20 -43.18 -18.35
N ASP B 622 -52.36 -43.17 -19.00
CA ASP B 622 -52.44 -43.27 -20.44
C ASP B 622 -52.30 -41.87 -21.03
N SER B 623 -51.57 -41.76 -22.15
CA SER B 623 -51.43 -40.48 -22.86
C SER B 623 -52.78 -40.01 -23.36
N ALA B 624 -52.97 -38.69 -23.35
CA ALA B 624 -54.18 -38.07 -23.93
C ALA B 624 -54.29 -38.29 -25.45
N GLY B 625 -53.13 -38.47 -26.10
CA GLY B 625 -53.03 -38.72 -27.54
C GLY B 625 -52.38 -37.54 -28.22
N PRO B 626 -52.04 -37.67 -29.52
CA PRO B 626 -51.55 -36.51 -30.26
C PRO B 626 -52.47 -35.30 -30.07
N LEU B 627 -51.86 -34.17 -29.70
CA LEU B 627 -52.60 -32.99 -29.27
C LEU B 627 -53.22 -32.31 -30.50
N PRO B 628 -54.56 -32.09 -30.51
CA PRO B 628 -55.29 -31.53 -31.67
C PRO B 628 -54.67 -30.29 -32.37
N ASP B 629 -54.32 -29.27 -31.60
CA ASP B 629 -53.77 -28.02 -32.14
C ASP B 629 -52.24 -28.00 -32.29
N TYR B 630 -51.53 -28.67 -31.39
CA TYR B 630 -50.07 -28.63 -31.35
C TYR B 630 -49.42 -29.34 -32.53
N THR B 631 -48.76 -28.55 -33.39
CA THR B 631 -47.83 -29.06 -34.41
C THR B 631 -46.44 -29.06 -33.76
N PRO B 632 -45.82 -30.26 -33.58
CA PRO B 632 -44.48 -30.30 -32.96
C PRO B 632 -43.36 -29.73 -33.82
N PRO B 633 -42.23 -29.35 -33.19
CA PRO B 633 -41.06 -28.94 -33.94
C PRO B 633 -40.27 -30.15 -34.47
N GLU B 634 -39.30 -29.86 -35.34
CA GLU B 634 -38.37 -30.88 -35.83
C GLU B 634 -37.02 -30.64 -35.19
N ILE B 635 -36.41 -31.70 -34.66
CA ILE B 635 -35.05 -31.61 -34.15
C ILE B 635 -34.10 -31.58 -35.35
N PHE B 636 -33.14 -30.67 -35.32
CA PHE B 636 -32.07 -30.62 -36.32
C PHE B 636 -30.71 -30.58 -35.63
N SER B 637 -29.66 -30.65 -36.42
CA SER B 637 -28.29 -30.49 -35.91
C SER B 637 -27.36 -29.98 -36.99
N PHE B 638 -26.19 -29.51 -36.57
CA PHE B 638 -25.19 -28.97 -37.47
C PHE B 638 -23.81 -29.07 -36.85
N GLU B 639 -22.80 -29.37 -37.67
CA GLU B 639 -21.43 -29.49 -37.19
C GLU B 639 -20.85 -28.08 -37.06
N SER B 640 -20.81 -27.59 -35.83
CA SER B 640 -20.31 -26.25 -35.54
C SER B 640 -18.80 -26.19 -35.77
N THR B 641 -18.33 -25.01 -36.15
CA THR B 641 -16.89 -24.75 -36.32
C THR B 641 -16.12 -24.80 -34.99
N THR B 642 -16.85 -24.90 -33.88
CA THR B 642 -16.26 -25.17 -32.56
C THR B 642 -15.80 -26.62 -32.36
N GLY B 643 -16.22 -27.53 -33.24
CA GLY B 643 -15.86 -28.95 -33.13
C GLY B 643 -16.95 -29.85 -32.55
N PHE B 644 -17.96 -29.26 -31.92
CA PHE B 644 -19.09 -30.00 -31.36
C PHE B 644 -20.26 -30.02 -32.34
N THR B 645 -21.08 -31.07 -32.25
CA THR B 645 -22.40 -31.07 -32.86
C THR B 645 -23.30 -30.23 -31.94
N LEU B 646 -24.13 -29.36 -32.53
CA LEU B 646 -25.09 -28.57 -31.76
C LEU B 646 -26.49 -28.89 -32.25
N TYR B 647 -27.36 -29.29 -31.33
CA TYR B 647 -28.74 -29.64 -31.65
C TYR B 647 -29.67 -28.44 -31.50
N GLY B 648 -30.84 -28.53 -32.12
CA GLY B 648 -31.80 -27.43 -32.12
C GLY B 648 -33.20 -27.87 -32.52
N MET B 649 -34.20 -27.06 -32.19
CA MET B 649 -35.59 -27.33 -32.58
C MET B 649 -36.06 -26.25 -33.56
N LEU B 650 -36.83 -26.67 -34.57
CA LEU B 650 -37.38 -25.77 -35.58
C LEU B 650 -38.88 -25.94 -35.66
N TYR B 651 -39.60 -24.86 -35.39
CA TYR B 651 -41.03 -24.78 -35.66
C TYR B 651 -41.18 -24.05 -36.99
N LYS B 652 -41.59 -24.76 -38.04
CA LYS B 652 -41.94 -24.13 -39.32
C LYS B 652 -43.28 -23.41 -39.14
N PRO B 653 -43.51 -22.32 -39.89
CA PRO B 653 -44.85 -21.71 -39.87
C PRO B 653 -45.94 -22.63 -40.40
N HIS B 654 -47.14 -22.49 -39.84
CA HIS B 654 -48.30 -23.26 -40.32
C HIS B 654 -48.84 -22.57 -41.57
N ASP B 655 -49.37 -23.35 -42.50
CA ASP B 655 -49.79 -22.87 -43.82
C ASP B 655 -48.64 -22.17 -44.53
N LEU B 656 -47.53 -22.89 -44.67
CA LEU B 656 -46.33 -22.36 -45.31
C LEU B 656 -46.57 -22.39 -46.83
N GLN B 657 -46.69 -21.20 -47.43
CA GLN B 657 -46.77 -21.08 -48.89
C GLN B 657 -45.38 -20.76 -49.47
N PRO B 658 -45.06 -21.31 -50.66
CA PRO B 658 -43.70 -21.12 -51.17
C PRO B 658 -43.47 -19.73 -51.74
N GLY B 659 -42.20 -19.43 -52.02
CA GLY B 659 -41.80 -18.13 -52.56
C GLY B 659 -41.85 -16.98 -51.55
N LYS B 660 -41.90 -17.29 -50.26
CA LYS B 660 -42.05 -16.28 -49.20
C LYS B 660 -41.13 -16.53 -48.02
N LYS B 661 -40.69 -15.44 -47.38
CA LYS B 661 -39.80 -15.50 -46.20
C LYS B 661 -40.50 -14.91 -44.97
N TYR B 662 -40.51 -15.69 -43.89
CA TYR B 662 -41.25 -15.39 -42.67
C TYR B 662 -40.31 -14.81 -41.59
N PRO B 663 -40.86 -13.98 -40.67
CA PRO B 663 -40.06 -13.46 -39.56
C PRO B 663 -39.71 -14.55 -38.55
N THR B 664 -38.54 -14.44 -37.93
CA THR B 664 -37.99 -15.51 -37.09
C THR B 664 -37.83 -15.07 -35.64
N VAL B 665 -38.34 -15.88 -34.71
CA VAL B 665 -38.17 -15.64 -33.28
C VAL B 665 -37.30 -16.74 -32.70
N LEU B 666 -36.19 -16.34 -32.09
CA LEU B 666 -35.26 -17.27 -31.46
C LEU B 666 -35.55 -17.30 -29.96
N PHE B 667 -36.22 -18.36 -29.50
CA PHE B 667 -36.38 -18.60 -28.08
C PHE B 667 -35.09 -19.20 -27.52
N ILE B 668 -34.65 -18.68 -26.36
CA ILE B 668 -33.34 -19.01 -25.81
C ILE B 668 -33.35 -19.11 -24.28
N TYR B 669 -32.52 -20.02 -23.77
CA TYR B 669 -32.08 -19.98 -22.37
C TYR B 669 -30.56 -19.89 -22.39
N GLY B 670 -29.89 -20.93 -22.87
CA GLY B 670 -28.46 -20.88 -23.16
C GLY B 670 -27.47 -20.94 -21.99
N GLY B 671 -27.97 -20.84 -20.76
CA GLY B 671 -27.12 -21.02 -19.58
C GLY B 671 -26.95 -22.48 -19.18
N PRO B 672 -26.08 -22.74 -18.18
CA PRO B 672 -25.79 -24.09 -17.70
C PRO B 672 -26.94 -24.75 -16.96
N GLN B 673 -26.84 -26.06 -16.82
CA GLN B 673 -27.80 -26.90 -16.09
C GLN B 673 -29.17 -27.03 -16.76
N VAL B 674 -29.27 -26.67 -18.05
CA VAL B 674 -30.51 -26.79 -18.81
C VAL B 674 -30.21 -27.28 -20.23
N GLN B 675 -31.01 -28.24 -20.69
CA GLN B 675 -31.05 -28.65 -22.09
C GLN B 675 -32.48 -28.40 -22.54
N LEU B 676 -32.68 -27.50 -23.50
CA LEU B 676 -34.01 -27.27 -24.08
C LEU B 676 -34.36 -28.26 -25.18
N VAL B 677 -33.34 -28.81 -25.85
CA VAL B 677 -33.54 -29.59 -27.07
C VAL B 677 -33.31 -31.06 -26.78
N ASN B 678 -34.36 -31.83 -26.96
CA ASN B 678 -34.35 -33.28 -26.72
C ASN B 678 -35.68 -33.84 -27.23
N ASN B 679 -35.81 -35.17 -27.21
CA ASN B 679 -37.01 -35.84 -27.70
C ASN B 679 -38.00 -36.06 -26.55
N ARG B 680 -38.62 -34.95 -26.12
CA ARG B 680 -39.69 -34.95 -25.13
C ARG B 680 -40.83 -34.12 -25.66
N PHE B 681 -42.01 -34.32 -25.09
CA PHE B 681 -43.18 -33.52 -25.47
C PHE B 681 -43.03 -32.10 -24.94
N LYS B 682 -43.02 -31.13 -25.85
CA LYS B 682 -42.90 -29.70 -25.51
C LYS B 682 -44.21 -28.94 -25.71
N GLY B 683 -45.33 -29.66 -25.80
CA GLY B 683 -46.62 -29.05 -26.10
C GLY B 683 -47.40 -28.54 -24.90
N VAL B 684 -46.86 -28.71 -23.70
CA VAL B 684 -47.44 -28.14 -22.49
C VAL B 684 -46.67 -26.87 -22.11
N LYS B 685 -45.41 -27.05 -21.70
CA LYS B 685 -44.61 -25.95 -21.17
C LYS B 685 -44.22 -24.94 -22.26
N TYR B 686 -43.87 -25.45 -23.44
CA TYR B 686 -43.52 -24.59 -24.59
C TYR B 686 -44.62 -24.62 -25.65
N PHE B 687 -45.87 -24.56 -25.21
CA PHE B 687 -47.02 -24.56 -26.11
C PHE B 687 -47.09 -23.29 -26.96
N ARG B 688 -46.66 -22.15 -26.42
CA ARG B 688 -46.78 -20.87 -27.13
C ARG B 688 -45.76 -20.64 -28.26
N LEU B 689 -44.74 -21.49 -28.34
CA LEU B 689 -43.88 -21.55 -29.52
C LEU B 689 -44.69 -22.02 -30.73
N ASN B 690 -45.57 -22.99 -30.50
CA ASN B 690 -46.53 -23.46 -31.51
C ASN B 690 -47.51 -22.35 -31.92
N THR B 691 -48.03 -21.61 -30.94
CA THR B 691 -48.91 -20.47 -31.20
C THR B 691 -48.22 -19.40 -32.05
N LEU B 692 -46.93 -19.15 -31.80
CA LEU B 692 -46.15 -18.24 -32.64
C LEU B 692 -46.06 -18.76 -34.08
N ALA B 693 -45.83 -20.06 -34.22
CA ALA B 693 -45.80 -20.68 -35.54
C ALA B 693 -47.12 -20.54 -36.31
N SER B 694 -48.26 -20.60 -35.61
CA SER B 694 -49.57 -20.45 -36.26
C SER B 694 -49.85 -19.03 -36.75
N LEU B 695 -49.24 -18.03 -36.11
CA LEU B 695 -49.33 -16.63 -36.56
C LEU B 695 -48.41 -16.31 -37.75
N GLY B 696 -47.45 -17.20 -38.03
CA GLY B 696 -46.52 -17.03 -39.14
C GLY B 696 -45.15 -16.58 -38.69
N TYR B 697 -44.64 -17.15 -37.61
CA TYR B 697 -43.26 -16.91 -37.18
C TYR B 697 -42.49 -18.22 -37.30
N VAL B 698 -41.26 -18.13 -37.79
CA VAL B 698 -40.31 -19.23 -37.67
C VAL B 698 -39.84 -19.16 -36.22
N VAL B 699 -39.88 -20.29 -35.51
CA VAL B 699 -39.34 -20.35 -34.15
C VAL B 699 -38.13 -21.26 -34.12
N VAL B 700 -37.06 -20.80 -33.48
CA VAL B 700 -35.80 -21.53 -33.40
C VAL B 700 -35.40 -21.65 -31.94
N VAL B 701 -34.86 -22.82 -31.58
CA VAL B 701 -34.29 -23.06 -30.25
C VAL B 701 -33.00 -23.84 -30.47
N ILE B 702 -31.92 -23.43 -29.80
CA ILE B 702 -30.60 -24.05 -29.99
C ILE B 702 -29.88 -24.19 -28.66
N ASP B 703 -29.56 -25.43 -28.29
CA ASP B 703 -28.67 -25.69 -27.16
C ASP B 703 -27.25 -25.35 -27.58
N ASN B 704 -26.81 -24.18 -27.15
CA ASN B 704 -25.41 -23.75 -27.35
C ASN B 704 -24.47 -24.42 -26.35
N ARG B 705 -23.17 -24.22 -26.57
CA ARG B 705 -22.11 -24.67 -25.65
C ARG B 705 -22.38 -24.13 -24.26
N GLY B 706 -22.06 -24.94 -23.25
CA GLY B 706 -22.41 -24.64 -21.86
C GLY B 706 -23.61 -25.41 -21.33
N SER B 707 -24.49 -25.86 -22.24
CA SER B 707 -25.75 -26.50 -21.86
C SER B 707 -25.57 -27.94 -21.36
N CYS B 708 -26.65 -28.49 -20.84
CA CYS B 708 -26.67 -29.76 -20.07
C CYS B 708 -26.51 -30.99 -20.98
N HIS B 709 -26.04 -32.08 -20.39
CA HIS B 709 -26.08 -33.44 -20.99
C HIS B 709 -25.13 -33.69 -22.17
N ARG B 710 -23.97 -33.02 -22.18
CA ARG B 710 -22.97 -33.21 -23.25
C ARG B 710 -21.54 -33.38 -22.73
N GLY B 711 -21.40 -33.69 -21.44
CA GLY B 711 -20.09 -33.80 -20.80
C GLY B 711 -19.58 -32.47 -20.26
N LEU B 712 -18.60 -32.57 -19.37
CA LEU B 712 -18.09 -31.42 -18.63
C LEU B 712 -17.28 -30.45 -19.51
N LYS B 713 -16.66 -30.96 -20.58
CA LYS B 713 -15.91 -30.10 -21.52
C LYS B 713 -16.84 -29.16 -22.29
N PHE B 714 -17.92 -29.73 -22.83
CA PHE B 714 -18.98 -28.95 -23.51
C PHE B 714 -19.58 -27.88 -22.58
N GLU B 715 -19.80 -28.25 -21.32
CA GLU B 715 -20.33 -27.33 -20.30
C GLU B 715 -19.28 -26.25 -19.99
N GLY B 716 -18.04 -26.70 -19.78
CA GLY B 716 -16.91 -25.83 -19.41
C GLY B 716 -16.55 -24.72 -20.39
N ALA B 717 -17.00 -24.86 -21.64
CA ALA B 717 -16.76 -23.88 -22.71
C ALA B 717 -16.75 -22.42 -22.30
N PHE B 718 -17.69 -22.00 -21.43
CA PHE B 718 -17.78 -20.59 -21.03
C PHE B 718 -17.22 -20.24 -19.64
N LYS B 719 -16.35 -21.08 -19.07
CA LYS B 719 -15.80 -20.79 -17.74
C LYS B 719 -14.98 -19.50 -17.79
N TYR B 720 -15.27 -18.60 -16.84
CA TYR B 720 -14.73 -17.24 -16.79
C TYR B 720 -15.17 -16.33 -17.96
N LYS B 721 -16.10 -16.80 -18.78
CA LYS B 721 -16.37 -16.22 -20.09
C LYS B 721 -17.88 -16.14 -20.39
N MET B 722 -18.71 -16.01 -19.35
CA MET B 722 -20.16 -15.97 -19.56
C MET B 722 -20.54 -14.73 -20.34
N GLY B 723 -21.40 -14.92 -21.35
CA GLY B 723 -21.81 -13.87 -22.27
C GLY B 723 -21.10 -13.90 -23.62
N GLN B 724 -19.86 -14.38 -23.64
CA GLN B 724 -18.97 -14.17 -24.78
C GLN B 724 -19.07 -15.21 -25.90
N ILE B 725 -19.50 -16.44 -25.59
CA ILE B 725 -19.57 -17.52 -26.61
C ILE B 725 -20.99 -17.91 -27.08
N GLU B 726 -22.00 -17.60 -26.28
CA GLU B 726 -23.33 -18.20 -26.46
C GLU B 726 -24.01 -17.74 -27.75
N ILE B 727 -23.92 -16.46 -28.05
CA ILE B 727 -24.61 -15.88 -29.21
C ILE B 727 -23.96 -16.29 -30.53
N ASP B 728 -22.64 -16.53 -30.52
CA ASP B 728 -21.97 -17.08 -31.71
C ASP B 728 -22.60 -18.39 -32.17
N ASP B 729 -22.87 -19.29 -31.23
CA ASP B 729 -23.53 -20.57 -31.51
C ASP B 729 -24.97 -20.42 -31.98
N GLN B 730 -25.67 -19.40 -31.47
CA GLN B 730 -27.05 -19.13 -31.87
C GLN B 730 -27.08 -18.59 -33.31
N VAL B 731 -26.19 -17.64 -33.60
CA VAL B 731 -26.09 -17.05 -34.93
C VAL B 731 -25.65 -18.11 -35.95
N GLU B 732 -24.65 -18.91 -35.57
CA GLU B 732 -24.18 -20.02 -36.40
C GLU B 732 -25.30 -20.97 -36.80
N GLY B 733 -26.05 -21.41 -35.80
CA GLY B 733 -27.22 -22.27 -36.03
C GLY B 733 -28.31 -21.58 -36.82
N LEU B 734 -28.49 -20.29 -36.59
CA LEU B 734 -29.48 -19.49 -37.33
C LEU B 734 -29.09 -19.33 -38.81
N GLN B 735 -27.79 -19.19 -39.07
CA GLN B 735 -27.28 -19.12 -40.44
C GLN B 735 -27.32 -20.48 -41.16
N TYR B 736 -27.02 -21.55 -40.41
CA TYR B 736 -27.19 -22.92 -40.94
C TYR B 736 -28.63 -23.13 -41.44
N LEU B 737 -29.62 -22.72 -40.65
CA LEU B 737 -31.02 -22.88 -41.03
C LEU B 737 -31.40 -21.99 -42.21
N ALA B 738 -30.86 -20.78 -42.28
CA ALA B 738 -31.18 -19.85 -43.36
C ALA B 738 -30.72 -20.34 -44.74
N SER B 739 -29.51 -20.91 -44.79
CA SER B 739 -28.99 -21.52 -46.03
C SER B 739 -29.79 -22.77 -46.43
N ARG B 740 -30.14 -23.58 -45.43
CA ARG B 740 -30.93 -24.80 -45.65
C ARG B 740 -32.40 -24.54 -45.97
N TYR B 741 -32.96 -23.41 -45.49
CA TYR B 741 -34.37 -23.07 -45.71
C TYR B 741 -34.51 -21.61 -46.15
N ASP B 742 -35.07 -21.41 -47.34
CA ASP B 742 -35.28 -20.06 -47.89
C ASP B 742 -36.37 -19.23 -47.18
N PHE B 743 -37.26 -19.89 -46.44
CA PHE B 743 -38.36 -19.19 -45.73
C PHE B 743 -37.96 -18.44 -44.44
N ILE B 744 -36.70 -18.50 -44.03
CA ILE B 744 -36.21 -17.76 -42.85
C ILE B 744 -35.77 -16.36 -43.25
N ASP B 745 -36.61 -15.36 -42.96
CA ASP B 745 -36.27 -13.95 -43.22
C ASP B 745 -35.27 -13.46 -42.16
N LEU B 746 -33.98 -13.49 -42.51
CA LEU B 746 -32.93 -13.01 -41.60
C LEU B 746 -32.93 -11.49 -41.36
N ASP B 747 -33.64 -10.72 -42.18
CA ASP B 747 -33.79 -9.27 -41.93
C ASP B 747 -34.68 -8.95 -40.73
N ARG B 748 -35.57 -9.88 -40.37
CA ARG B 748 -36.47 -9.70 -39.24
C ARG B 748 -36.39 -10.87 -38.27
N VAL B 749 -35.34 -10.86 -37.44
CA VAL B 749 -35.15 -11.87 -36.39
C VAL B 749 -35.30 -11.23 -35.00
N GLY B 750 -36.18 -11.82 -34.19
CA GLY B 750 -36.33 -11.46 -32.78
C GLY B 750 -35.65 -12.48 -31.89
N ILE B 751 -35.38 -12.09 -30.65
CA ILE B 751 -34.82 -13.01 -29.65
C ILE B 751 -35.52 -12.79 -28.30
N HIS B 752 -35.85 -13.88 -27.61
CA HIS B 752 -36.57 -13.80 -26.34
C HIS B 752 -36.27 -14.95 -25.40
N GLY B 753 -36.02 -14.61 -24.13
CA GLY B 753 -35.77 -15.59 -23.09
C GLY B 753 -35.95 -15.00 -21.71
N TRP B 754 -36.04 -15.89 -20.71
CA TRP B 754 -36.16 -15.48 -19.30
C TRP B 754 -34.91 -15.90 -18.52
N SER B 755 -34.54 -15.06 -17.57
CA SER B 755 -33.42 -15.34 -16.67
C SER B 755 -32.10 -15.28 -17.46
N TYR B 756 -31.46 -16.42 -17.71
CA TYR B 756 -30.20 -16.45 -18.47
C TYR B 756 -30.56 -16.25 -19.93
N GLY B 757 -31.78 -16.64 -20.32
CA GLY B 757 -32.34 -16.31 -21.63
C GLY B 757 -32.49 -14.82 -21.84
N GLY B 758 -32.99 -14.11 -20.82
CA GLY B 758 -33.11 -12.66 -20.86
C GLY B 758 -31.75 -11.97 -20.88
N TYR B 759 -30.81 -12.53 -20.13
CA TYR B 759 -29.41 -12.10 -20.16
C TYR B 759 -28.81 -12.22 -21.56
N LEU B 760 -28.98 -13.39 -22.18
CA LEU B 760 -28.48 -13.62 -23.54
C LEU B 760 -29.28 -12.87 -24.61
N SER B 761 -30.57 -12.62 -24.36
CA SER B 761 -31.35 -11.77 -25.26
C SER B 761 -30.79 -10.34 -25.32
N LEU B 762 -30.31 -9.84 -24.18
CA LEU B 762 -29.66 -8.53 -24.11
C LEU B 762 -28.29 -8.55 -24.77
N MET B 763 -27.50 -9.58 -24.48
CA MET B 763 -26.20 -9.77 -25.13
C MET B 763 -26.32 -9.87 -26.65
N ALA B 764 -27.36 -10.57 -27.11
CA ALA B 764 -27.64 -10.72 -28.54
C ALA B 764 -27.82 -9.37 -29.24
N LEU B 765 -28.67 -8.51 -28.66
CA LEU B 765 -28.89 -7.17 -29.21
C LEU B 765 -27.66 -6.28 -29.12
N MET B 766 -26.86 -6.49 -28.09
CA MET B 766 -25.67 -5.68 -27.84
C MET B 766 -24.55 -6.07 -28.79
N GLN B 767 -24.23 -7.35 -28.82
CA GLN B 767 -23.13 -7.88 -29.63
C GLN B 767 -23.50 -7.95 -31.11
N ARG B 768 -24.72 -8.43 -31.41
CA ARG B 768 -25.12 -8.73 -32.79
C ARG B 768 -26.40 -7.99 -33.22
N SER B 769 -26.38 -6.66 -33.15
CA SER B 769 -27.49 -5.83 -33.66
C SER B 769 -27.73 -5.99 -35.17
N ASP B 770 -26.69 -6.41 -35.91
CA ASP B 770 -26.83 -6.78 -37.33
C ASP B 770 -27.76 -7.98 -37.59
N ILE B 771 -27.83 -8.92 -36.65
CA ILE B 771 -28.65 -10.13 -36.78
C ILE B 771 -30.06 -9.91 -36.21
N PHE B 772 -30.11 -9.39 -34.98
CA PHE B 772 -31.34 -9.34 -34.19
C PHE B 772 -32.00 -7.97 -34.19
N ARG B 773 -33.21 -7.88 -34.76
CA ARG B 773 -34.00 -6.64 -34.77
C ARG B 773 -34.52 -6.26 -33.39
N VAL B 774 -35.18 -7.20 -32.71
CA VAL B 774 -35.74 -6.95 -31.39
C VAL B 774 -35.24 -7.95 -30.35
N ALA B 775 -35.31 -7.55 -29.09
CA ALA B 775 -34.85 -8.37 -27.97
C ALA B 775 -35.78 -8.18 -26.76
N ILE B 776 -36.54 -9.22 -26.41
CA ILE B 776 -37.39 -9.20 -25.21
C ILE B 776 -36.66 -9.96 -24.09
N ALA B 777 -36.22 -9.24 -23.07
CA ALA B 777 -35.45 -9.81 -21.97
C ALA B 777 -36.31 -9.89 -20.72
N GLY B 778 -36.65 -11.12 -20.33
CA GLY B 778 -37.39 -11.39 -19.10
C GLY B 778 -36.45 -11.66 -17.93
N ALA B 779 -36.64 -10.94 -16.83
CA ALA B 779 -35.83 -11.11 -15.63
C ALA B 779 -34.35 -11.34 -15.93
N PRO B 780 -33.73 -10.43 -16.71
CA PRO B 780 -32.35 -10.65 -17.12
C PRO B 780 -31.35 -10.43 -15.98
N VAL B 781 -30.33 -11.27 -15.92
CA VAL B 781 -29.16 -11.01 -15.10
C VAL B 781 -28.36 -9.99 -15.89
N THR B 782 -28.23 -8.77 -15.35
CA THR B 782 -27.51 -7.70 -16.01
C THR B 782 -26.14 -7.39 -15.40
N LEU B 783 -25.78 -8.03 -14.29
CA LEU B 783 -24.61 -7.60 -13.51
C LEU B 783 -24.22 -8.70 -12.52
N TRP B 784 -23.18 -9.45 -12.85
CA TRP B 784 -22.86 -10.68 -12.12
C TRP B 784 -22.49 -10.50 -10.64
N ILE B 785 -21.95 -9.34 -10.27
CA ILE B 785 -21.68 -9.05 -8.85
C ILE B 785 -22.94 -8.97 -7.97
N PHE B 786 -24.11 -8.83 -8.59
CA PHE B 786 -25.40 -8.86 -7.90
C PHE B 786 -25.99 -10.25 -7.68
N TYR B 787 -25.53 -11.26 -8.42
CA TYR B 787 -26.03 -12.62 -8.27
C TYR B 787 -25.29 -13.35 -7.13
N ASP B 788 -25.84 -14.49 -6.69
CA ASP B 788 -25.32 -15.23 -5.52
C ASP B 788 -23.96 -15.90 -5.72
N THR B 789 -23.39 -16.34 -4.61
CA THR B 789 -22.07 -17.00 -4.57
C THR B 789 -22.04 -18.33 -5.30
N GLY B 790 -22.89 -19.26 -4.85
CA GLY B 790 -22.90 -20.65 -5.33
C GLY B 790 -22.96 -20.84 -6.83
N TYR B 791 -23.70 -19.98 -7.52
CA TYR B 791 -23.83 -20.07 -8.97
C TYR B 791 -22.70 -19.33 -9.66
N THR B 792 -22.56 -18.04 -9.37
CA THR B 792 -21.64 -17.17 -10.10
C THR B 792 -20.19 -17.63 -9.97
N GLU B 793 -19.76 -17.92 -8.75
CA GLU B 793 -18.37 -18.32 -8.51
C GLU B 793 -18.02 -19.68 -9.13
N ARG B 794 -19.00 -20.58 -9.26
CA ARG B 794 -18.79 -21.88 -9.90
C ARG B 794 -18.36 -21.71 -11.36
N TYR B 795 -19.05 -20.80 -12.07
CA TYR B 795 -18.83 -20.58 -13.50
C TYR B 795 -17.88 -19.43 -13.83
N MET B 796 -17.71 -18.47 -12.91
CA MET B 796 -16.90 -17.26 -13.14
C MET B 796 -15.76 -17.00 -12.15
N GLY B 797 -15.65 -17.81 -11.10
CA GLY B 797 -14.69 -17.56 -10.02
C GLY B 797 -14.98 -16.30 -9.21
N HIS B 798 -14.04 -15.95 -8.34
CA HIS B 798 -14.12 -14.75 -7.51
C HIS B 798 -13.98 -13.51 -8.42
N PRO B 799 -14.72 -12.43 -8.15
CA PRO B 799 -14.62 -11.21 -8.98
C PRO B 799 -13.22 -10.60 -9.19
N ASP B 800 -12.32 -10.78 -8.23
CA ASP B 800 -10.95 -10.24 -8.30
C ASP B 800 -10.04 -11.06 -9.22
N GLN B 801 -10.25 -12.38 -9.25
CA GLN B 801 -9.52 -13.28 -10.16
C GLN B 801 -10.16 -13.40 -11.55
N ASN B 802 -11.14 -12.54 -11.85
CA ASN B 802 -11.75 -12.52 -13.18
C ASN B 802 -12.39 -11.16 -13.48
N GLU B 803 -11.63 -10.09 -13.22
CA GLU B 803 -12.11 -8.71 -13.41
C GLU B 803 -12.67 -8.46 -14.80
N GLN B 804 -11.95 -8.93 -15.82
CA GLN B 804 -12.36 -8.71 -17.22
C GLN B 804 -13.55 -9.58 -17.63
N GLY B 805 -13.60 -10.81 -17.11
CA GLY B 805 -14.72 -11.71 -17.36
C GLY B 805 -16.04 -11.20 -16.80
N TYR B 806 -15.99 -10.69 -15.57
CA TYR B 806 -17.16 -10.06 -14.93
C TYR B 806 -17.61 -8.80 -15.67
N TYR B 807 -16.65 -7.94 -16.04
CA TYR B 807 -16.97 -6.71 -16.78
C TYR B 807 -17.66 -7.03 -18.11
N LEU B 808 -17.04 -7.89 -18.90
CA LEU B 808 -17.55 -8.19 -20.25
C LEU B 808 -18.82 -9.01 -20.23
N GLY B 809 -19.02 -9.82 -19.19
CA GLY B 809 -20.26 -10.58 -19.01
C GLY B 809 -21.45 -9.82 -18.44
N SER B 810 -21.27 -8.54 -18.08
CA SER B 810 -22.32 -7.75 -17.44
C SER B 810 -22.89 -6.69 -18.39
N VAL B 811 -24.12 -6.88 -18.87
CA VAL B 811 -24.71 -5.94 -19.83
C VAL B 811 -24.89 -4.53 -19.28
N ALA B 812 -25.13 -4.42 -17.98
CA ALA B 812 -25.38 -3.11 -17.33
C ALA B 812 -24.21 -2.15 -17.46
N MET B 813 -22.99 -2.69 -17.51
CA MET B 813 -21.79 -1.87 -17.63
C MET B 813 -21.32 -1.70 -19.09
N GLN B 814 -22.20 -2.04 -20.03
CA GLN B 814 -21.94 -1.89 -21.46
C GLN B 814 -23.17 -1.27 -22.14
N ALA B 815 -23.84 -0.36 -21.44
CA ALA B 815 -25.11 0.21 -21.90
C ALA B 815 -24.92 1.01 -23.18
N GLU B 816 -23.81 1.76 -23.25
CA GLU B 816 -23.39 2.50 -24.44
C GLU B 816 -23.42 1.69 -25.74
N LYS B 817 -23.24 0.36 -25.65
CA LYS B 817 -23.21 -0.52 -26.81
C LYS B 817 -24.59 -0.94 -27.35
N PHE B 818 -25.68 -0.60 -26.64
CA PHE B 818 -27.04 -0.91 -27.12
C PHE B 818 -27.42 -0.03 -28.32
N PRO B 819 -28.44 -0.47 -29.12
CA PRO B 819 -28.91 0.34 -30.25
C PRO B 819 -29.37 1.73 -29.86
N SER B 820 -29.04 2.71 -30.70
CA SER B 820 -29.48 4.09 -30.51
C SER B 820 -30.76 4.36 -31.30
N GLU B 821 -31.65 3.36 -31.35
CA GLU B 821 -32.97 3.50 -31.95
C GLU B 821 -33.97 2.64 -31.17
N PRO B 822 -35.20 3.14 -31.00
CA PRO B 822 -36.15 2.48 -30.12
C PRO B 822 -36.85 1.30 -30.77
N ASN B 823 -37.79 0.68 -30.04
CA ASN B 823 -38.59 -0.46 -30.52
C ASN B 823 -37.78 -1.71 -30.86
N ARG B 824 -36.61 -1.84 -30.24
CA ARG B 824 -35.75 -3.00 -30.41
C ARG B 824 -35.41 -3.69 -29.08
N LEU B 825 -35.89 -3.14 -27.96
CA LEU B 825 -35.47 -3.60 -26.63
C LEU B 825 -36.65 -3.54 -25.66
N LEU B 826 -37.05 -4.70 -25.16
CA LEU B 826 -38.12 -4.81 -24.19
C LEU B 826 -37.61 -5.53 -22.94
N LEU B 827 -37.87 -4.94 -21.78
CA LEU B 827 -37.47 -5.51 -20.50
C LEU B 827 -38.71 -5.89 -19.72
N LEU B 828 -38.83 -7.18 -19.40
CA LEU B 828 -39.87 -7.67 -18.51
C LEU B 828 -39.19 -8.07 -17.21
N HIS B 829 -39.75 -7.69 -16.07
CA HIS B 829 -39.26 -8.18 -14.78
C HIS B 829 -40.38 -8.14 -13.74
N GLY B 830 -40.44 -9.20 -12.91
CA GLY B 830 -41.22 -9.18 -11.68
C GLY B 830 -40.61 -8.24 -10.64
N PHE B 831 -41.47 -7.47 -9.97
CA PHE B 831 -41.02 -6.46 -8.99
C PHE B 831 -40.50 -7.10 -7.70
N LEU B 832 -41.10 -8.23 -7.31
CA LEU B 832 -40.78 -8.91 -6.06
C LEU B 832 -39.93 -10.17 -6.29
N ASP B 833 -39.26 -10.26 -7.44
CA ASP B 833 -38.45 -11.43 -7.79
C ASP B 833 -37.25 -11.47 -6.82
N GLU B 834 -37.12 -12.57 -6.08
CA GLU B 834 -36.04 -12.72 -5.08
C GLU B 834 -34.90 -13.69 -5.50
N ASN B 835 -34.99 -14.23 -6.72
CA ASN B 835 -33.93 -15.05 -7.31
C ASN B 835 -33.05 -14.17 -8.22
N VAL B 836 -33.65 -13.62 -9.29
CA VAL B 836 -33.02 -12.57 -10.11
C VAL B 836 -33.69 -11.25 -9.74
N HIS B 837 -33.03 -10.46 -8.90
CA HIS B 837 -33.66 -9.29 -8.30
C HIS B 837 -33.98 -8.25 -9.34
N PHE B 838 -35.02 -7.47 -9.07
CA PHE B 838 -35.39 -6.34 -9.93
C PHE B 838 -34.22 -5.36 -10.11
N ALA B 839 -33.39 -5.24 -9.08
CA ALA B 839 -32.15 -4.48 -9.11
C ALA B 839 -31.32 -4.60 -10.40
N HIS B 840 -31.23 -5.82 -10.93
CA HIS B 840 -30.60 -6.08 -12.23
C HIS B 840 -31.22 -5.23 -13.33
N THR B 841 -32.55 -5.20 -13.38
CA THR B 841 -33.28 -4.37 -14.34
C THR B 841 -33.11 -2.89 -14.04
N SER B 842 -33.30 -2.49 -12.79
CA SER B 842 -33.29 -1.07 -12.45
C SER B 842 -31.92 -0.44 -12.67
N ILE B 843 -30.85 -1.17 -12.39
CA ILE B 843 -29.50 -0.66 -12.63
C ILE B 843 -29.18 -0.63 -14.13
N LEU B 844 -29.64 -1.63 -14.89
CA LEU B 844 -29.51 -1.59 -16.37
C LEU B 844 -30.22 -0.36 -16.95
N LEU B 845 -31.45 -0.10 -16.50
CA LEU B 845 -32.18 1.10 -16.88
C LEU B 845 -31.41 2.38 -16.54
N SER B 846 -30.80 2.39 -15.36
CA SER B 846 -30.03 3.55 -14.88
C SER B 846 -28.89 3.91 -15.83
N PHE B 847 -28.13 2.90 -16.24
CA PHE B 847 -27.04 3.09 -17.21
C PHE B 847 -27.52 3.38 -18.62
N LEU B 848 -28.69 2.83 -18.99
CA LEU B 848 -29.29 3.12 -20.30
C LEU B 848 -29.73 4.58 -20.41
N VAL B 849 -30.20 5.15 -19.30
CA VAL B 849 -30.62 6.55 -19.25
C VAL B 849 -29.42 7.49 -19.30
N ARG B 850 -28.38 7.19 -18.52
CA ARG B 850 -27.09 7.90 -18.62
C ARG B 850 -26.55 7.85 -20.05
N ALA B 851 -26.58 6.66 -20.67
CA ALA B 851 -26.03 6.46 -22.01
C ALA B 851 -26.90 6.99 -23.16
N GLY B 852 -28.09 7.51 -22.85
CA GLY B 852 -28.97 8.11 -23.86
C GLY B 852 -29.69 7.10 -24.75
N LYS B 853 -29.88 5.88 -24.26
CA LYS B 853 -30.45 4.78 -25.05
C LYS B 853 -31.93 4.54 -24.73
N PRO B 854 -32.73 4.13 -25.72
CA PRO B 854 -34.15 3.89 -25.51
C PRO B 854 -34.46 2.45 -25.06
N TYR B 855 -35.61 2.29 -24.39
CA TYR B 855 -36.11 0.99 -23.98
C TYR B 855 -37.63 1.01 -23.86
N ASP B 856 -38.21 -0.19 -23.85
CA ASP B 856 -39.59 -0.40 -23.45
C ASP B 856 -39.55 -1.30 -22.23
N LEU B 857 -40.48 -1.10 -21.31
CA LEU B 857 -40.47 -1.77 -20.01
C LEU B 857 -41.86 -2.19 -19.58
N GLN B 858 -41.99 -3.44 -19.16
CA GLN B 858 -43.19 -3.97 -18.52
C GLN B 858 -42.83 -4.57 -17.18
N ILE B 859 -43.62 -4.24 -16.17
CA ILE B 859 -43.40 -4.70 -14.81
C ILE B 859 -44.65 -5.46 -14.39
N TYR B 860 -44.43 -6.55 -13.66
CA TYR B 860 -45.50 -7.35 -13.07
C TYR B 860 -45.30 -7.32 -11.56
N PRO B 861 -46.03 -6.42 -10.84
CA PRO B 861 -45.98 -6.48 -9.37
C PRO B 861 -46.78 -7.67 -8.84
N GLN B 862 -46.56 -7.99 -7.56
CA GLN B 862 -47.12 -9.21 -6.91
C GLN B 862 -46.52 -10.52 -7.48
N GLU B 863 -45.30 -10.45 -8.04
CA GLU B 863 -44.67 -11.60 -8.69
C GLU B 863 -43.29 -11.95 -8.11
N ARG B 864 -43.16 -13.20 -7.68
CA ARG B 864 -41.89 -13.76 -7.17
C ARG B 864 -41.05 -14.25 -8.36
N HIS B 865 -40.12 -15.19 -8.15
CA HIS B 865 -39.33 -15.83 -9.23
C HIS B 865 -40.08 -16.02 -10.57
N SER B 866 -41.04 -16.94 -10.60
CA SER B 866 -41.86 -17.21 -11.79
C SER B 866 -43.17 -16.45 -11.71
N ILE B 867 -43.82 -16.27 -12.85
CA ILE B 867 -45.12 -15.58 -12.91
C ILE B 867 -46.21 -16.58 -12.51
N ARG B 868 -46.48 -16.64 -11.20
CA ARG B 868 -47.39 -17.62 -10.60
C ARG B 868 -48.87 -17.31 -10.85
N VAL B 869 -49.25 -16.03 -10.72
CA VAL B 869 -50.65 -15.60 -10.87
C VAL B 869 -51.04 -15.66 -12.36
N PRO B 870 -52.28 -16.12 -12.68
CA PRO B 870 -52.69 -16.16 -14.09
C PRO B 870 -52.86 -14.79 -14.76
N GLU B 871 -53.41 -13.80 -14.04
CA GLU B 871 -53.60 -12.42 -14.56
C GLU B 871 -52.36 -11.86 -15.23
N SER B 872 -51.23 -11.94 -14.52
CA SER B 872 -49.95 -11.46 -15.03
C SER B 872 -49.36 -12.34 -16.14
N GLY B 873 -49.60 -13.66 -16.07
CA GLY B 873 -49.20 -14.59 -17.13
C GLY B 873 -49.95 -14.36 -18.43
N GLU B 874 -51.27 -14.15 -18.31
CA GLU B 874 -52.12 -13.80 -19.45
C GLU B 874 -51.71 -12.47 -20.09
N HIS B 875 -51.40 -11.48 -19.24
CA HIS B 875 -50.96 -10.15 -19.71
C HIS B 875 -49.59 -10.18 -20.40
N TYR B 876 -48.67 -10.98 -19.86
CA TYR B 876 -47.32 -11.14 -20.45
C TYR B 876 -47.36 -11.72 -21.86
N GLU B 877 -48.07 -12.83 -22.01
CA GLU B 877 -48.22 -13.49 -23.32
C GLU B 877 -48.87 -12.53 -24.31
N LEU B 878 -49.91 -11.83 -23.86
CA LEU B 878 -50.57 -10.79 -24.66
C LEU B 878 -49.63 -9.67 -25.08
N HIS B 879 -48.84 -9.15 -24.14
CA HIS B 879 -47.92 -8.06 -24.45
C HIS B 879 -46.80 -8.54 -25.38
N LEU B 880 -46.34 -9.77 -25.21
CA LEU B 880 -45.23 -10.28 -26.02
C LEU B 880 -45.63 -10.48 -27.48
N LEU B 881 -46.75 -11.17 -27.71
CA LEU B 881 -47.31 -11.31 -29.06
C LEU B 881 -47.47 -9.96 -29.71
N HIS B 882 -48.13 -9.04 -29.01
CA HIS B 882 -48.38 -7.70 -29.53
C HIS B 882 -47.09 -6.93 -29.85
N TYR B 883 -46.06 -7.09 -29.03
CA TYR B 883 -44.76 -6.44 -29.26
C TYR B 883 -44.05 -7.00 -30.50
N LEU B 884 -44.10 -8.32 -30.66
CA LEU B 884 -43.52 -8.98 -31.84
C LEU B 884 -44.27 -8.57 -33.11
N GLN B 885 -45.59 -8.61 -33.03
CA GLN B 885 -46.45 -8.15 -34.12
C GLN B 885 -46.07 -6.72 -34.53
N GLU B 886 -46.11 -5.80 -33.57
CA GLU B 886 -45.91 -4.38 -33.86
C GLU B 886 -44.50 -3.99 -34.27
N ASN B 887 -43.49 -4.72 -33.80
CA ASN B 887 -42.08 -4.33 -34.02
C ASN B 887 -41.21 -5.36 -34.76
N LEU B 888 -41.80 -6.46 -35.23
CA LEU B 888 -41.08 -7.50 -35.98
C LEU B 888 -41.92 -8.07 -37.12
N GLY B 889 -43.02 -8.74 -36.78
CA GLY B 889 -43.78 -9.54 -37.73
C GLY B 889 -44.59 -8.81 -38.79
N SER B 890 -45.38 -7.81 -38.37
CA SER B 890 -46.40 -7.20 -39.24
C SER B 890 -45.83 -6.25 -40.31
N ARG B 891 -46.73 -5.75 -41.15
CA ARG B 891 -46.39 -4.79 -42.20
C ARG B 891 -46.01 -3.43 -41.62
N ILE B 892 -46.74 -3.00 -40.58
CA ILE B 892 -46.45 -1.74 -39.87
C ILE B 892 -45.02 -1.75 -39.31
N ALA B 893 -44.58 -2.90 -38.79
CA ALA B 893 -43.21 -3.08 -38.28
C ALA B 893 -42.13 -2.76 -39.32
N ALA B 894 -42.39 -3.16 -40.56
CA ALA B 894 -41.47 -2.89 -41.67
C ALA B 894 -41.40 -1.40 -42.00
N LEU B 895 -42.56 -0.74 -42.04
CA LEU B 895 -42.64 0.71 -42.32
C LEU B 895 -41.88 1.58 -41.31
N LYS B 896 -41.89 1.18 -40.05
CA LYS B 896 -41.32 1.98 -38.95
C LYS B 896 -39.79 2.16 -38.96
N VAL B 897 -39.06 1.30 -39.67
CA VAL B 897 -37.58 1.40 -39.71
C VAL B 897 -37.10 2.68 -40.39
N LEU C 48 13.71 65.97 3.49
CA LEU C 48 14.37 64.77 4.09
C LEU C 48 14.97 63.83 3.02
N GLU C 49 16.30 63.85 2.90
CA GLU C 49 17.01 63.01 1.92
C GLU C 49 17.27 61.60 2.47
N PRO C 50 17.34 60.59 1.58
CA PRO C 50 17.65 59.24 2.02
C PRO C 50 19.13 59.03 2.30
N PHE C 51 19.47 58.59 3.52
CA PHE C 51 20.82 58.13 3.83
C PHE C 51 20.98 56.73 3.27
N TYR C 52 22.10 56.49 2.60
CA TYR C 52 22.45 55.17 2.09
C TYR C 52 23.68 54.68 2.85
N VAL C 53 23.66 53.43 3.27
CA VAL C 53 24.80 52.86 4.02
C VAL C 53 25.99 52.60 3.10
N GLU C 54 27.19 52.71 3.65
CA GLU C 54 28.42 52.41 2.91
C GLU C 54 28.32 50.99 2.38
N ARG C 55 28.54 50.84 1.07
CA ARG C 55 28.42 49.56 0.40
C ARG C 55 29.75 48.83 0.45
N TYR C 56 29.97 48.10 1.54
CA TYR C 56 31.17 47.29 1.73
C TYR C 56 31.10 46.03 0.87
N SER C 57 32.26 45.48 0.53
CA SER C 57 32.35 44.17 -0.11
C SER C 57 32.11 43.07 0.92
N TRP C 58 31.93 41.85 0.43
CA TRP C 58 31.81 40.66 1.27
C TRP C 58 33.03 40.52 2.18
N SER C 59 34.21 40.64 1.59
CA SER C 59 35.47 40.54 2.36
C SER C 59 35.64 41.66 3.37
N GLN C 60 35.21 42.87 3.00
CA GLN C 60 35.25 44.01 3.91
C GLN C 60 34.30 43.83 5.11
N LEU C 61 33.07 43.36 4.84
CA LEU C 61 32.09 43.09 5.90
C LEU C 61 32.57 42.01 6.86
N LYS C 62 33.21 40.97 6.32
CA LYS C 62 33.79 39.91 7.14
C LYS C 62 34.85 40.45 8.10
N LYS C 63 35.66 41.40 7.62
CA LYS C 63 36.70 42.03 8.44
C LYS C 63 36.09 42.89 9.54
N LEU C 64 35.08 43.68 9.18
CA LEU C 64 34.37 44.53 10.14
C LEU C 64 33.72 43.72 11.28
N LEU C 65 33.11 42.60 10.92
CA LEU C 65 32.50 41.70 11.89
C LEU C 65 33.55 40.99 12.75
N ALA C 66 34.66 40.59 12.13
CA ALA C 66 35.76 39.91 12.84
C ALA C 66 36.46 40.80 13.87
N ASP C 67 36.69 42.06 13.50
CA ASP C 67 37.30 43.04 14.40
C ASP C 67 36.39 43.31 15.61
N THR C 68 35.12 43.60 15.33
CA THR C 68 34.15 43.95 16.37
C THR C 68 33.63 42.79 17.24
N ARG C 69 33.90 41.54 16.83
CA ARG C 69 33.55 40.36 17.63
C ARG C 69 34.43 40.26 18.88
N LYS C 70 35.74 40.34 18.65
CA LYS C 70 36.76 40.20 19.70
C LYS C 70 36.67 41.29 20.77
N MET C 76 29.84 34.33 25.65
CA MET C 76 30.49 34.80 26.88
C MET C 76 30.68 33.62 27.85
N ALA C 77 31.20 33.90 29.04
CA ALA C 77 31.41 32.90 30.09
C ALA C 77 30.16 32.79 30.99
N LYS C 78 29.78 31.55 31.31
CA LYS C 78 28.65 31.28 32.22
C LYS C 78 28.87 31.94 33.58
N ALA C 79 28.00 32.90 33.92
CA ALA C 79 28.09 33.59 35.19
C ALA C 79 27.83 32.61 36.34
N PRO C 80 28.39 32.90 37.53
CA PRO C 80 28.15 32.05 38.70
C PRO C 80 26.68 31.71 38.93
N HIS C 81 26.38 30.42 39.10
CA HIS C 81 25.00 29.94 39.31
C HIS C 81 24.95 28.65 40.15
N ASP C 82 23.74 28.16 40.42
CA ASP C 82 23.51 27.01 41.31
C ASP C 82 24.26 27.20 42.60
N PHE C 83 23.95 28.30 43.29
CA PHE C 83 24.60 28.62 44.55
C PHE C 83 24.08 27.72 45.66
N MET C 84 24.95 27.45 46.62
CA MET C 84 24.61 26.70 47.82
C MET C 84 25.42 27.27 48.96
N PHE C 85 24.76 27.51 50.09
CA PHE C 85 25.38 28.12 51.25
C PHE C 85 25.55 27.03 52.30
N VAL C 86 26.80 26.79 52.72
CA VAL C 86 27.11 25.84 53.79
C VAL C 86 27.74 26.59 54.95
N LYS C 87 27.20 26.40 56.15
CA LYS C 87 27.74 27.02 57.37
C LYS C 87 29.06 26.36 57.78
N ARG C 88 29.99 27.19 58.25
CA ARG C 88 31.29 26.72 58.75
C ARG C 88 31.21 26.15 60.16
N ASN C 89 30.40 26.78 61.02
CA ASN C 89 30.27 26.40 62.45
C ASN C 89 31.63 26.37 63.17
N ASP C 90 32.37 27.46 63.02
CA ASP C 90 33.73 27.60 63.52
C ASP C 90 33.87 28.94 64.27
N PRO C 91 33.64 28.93 65.61
CA PRO C 91 33.75 30.13 66.45
C PRO C 91 35.08 30.90 66.38
N ASP C 92 36.21 30.19 66.30
CA ASP C 92 37.54 30.83 66.23
C ASP C 92 37.91 31.36 64.82
N GLY C 93 37.20 30.88 63.79
CA GLY C 93 37.51 31.24 62.40
C GLY C 93 36.80 32.50 61.91
N PRO C 94 37.30 33.10 60.81
CA PRO C 94 36.78 34.37 60.32
C PRO C 94 35.60 34.27 59.33
N HIS C 95 35.17 33.05 58.98
CA HIS C 95 34.17 32.84 57.92
C HIS C 95 32.88 32.22 58.47
N SER C 96 31.74 32.81 58.11
CA SER C 96 30.42 32.32 58.53
C SER C 96 29.94 31.19 57.65
N ASP C 97 30.08 31.39 56.33
CA ASP C 97 29.60 30.46 55.30
C ASP C 97 30.71 30.13 54.29
N ARG C 98 30.52 29.00 53.60
CA ARG C 98 31.17 28.77 52.32
C ARG C 98 30.05 28.70 51.29
N ILE C 99 30.22 29.41 50.18
CA ILE C 99 29.29 29.31 49.05
C ILE C 99 29.94 28.44 47.97
N TYR C 100 29.22 27.43 47.54
CA TYR C 100 29.61 26.63 46.38
C TYR C 100 28.75 27.05 45.21
N TYR C 101 29.33 27.01 44.00
CA TYR C 101 28.62 27.41 42.78
C TYR C 101 29.30 26.88 41.53
N LEU C 102 28.51 26.74 40.46
CA LEU C 102 29.02 26.42 39.13
C LEU C 102 29.32 27.70 38.39
N ALA C 103 30.42 27.73 37.66
CA ALA C 103 30.78 28.88 36.83
C ALA C 103 31.84 28.50 35.81
N MET C 104 32.10 29.45 34.92
CA MET C 104 33.10 29.34 33.88
C MET C 104 34.02 30.55 34.13
N SER C 105 35.26 30.31 34.55
CA SER C 105 36.16 31.42 34.95
C SER C 105 36.73 32.21 33.76
N GLY C 106 36.80 31.58 32.58
CA GLY C 106 37.19 32.23 31.33
C GLY C 106 36.28 31.82 30.17
N GLU C 107 36.56 32.37 28.99
CA GLU C 107 35.72 32.15 27.81
C GLU C 107 35.99 30.79 27.15
N ASN C 108 37.26 30.40 27.06
CA ASN C 108 37.65 29.06 26.60
C ASN C 108 37.25 27.97 27.59
N ARG C 109 37.31 28.29 28.89
CA ARG C 109 37.24 27.29 29.96
C ARG C 109 35.90 26.54 30.01
N GLU C 110 35.94 25.35 30.63
CA GLU C 110 34.75 24.53 30.84
C GLU C 110 34.08 24.83 32.19
N ASN C 111 32.79 24.54 32.24
CA ASN C 111 31.94 24.88 33.39
C ASN C 111 32.23 23.92 34.55
N THR C 112 32.52 24.46 35.73
CA THR C 112 32.94 23.64 36.87
C THR C 112 32.62 24.25 38.25
N LEU C 113 32.77 23.42 39.29
CA LEU C 113 32.46 23.82 40.66
C LEU C 113 33.53 24.73 41.22
N PHE C 114 33.09 25.79 41.88
CA PHE C 114 33.96 26.74 42.58
C PHE C 114 33.43 26.97 43.98
N TYR C 115 34.27 27.50 44.85
CA TYR C 115 33.84 27.96 46.15
C TYR C 115 34.46 29.29 46.52
N SER C 116 33.82 29.96 47.48
CA SER C 116 34.26 31.24 48.01
C SER C 116 33.86 31.34 49.47
N GLU C 117 34.65 32.08 50.25
CA GLU C 117 34.49 32.19 51.70
C GLU C 117 33.75 33.46 52.07
N ILE C 118 32.66 33.33 52.82
CA ILE C 118 31.86 34.48 53.27
C ILE C 118 32.36 34.92 54.66
N PRO C 119 32.99 36.11 54.76
CA PRO C 119 33.52 36.50 56.07
C PRO C 119 32.43 36.98 57.05
N LYS C 120 32.69 36.73 58.33
CA LYS C 120 31.79 37.14 59.42
C LYS C 120 31.64 38.65 59.55
N THR C 121 32.67 39.39 59.14
CA THR C 121 32.65 40.84 59.13
C THR C 121 33.41 41.38 57.92
N ILE C 122 33.10 42.62 57.54
CA ILE C 122 33.74 43.28 56.40
C ILE C 122 34.14 44.71 56.76
N ASN C 123 35.16 45.22 56.09
CA ASN C 123 35.55 46.61 56.18
C ASN C 123 34.61 47.40 55.27
N ARG C 124 33.75 48.22 55.89
CA ARG C 124 32.70 48.92 55.14
C ARG C 124 33.20 50.15 54.37
N ALA C 125 34.44 50.55 54.59
CA ALA C 125 35.13 51.53 53.75
C ALA C 125 35.48 50.96 52.37
N ALA C 126 35.90 49.69 52.34
CA ALA C 126 36.32 49.00 51.11
C ALA C 126 35.18 48.22 50.45
N VAL C 127 35.49 47.62 49.30
CA VAL C 127 34.61 46.67 48.62
C VAL C 127 35.34 45.33 48.55
N LEU C 128 34.80 44.32 49.23
CA LEU C 128 35.39 42.99 49.23
C LEU C 128 35.05 42.27 47.92
N MET C 129 36.08 41.78 47.22
CA MET C 129 35.94 41.08 45.95
C MET C 129 36.35 39.62 46.20
N LEU C 130 35.36 38.74 46.38
CA LEU C 130 35.60 37.32 46.72
C LEU C 130 36.37 36.56 45.63
N SER C 131 37.32 35.74 46.07
CA SER C 131 38.14 34.95 45.16
C SER C 131 37.52 33.57 44.89
N TRP C 132 37.68 33.10 43.65
CA TRP C 132 37.09 31.84 43.19
C TRP C 132 38.07 30.69 43.45
N LYS C 133 37.76 29.85 44.43
CA LYS C 133 38.59 28.67 44.73
C LYS C 133 38.04 27.47 43.96
N PRO C 134 38.86 26.84 43.09
CA PRO C 134 38.37 25.62 42.42
C PRO C 134 38.15 24.48 43.41
N LEU C 135 37.00 23.81 43.31
CA LEU C 135 36.69 22.68 44.18
C LEU C 135 37.34 21.39 43.67
N LEU C 136 37.52 21.27 42.35
CA LEU C 136 37.93 20.01 41.71
C LEU C 136 39.25 20.10 40.92
N ASP C 137 39.72 18.93 40.46
CA ASP C 137 40.88 18.81 39.58
C ASP C 137 40.50 18.19 38.22
N VAL C 164 34.99 16.21 32.25
CA VAL C 164 35.07 17.23 31.22
C VAL C 164 34.47 18.55 31.76
N GLY C 165 33.14 18.63 31.84
CA GLY C 165 32.43 19.86 32.27
C GLY C 165 31.09 19.55 32.90
N ILE C 166 30.70 20.37 33.87
CA ILE C 166 29.58 20.05 34.78
C ILE C 166 28.40 20.99 34.55
N ALA C 167 27.22 20.42 34.31
CA ALA C 167 25.98 21.17 34.08
C ALA C 167 25.18 21.38 35.36
N SER C 168 25.19 20.38 36.24
CA SER C 168 24.57 20.49 37.54
C SER C 168 25.21 19.53 38.54
N TYR C 169 24.86 19.71 39.81
CA TYR C 169 25.42 18.89 40.89
C TYR C 169 24.39 18.64 41.96
N ASP C 170 24.51 17.47 42.59
CA ASP C 170 23.67 17.08 43.72
C ASP C 170 24.54 17.16 44.97
N TYR C 171 23.92 17.18 46.15
CA TYR C 171 24.65 17.32 47.41
C TYR C 171 23.81 16.84 48.58
N HIS C 172 24.43 16.07 49.48
CA HIS C 172 23.80 15.60 50.70
C HIS C 172 24.42 16.38 51.86
N GLN C 173 23.59 17.12 52.58
CA GLN C 173 24.04 18.04 53.63
C GLN C 173 24.81 17.32 54.72
N GLY C 174 24.18 16.31 55.31
CA GLY C 174 24.70 15.60 56.49
C GLY C 174 26.03 14.89 56.34
N SER C 175 26.33 14.46 55.12
CA SER C 175 27.57 13.74 54.81
C SER C 175 28.61 14.60 54.08
N GLY C 176 28.16 15.70 53.47
CA GLY C 176 29.03 16.57 52.70
C GLY C 176 29.41 16.01 51.34
N THR C 177 28.58 15.13 50.79
CA THR C 177 28.85 14.45 49.51
C THR C 177 28.32 15.23 48.32
N PHE C 178 29.21 15.64 47.40
CA PHE C 178 28.81 16.07 46.07
C PHE C 178 28.68 14.84 45.16
N LEU C 179 27.68 14.85 44.29
CA LEU C 179 27.54 13.86 43.21
C LEU C 179 27.27 14.64 41.93
N PHE C 180 28.02 14.33 40.88
CA PHE C 180 27.90 15.08 39.63
C PHE C 180 28.47 14.31 38.45
N GLN C 181 27.88 14.54 37.28
CA GLN C 181 28.38 14.00 36.02
C GLN C 181 29.31 15.02 35.37
N ALA C 182 30.47 14.55 34.91
CA ALA C 182 31.41 15.35 34.13
C ALA C 182 31.86 14.48 32.98
N GLY C 183 31.48 14.85 31.77
CA GLY C 183 31.66 13.99 30.61
C GLY C 183 30.81 12.73 30.73
N SER C 184 31.35 11.61 30.28
CA SER C 184 30.69 10.31 30.45
C SER C 184 30.71 9.80 31.90
N GLY C 185 31.67 10.26 32.70
CA GLY C 185 31.84 9.77 34.06
C GLY C 185 30.88 10.39 35.06
N ILE C 186 30.57 9.64 36.12
CA ILE C 186 29.87 10.13 37.29
C ILE C 186 30.86 10.07 38.47
N TYR C 187 30.96 11.18 39.21
CA TYR C 187 31.98 11.31 40.25
C TYR C 187 31.38 11.72 41.57
N HIS C 188 32.21 11.64 42.62
CA HIS C 188 31.86 12.17 43.92
C HIS C 188 33.08 12.61 44.72
N VAL C 189 32.91 13.71 45.44
CA VAL C 189 33.88 14.19 46.45
C VAL C 189 33.07 14.56 47.67
N LYS C 190 33.77 14.84 48.76
CA LYS C 190 33.14 15.38 49.95
C LYS C 190 33.75 16.72 50.32
N ASP C 191 32.88 17.65 50.71
CA ASP C 191 33.32 18.89 51.34
C ASP C 191 32.19 19.49 52.16
N GLY C 192 32.56 20.13 53.28
CA GLY C 192 31.61 20.84 54.14
C GLY C 192 30.64 19.97 54.93
N GLY C 193 31.01 18.73 55.17
CA GLY C 193 30.28 17.85 56.08
C GLY C 193 31.10 17.65 57.35
N PRO C 194 30.96 16.47 57.99
CA PRO C 194 31.86 16.10 59.08
C PRO C 194 33.34 16.03 58.67
N GLN C 195 33.63 15.67 57.42
CA GLN C 195 35.01 15.66 56.91
C GLN C 195 35.74 17.01 56.98
N GLY C 196 35.00 18.11 56.89
CA GLY C 196 35.56 19.46 56.98
C GLY C 196 35.71 20.16 55.63
N PHE C 197 36.44 21.27 55.64
CA PHE C 197 36.51 22.17 54.51
C PHE C 197 37.91 22.21 53.93
N THR C 198 38.06 21.68 52.72
CA THR C 198 39.34 21.69 52.01
C THR C 198 39.85 23.11 51.73
N GLN C 199 41.16 23.28 51.73
CA GLN C 199 41.82 24.53 51.32
C GLN C 199 42.54 24.37 49.98
N GLN C 200 42.16 23.35 49.20
CA GLN C 200 42.72 23.15 47.86
C GLN C 200 41.79 22.24 47.05
N PRO C 201 41.98 22.19 45.71
CA PRO C 201 41.18 21.32 44.86
C PRO C 201 41.13 19.85 45.31
N LEU C 202 40.04 19.19 44.96
CA LEU C 202 39.80 17.80 45.31
C LEU C 202 39.80 16.97 44.05
N ARG C 203 40.68 15.97 43.97
CA ARG C 203 40.58 14.92 42.96
C ARG C 203 39.34 14.10 43.30
N PRO C 204 38.36 14.04 42.39
CA PRO C 204 37.15 13.30 42.68
C PRO C 204 37.24 11.81 42.36
N ASN C 205 36.34 11.05 42.96
CA ASN C 205 36.30 9.59 42.85
C ASN C 205 35.31 9.16 41.77
N LEU C 206 35.79 8.41 40.78
CA LEU C 206 34.95 7.89 39.70
C LEU C 206 34.06 6.75 40.19
N VAL C 207 32.76 6.81 39.91
CA VAL C 207 31.83 5.74 40.29
C VAL C 207 31.96 4.60 39.29
N GLU C 208 32.00 3.37 39.80
CA GLU C 208 32.14 2.16 38.95
C GLU C 208 30.86 1.80 38.22
N THR C 209 31.00 1.19 37.05
CA THR C 209 29.85 0.67 36.30
C THR C 209 30.19 -0.49 35.35
N SER C 210 29.30 -1.48 35.33
CA SER C 210 29.26 -2.51 34.29
C SER C 210 28.64 -2.00 32.99
N CYS C 211 27.83 -0.94 33.07
CA CYS C 211 27.01 -0.48 31.95
C CYS C 211 27.84 0.03 30.77
N PRO C 212 27.54 -0.43 29.54
CA PRO C 212 28.35 -0.09 28.36
C PRO C 212 28.16 1.32 27.82
N ASN C 213 27.01 1.94 28.08
CA ASN C 213 26.61 3.21 27.46
C ASN C 213 26.61 4.36 28.45
N ILE C 214 26.42 5.56 27.91
CA ILE C 214 26.40 6.80 28.70
C ILE C 214 25.34 6.75 29.80
N ARG C 215 25.74 7.15 31.00
CA ARG C 215 24.83 7.27 32.15
C ARG C 215 24.34 8.72 32.25
N MET C 216 23.05 8.91 32.53
CA MET C 216 22.43 10.23 32.60
C MET C 216 21.68 10.46 33.92
N ASP C 217 21.51 11.73 34.28
CA ASP C 217 20.63 12.16 35.36
C ASP C 217 20.93 11.47 36.72
N PRO C 218 22.19 11.55 37.19
CA PRO C 218 22.51 10.97 38.50
C PRO C 218 21.95 11.77 39.66
N LYS C 219 21.52 11.08 40.71
CA LYS C 219 21.01 11.71 41.93
C LYS C 219 21.36 10.90 43.18
N LEU C 220 21.85 11.59 44.22
CA LEU C 220 22.02 10.99 45.53
C LEU C 220 20.67 10.65 46.13
N CYS C 221 20.61 9.53 46.84
CA CYS C 221 19.45 9.21 47.66
C CYS C 221 19.52 10.13 48.87
N PRO C 222 18.47 10.94 49.13
CA PRO C 222 18.51 11.83 50.30
C PRO C 222 18.57 11.14 51.66
N ALA C 223 18.03 9.91 51.74
CA ALA C 223 18.01 9.13 52.98
C ALA C 223 19.29 8.32 53.23
N ASP C 224 20.15 8.21 52.23
CA ASP C 224 21.37 7.40 52.31
C ASP C 224 22.35 7.81 51.21
N PRO C 225 23.34 8.66 51.51
CA PRO C 225 24.28 9.14 50.47
C PRO C 225 25.22 8.09 49.88
N ASP C 226 25.24 6.87 50.43
CA ASP C 226 25.97 5.77 49.80
C ASP C 226 25.29 5.28 48.52
N TRP C 227 23.98 5.43 48.42
CA TRP C 227 23.21 5.05 47.22
C TRP C 227 22.97 6.20 46.24
N ILE C 228 23.18 5.94 44.95
CA ILE C 228 22.83 6.86 43.88
C ILE C 228 21.94 6.14 42.87
N ALA C 229 21.18 6.94 42.12
CA ALA C 229 20.40 6.44 41.00
C ALA C 229 20.87 7.14 39.74
N PHE C 230 20.61 6.53 38.61
CA PHE C 230 20.89 7.12 37.30
C PHE C 230 20.15 6.38 36.20
N ILE C 231 20.13 6.98 35.02
CA ILE C 231 19.46 6.40 33.87
C ILE C 231 20.53 5.89 32.92
N HIS C 232 20.33 4.66 32.43
CA HIS C 232 21.15 4.09 31.37
C HIS C 232 20.23 3.41 30.37
N SER C 233 20.39 3.73 29.08
CA SER C 233 19.57 3.17 28.00
C SER C 233 18.07 3.14 28.34
N ASN C 234 17.55 4.31 28.71
CA ASN C 234 16.12 4.52 29.05
C ASN C 234 15.58 3.61 30.16
N ASP C 235 16.43 3.17 31.09
CA ASP C 235 16.00 2.43 32.29
C ASP C 235 16.73 2.96 33.50
N ILE C 236 16.10 2.80 34.67
CA ILE C 236 16.66 3.29 35.92
C ILE C 236 17.58 2.23 36.51
N TRP C 237 18.74 2.67 36.96
CA TRP C 237 19.68 1.84 37.69
C TRP C 237 19.94 2.49 39.05
N ILE C 238 20.49 1.72 39.98
CA ILE C 238 21.08 2.26 41.21
C ILE C 238 22.47 1.67 41.45
N SER C 239 23.32 2.44 42.13
CA SER C 239 24.69 2.05 42.41
C SER C 239 25.08 2.54 43.80
N ASN C 240 25.82 1.71 44.53
CA ASN C 240 26.35 2.05 45.84
C ASN C 240 27.78 2.52 45.66
N ILE C 241 28.08 3.73 46.13
CA ILE C 241 29.43 4.33 45.96
C ILE C 241 30.47 3.82 46.97
N VAL C 242 30.01 3.12 48.02
CA VAL C 242 30.89 2.47 48.99
C VAL C 242 31.09 1.00 48.60
N THR C 243 30.01 0.23 48.63
CA THR C 243 30.07 -1.22 48.41
C THR C 243 30.30 -1.64 46.95
N ARG C 244 30.14 -0.72 46.01
CA ARG C 244 30.28 -0.96 44.56
C ARG C 244 29.15 -1.83 43.95
N GLU C 245 28.07 -2.08 44.69
CA GLU C 245 26.96 -2.88 44.18
C GLU C 245 26.14 -2.07 43.18
N GLU C 246 26.02 -2.59 41.94
CA GLU C 246 25.22 -1.95 40.88
C GLU C 246 24.03 -2.85 40.56
N ARG C 247 22.89 -2.24 40.23
CA ARG C 247 21.63 -2.97 40.04
C ARG C 247 20.65 -2.25 39.12
N ARG C 248 20.23 -2.92 38.05
CA ARG C 248 19.19 -2.40 37.16
C ARG C 248 17.84 -2.54 37.85
N LEU C 249 17.06 -1.45 37.91
CA LEU C 249 15.76 -1.40 38.59
C LEU C 249 14.54 -1.57 37.67
N THR C 250 14.68 -1.22 36.40
CA THR C 250 13.58 -1.34 35.43
C THR C 250 14.08 -2.08 34.16
N TYR C 251 13.20 -2.92 33.60
CA TYR C 251 13.53 -3.73 32.43
C TYR C 251 12.53 -3.39 31.32
N VAL C 252 12.34 -2.08 31.12
CA VAL C 252 11.30 -1.54 30.26
C VAL C 252 11.80 -1.33 28.82
N HIS C 253 13.11 -1.19 28.64
CA HIS C 253 13.71 -0.91 27.33
C HIS C 253 14.77 -1.95 27.01
N ASN C 254 14.64 -2.56 25.84
CA ASN C 254 15.67 -3.43 25.27
C ASN C 254 16.39 -2.68 24.16
N GLU C 255 17.68 -2.36 24.37
CA GLU C 255 18.45 -1.51 23.45
C GLU C 255 18.79 -2.16 22.10
N LEU C 256 18.92 -3.49 22.08
CA LEU C 256 19.30 -4.23 20.86
C LEU C 256 18.16 -4.37 19.84
N ALA C 257 16.92 -4.37 20.31
CA ALA C 257 15.74 -4.51 19.42
C ALA C 257 15.47 -3.23 18.61
N ASN C 258 14.49 -3.29 17.70
CA ASN C 258 14.10 -2.15 16.86
C ASN C 258 13.16 -1.21 17.60
N MET C 259 13.20 0.07 17.25
CA MET C 259 12.43 1.12 17.95
C MET C 259 10.94 1.21 17.59
N GLU C 260 10.48 0.41 16.62
CA GLU C 260 9.04 0.29 16.30
C GLU C 260 8.27 -0.43 17.42
N GLU C 261 8.79 -1.57 17.86
CA GLU C 261 8.12 -2.40 18.87
C GLU C 261 8.35 -1.81 20.26
N ASP C 262 9.62 -1.65 20.63
CA ASP C 262 10.03 -1.10 21.92
C ASP C 262 10.16 0.42 21.81
N ALA C 263 9.10 1.11 22.23
CA ALA C 263 9.08 2.57 22.33
C ALA C 263 8.83 2.99 23.78
N ARG C 264 9.44 2.25 24.71
CA ARG C 264 9.22 2.50 26.14
C ARG C 264 10.46 3.06 26.84
N SER C 265 10.23 3.59 28.03
CA SER C 265 11.26 4.27 28.81
C SER C 265 10.76 4.51 30.23
N ALA C 266 11.65 4.34 31.20
CA ALA C 266 11.35 4.59 32.60
C ALA C 266 12.34 5.63 33.13
N GLY C 267 11.84 6.60 33.90
CA GLY C 267 12.69 7.61 34.52
C GLY C 267 13.14 8.80 33.67
N VAL C 268 12.83 8.79 32.37
CA VAL C 268 13.18 9.87 31.45
C VAL C 268 11.92 10.62 31.09
N ALA C 269 12.05 11.94 30.98
CA ALA C 269 10.97 12.80 30.48
C ALA C 269 10.99 12.78 28.96
N THR C 270 9.81 12.66 28.34
CA THR C 270 9.69 12.62 26.88
C THR C 270 9.93 14.00 26.24
N PHE C 271 10.03 14.04 24.90
CA PHE C 271 10.38 15.24 24.14
C PHE C 271 9.57 16.48 24.51
N VAL C 272 8.24 16.33 24.53
CA VAL C 272 7.35 17.47 24.78
C VAL C 272 7.56 18.01 26.19
N LEU C 273 7.65 17.10 27.16
CA LEU C 273 7.84 17.51 28.56
C LEU C 273 9.15 18.28 28.79
N GLN C 274 10.21 17.88 28.10
CA GLN C 274 11.48 18.62 28.17
C GLN C 274 11.42 19.94 27.41
N GLU C 275 10.95 19.87 26.16
CA GLU C 275 11.00 21.02 25.26
C GLU C 275 9.96 22.09 25.57
N GLU C 276 8.78 21.68 26.04
CA GLU C 276 7.64 22.59 26.24
C GLU C 276 7.16 22.79 27.69
N PHE C 277 7.60 21.93 28.62
CA PHE C 277 7.27 22.09 30.04
C PHE C 277 8.50 22.22 30.95
N ASP C 278 9.70 22.28 30.36
CA ASP C 278 10.97 22.34 31.10
C ASP C 278 11.05 21.38 32.28
N ARG C 279 10.68 20.12 32.04
CA ARG C 279 10.93 19.03 32.99
C ARG C 279 11.88 18.02 32.36
N TYR C 280 13.02 17.79 32.98
CA TYR C 280 14.08 16.94 32.42
C TYR C 280 14.26 15.59 33.11
N SER C 281 13.99 15.53 34.41
CA SER C 281 14.06 14.29 35.15
C SER C 281 12.68 13.63 35.18
N GLY C 282 12.66 12.29 35.15
CA GLY C 282 11.43 11.50 35.27
C GLY C 282 11.44 10.45 36.39
N TYR C 283 12.30 10.64 37.39
CA TYR C 283 12.32 9.79 38.59
C TYR C 283 12.68 10.63 39.80
N TRP C 284 12.19 10.22 40.98
CA TRP C 284 12.39 10.99 42.22
C TRP C 284 12.56 10.07 43.42
N TRP C 285 13.74 10.14 44.06
CA TRP C 285 13.99 9.45 45.33
C TRP C 285 12.97 9.90 46.37
N CYS C 286 12.50 8.94 47.18
CA CYS C 286 11.76 9.27 48.39
C CYS C 286 12.78 9.84 49.41
N PRO C 287 12.48 11.01 50.00
CA PRO C 287 13.48 11.66 50.84
C PRO C 287 13.83 10.94 52.15
N LYS C 288 12.93 10.11 52.67
CA LYS C 288 13.16 9.34 53.89
C LYS C 288 13.11 7.84 53.62
N ALA C 289 13.80 7.08 54.48
CA ALA C 289 13.84 5.63 54.40
C ALA C 289 12.98 5.02 55.51
N GLU C 290 12.25 3.96 55.18
CA GLU C 290 11.46 3.19 56.16
C GLU C 290 12.35 2.09 56.74
N THR C 291 12.28 1.89 58.05
CA THR C 291 13.12 0.88 58.74
C THR C 291 12.47 -0.51 58.69
N THR C 292 13.25 -1.51 58.27
CA THR C 292 12.77 -2.90 58.20
C THR C 292 12.76 -3.54 59.59
N PRO C 293 11.98 -4.63 59.78
CA PRO C 293 11.99 -5.39 61.05
C PRO C 293 13.38 -5.81 61.52
N SER C 294 14.22 -6.30 60.61
CA SER C 294 15.54 -6.85 60.94
C SER C 294 16.72 -5.85 60.93
N GLY C 295 16.43 -4.56 61.12
CA GLY C 295 17.48 -3.53 61.23
C GLY C 295 18.17 -3.13 59.93
N GLY C 296 17.44 -3.22 58.81
CA GLY C 296 17.87 -2.69 57.52
C GLY C 296 16.99 -1.51 57.18
N LYS C 297 16.70 -1.32 55.89
CA LYS C 297 15.78 -0.26 55.45
C LYS C 297 15.23 -0.43 54.03
N ILE C 298 14.15 0.30 53.76
CA ILE C 298 13.52 0.35 52.44
C ILE C 298 13.69 1.75 51.85
N LEU C 299 14.28 1.80 50.65
CA LEU C 299 14.37 3.03 49.86
C LEU C 299 13.35 2.98 48.75
N ARG C 300 12.89 4.14 48.31
CA ARG C 300 11.85 4.23 47.27
C ARG C 300 12.22 5.23 46.17
N ILE C 301 11.85 4.88 44.93
CA ILE C 301 11.96 5.77 43.79
C ILE C 301 10.61 5.82 43.07
N LEU C 302 9.94 6.96 43.14
CA LEU C 302 8.81 7.26 42.25
C LEU C 302 9.38 7.50 40.87
N TYR C 303 8.69 6.99 39.85
CA TYR C 303 9.12 7.25 38.47
C TYR C 303 7.98 7.24 37.45
N GLU C 304 8.25 7.90 36.33
CA GLU C 304 7.34 7.98 35.19
C GLU C 304 7.75 6.87 34.23
N GLU C 305 6.78 6.09 33.77
CA GLU C 305 6.99 5.13 32.67
C GLU C 305 6.17 5.58 31.48
N ASN C 306 6.82 5.67 30.32
CA ASN C 306 6.20 6.14 29.08
C ASN C 306 6.20 5.06 28.01
N ASP C 307 5.12 5.04 27.22
CA ASP C 307 5.03 4.22 26.00
C ASP C 307 4.73 5.13 24.83
N GLU C 308 5.72 5.34 23.96
CA GLU C 308 5.58 6.20 22.79
C GLU C 308 5.30 5.41 21.51
N SER C 309 4.73 4.20 21.64
CA SER C 309 4.48 3.35 20.48
C SER C 309 3.48 3.96 19.50
N GLU C 310 2.47 4.65 20.04
CA GLU C 310 1.44 5.29 19.22
C GLU C 310 1.83 6.69 18.74
N VAL C 311 2.98 7.19 19.17
CA VAL C 311 3.43 8.56 18.83
C VAL C 311 4.05 8.56 17.44
N GLU C 312 3.87 9.66 16.72
CA GLU C 312 4.38 9.80 15.36
C GLU C 312 5.90 9.72 15.34
N ILE C 313 6.44 9.03 14.35
CA ILE C 313 7.88 8.92 14.14
C ILE C 313 8.24 9.85 12.99
N ILE C 314 9.19 10.75 13.24
CA ILE C 314 9.72 11.65 12.20
C ILE C 314 11.23 11.48 12.05
N HIS C 315 11.72 11.73 10.84
CA HIS C 315 13.13 11.55 10.48
C HIS C 315 13.76 12.93 10.25
N VAL C 316 14.89 13.18 10.91
CA VAL C 316 15.71 14.37 10.66
C VAL C 316 17.14 13.90 10.35
N THR C 317 17.77 14.51 9.34
CA THR C 317 19.11 14.09 8.86
C THR C 317 20.13 14.07 10.01
N SER C 318 20.96 13.04 10.03
CA SER C 318 21.88 12.79 11.16
C SER C 318 23.02 13.83 11.21
N PRO C 319 23.64 14.04 12.40
CA PRO C 319 24.76 14.97 12.54
C PRO C 319 25.86 14.80 11.48
N MET C 320 26.24 13.55 11.21
CA MET C 320 27.26 13.23 10.21
C MET C 320 26.62 13.15 8.82
N LEU C 321 26.83 14.18 8.00
CA LEU C 321 26.30 14.22 6.62
C LEU C 321 27.00 13.23 5.68
N GLU C 322 28.25 12.86 6.00
CA GLU C 322 28.96 11.78 5.29
C GLU C 322 28.27 10.41 5.48
N THR C 323 27.77 10.15 6.68
CA THR C 323 26.90 9.00 6.95
C THR C 323 25.47 9.40 6.54
N ARG C 324 25.16 9.22 5.25
CA ARG C 324 23.85 9.63 4.70
C ARG C 324 22.69 8.77 5.25
N ARG C 325 22.22 9.15 6.44
CA ARG C 325 21.11 8.48 7.12
C ARG C 325 20.27 9.48 7.93
N ALA C 326 19.17 9.00 8.49
CA ALA C 326 18.26 9.82 9.31
C ALA C 326 18.04 9.17 10.68
N ASP C 327 18.08 9.99 11.73
CA ASP C 327 17.78 9.56 13.10
C ASP C 327 16.29 9.65 13.37
N SER C 328 15.68 8.54 13.78
CA SER C 328 14.26 8.49 14.14
C SER C 328 14.05 8.95 15.58
N PHE C 329 13.01 9.76 15.81
CA PHE C 329 12.52 10.01 17.17
C PHE C 329 11.03 10.38 17.20
N ARG C 330 10.45 10.26 18.38
CA ARG C 330 9.01 10.39 18.58
C ARG C 330 8.65 11.84 18.80
N TYR C 331 7.92 12.43 17.85
CA TYR C 331 7.51 13.83 17.90
C TYR C 331 5.99 13.83 17.89
N PRO C 332 5.35 14.08 19.04
CA PRO C 332 3.89 14.17 19.05
C PRO C 332 3.39 15.47 18.42
N LYS C 333 3.19 15.45 17.11
CA LYS C 333 2.67 16.64 16.40
C LYS C 333 1.21 16.92 16.77
N THR C 334 0.85 18.21 16.72
CA THR C 334 -0.45 18.68 17.21
C THR C 334 -1.64 17.95 16.57
N GLY C 335 -2.57 17.51 17.42
CA GLY C 335 -3.70 16.70 17.00
C GLY C 335 -3.51 15.19 17.17
N THR C 336 -2.25 14.73 17.13
CA THR C 336 -1.94 13.30 17.21
C THR C 336 -1.76 12.89 18.68
N ALA C 337 -1.43 11.62 18.91
CA ALA C 337 -1.32 11.07 20.26
C ALA C 337 -0.05 11.54 20.98
N ASN C 338 -0.22 11.88 22.25
CA ASN C 338 0.91 12.02 23.19
C ASN C 338 1.26 10.63 23.71
N PRO C 339 2.42 10.49 24.37
CA PRO C 339 2.79 9.19 24.93
C PRO C 339 1.84 8.66 25.99
N LYS C 340 1.86 7.35 26.19
CA LYS C 340 0.97 6.66 27.14
C LYS C 340 1.68 6.66 28.49
N VAL C 341 1.26 7.55 29.37
CA VAL C 341 1.98 7.81 30.63
C VAL C 341 1.36 7.09 31.83
N THR C 342 2.20 6.83 32.83
CA THR C 342 1.76 6.28 34.12
C THR C 342 2.85 6.45 35.19
N PHE C 343 2.45 6.40 36.46
CA PHE C 343 3.38 6.38 37.59
C PHE C 343 3.75 4.96 37.97
N LYS C 344 4.93 4.82 38.56
CA LYS C 344 5.45 3.55 39.08
C LYS C 344 6.26 3.83 40.34
N MET C 345 6.50 2.78 41.13
CA MET C 345 7.39 2.88 42.28
C MET C 345 8.31 1.68 42.37
N SER C 346 9.62 1.94 42.43
CA SER C 346 10.61 0.93 42.77
C SER C 346 10.73 0.93 44.28
N GLU C 347 10.66 -0.25 44.88
CA GLU C 347 10.76 -0.44 46.32
C GLU C 347 11.98 -1.32 46.60
N ILE C 348 13.00 -0.74 47.22
CA ILE C 348 14.31 -1.38 47.32
C ILE C 348 14.60 -1.74 48.79
N MET C 349 14.57 -3.05 49.10
CA MET C 349 14.94 -3.55 50.44
C MET C 349 16.46 -3.72 50.54
N ILE C 350 17.05 -3.04 51.53
CA ILE C 350 18.49 -3.11 51.82
C ILE C 350 18.69 -3.67 53.23
N ASP C 351 19.66 -4.59 53.38
CA ASP C 351 19.94 -5.23 54.67
C ASP C 351 20.85 -4.37 55.57
N ALA C 352 21.10 -4.88 56.77
CA ALA C 352 21.87 -4.18 57.81
C ALA C 352 23.19 -3.53 57.39
N GLU C 353 23.92 -4.14 56.44
CA GLU C 353 25.23 -3.60 55.99
C GLU C 353 25.27 -3.09 54.54
N GLY C 354 24.11 -2.71 53.98
CA GLY C 354 24.05 -2.06 52.66
C GLY C 354 24.01 -2.95 51.42
N ARG C 355 23.63 -4.21 51.59
CA ARG C 355 23.44 -5.15 50.48
C ARG C 355 21.98 -5.11 50.09
N ILE C 356 21.70 -5.26 48.79
CA ILE C 356 20.32 -5.34 48.32
C ILE C 356 19.77 -6.72 48.66
N ILE C 357 18.74 -6.76 49.51
CA ILE C 357 17.97 -7.98 49.78
C ILE C 357 17.13 -8.29 48.54
N ASP C 358 16.29 -7.32 48.17
CA ASP C 358 15.26 -7.51 47.16
C ASP C 358 14.86 -6.16 46.53
N VAL C 359 14.35 -6.22 45.30
CA VAL C 359 13.82 -5.05 44.58
C VAL C 359 12.45 -5.40 44.00
N ILE C 360 11.40 -4.86 44.60
CA ILE C 360 10.03 -5.03 44.10
C ILE C 360 9.66 -3.82 43.23
N ASP C 361 9.38 -4.05 41.96
CA ASP C 361 8.81 -3.00 41.10
C ASP C 361 7.29 -3.02 41.25
N LYS C 362 6.69 -1.83 41.38
CA LYS C 362 5.27 -1.71 41.74
C LYS C 362 4.55 -0.74 40.83
N GLU C 363 3.27 -1.02 40.58
CA GLU C 363 2.43 -0.23 39.65
C GLU C 363 1.16 0.20 40.35
N LEU C 364 0.48 1.15 39.74
CA LEU C 364 -0.76 1.69 40.31
C LEU C 364 -1.84 0.61 40.41
N ILE C 365 -2.68 0.72 41.43
CA ILE C 365 -3.74 -0.25 41.68
C ILE C 365 -4.79 -0.29 40.56
N GLN C 366 -5.18 0.90 40.09
CA GLN C 366 -6.06 1.04 38.93
C GLN C 366 -5.29 1.83 37.88
N PRO C 367 -5.74 1.82 36.61
CA PRO C 367 -4.98 2.52 35.56
C PRO C 367 -4.87 4.03 35.79
N PHE C 368 -3.86 4.63 35.14
CA PHE C 368 -3.62 6.07 35.24
C PHE C 368 -4.84 6.88 34.77
N GLU C 369 -5.49 6.41 33.69
CA GLU C 369 -6.65 7.10 33.12
C GLU C 369 -7.87 7.10 34.04
N ILE C 370 -7.99 6.07 34.88
CA ILE C 370 -9.12 5.94 35.81
C ILE C 370 -8.91 6.84 37.02
N LEU C 371 -7.78 6.66 37.70
CA LEU C 371 -7.47 7.42 38.91
C LEU C 371 -7.36 8.93 38.65
N PHE C 372 -6.73 9.27 37.52
CA PHE C 372 -6.51 10.65 37.13
C PHE C 372 -7.25 10.93 35.83
N GLU C 373 -8.57 11.01 35.96
CA GLU C 373 -9.49 11.22 34.84
C GLU C 373 -9.18 12.54 34.13
N GLY C 374 -8.93 12.46 32.82
CA GLY C 374 -8.67 13.63 31.99
C GLY C 374 -7.22 14.10 31.90
N VAL C 375 -6.37 13.63 32.82
CA VAL C 375 -4.96 14.04 32.86
C VAL C 375 -4.24 13.53 31.63
N GLU C 376 -3.55 14.44 30.94
CA GLU C 376 -2.75 14.11 29.77
C GLU C 376 -1.25 14.25 30.00
N TYR C 377 -0.85 15.34 30.67
CA TYR C 377 0.55 15.61 30.97
C TYR C 377 0.82 15.56 32.48
N ILE C 378 1.90 14.89 32.88
CA ILE C 378 2.45 14.98 34.22
C ILE C 378 3.45 16.13 34.18
N ALA C 379 3.00 17.31 34.60
CA ALA C 379 3.81 18.53 34.47
C ALA C 379 5.00 18.53 35.42
N ARG C 380 4.72 18.30 36.70
CA ARG C 380 5.75 18.29 37.75
C ARG C 380 5.46 17.13 38.70
N ALA C 381 6.47 16.71 39.44
CA ALA C 381 6.32 15.64 40.44
C ALA C 381 7.46 15.61 41.45
N GLY C 382 7.15 15.15 42.67
CA GLY C 382 8.16 15.03 43.72
C GLY C 382 7.61 14.29 44.92
N TRP C 383 8.15 14.60 46.09
CA TRP C 383 7.68 14.05 47.37
C TRP C 383 7.47 15.16 48.38
N THR C 384 6.67 14.90 49.40
CA THR C 384 6.55 15.80 50.55
C THR C 384 7.81 15.66 51.42
N PRO C 385 8.12 16.66 52.28
CA PRO C 385 9.38 16.62 53.04
C PRO C 385 9.56 15.40 53.96
N GLU C 386 8.47 14.84 54.47
CA GLU C 386 8.50 13.65 55.33
C GLU C 386 8.56 12.34 54.54
N GLY C 387 8.37 12.40 53.22
CA GLY C 387 8.30 11.22 52.38
C GLY C 387 6.97 10.48 52.46
N LYS C 388 5.97 11.11 53.04
CA LYS C 388 4.70 10.46 53.33
C LYS C 388 3.91 10.23 52.03
N TYR C 389 3.74 11.31 51.27
CA TYR C 389 3.10 11.26 49.95
C TYR C 389 4.08 11.64 48.85
N ALA C 390 3.86 11.07 47.66
CA ALA C 390 4.40 11.63 46.42
C ALA C 390 3.38 12.66 45.95
N TRP C 391 3.85 13.75 45.34
CA TRP C 391 2.95 14.74 44.75
C TRP C 391 3.18 14.86 43.25
N SER C 392 2.23 15.49 42.59
CA SER C 392 2.30 15.69 41.15
C SER C 392 1.32 16.77 40.72
N ILE C 393 1.76 17.61 39.78
CA ILE C 393 0.95 18.67 39.21
C ILE C 393 0.58 18.20 37.82
N LEU C 394 -0.72 18.02 37.59
CA LEU C 394 -1.23 17.32 36.40
C LEU C 394 -2.10 18.25 35.55
N LEU C 395 -1.96 18.12 34.23
CA LEU C 395 -2.71 18.94 33.26
C LEU C 395 -3.55 18.09 32.34
N ASP C 396 -4.72 18.60 31.94
CA ASP C 396 -5.51 18.01 30.85
C ASP C 396 -4.90 18.39 29.49
N ARG C 397 -5.45 17.87 28.40
CA ARG C 397 -4.88 18.10 27.06
C ARG C 397 -4.95 19.56 26.56
N SER C 398 -6.04 20.24 26.88
CA SER C 398 -6.21 21.65 26.49
C SER C 398 -5.34 22.60 27.33
N GLN C 399 -4.84 22.10 28.46
CA GLN C 399 -3.98 22.86 29.38
C GLN C 399 -4.74 24.05 29.95
N THR C 400 -5.99 23.79 30.30
CA THR C 400 -6.86 24.76 30.97
C THR C 400 -7.21 24.33 32.38
N ARG C 401 -6.89 23.09 32.76
CA ARG C 401 -7.16 22.57 34.10
C ARG C 401 -5.89 21.99 34.73
N LEU C 402 -5.49 22.54 35.88
CA LEU C 402 -4.36 22.03 36.65
C LEU C 402 -4.86 21.41 37.96
N GLN C 403 -4.29 20.26 38.32
CA GLN C 403 -4.60 19.57 39.58
C GLN C 403 -3.30 19.23 40.30
N ILE C 404 -3.16 19.66 41.55
CA ILE C 404 -2.08 19.22 42.42
C ILE C 404 -2.64 18.01 43.17
N VAL C 405 -1.90 16.89 43.13
CA VAL C 405 -2.43 15.60 43.57
C VAL C 405 -1.44 14.79 44.43
N LEU C 406 -1.80 14.52 45.67
CA LEU C 406 -1.02 13.64 46.53
C LEU C 406 -1.35 12.17 46.23
N ILE C 407 -0.30 11.34 46.16
CA ILE C 407 -0.40 9.92 45.82
C ILE C 407 0.30 9.14 46.93
N SER C 408 -0.45 8.35 47.68
CA SER C 408 0.13 7.49 48.72
C SER C 408 0.99 6.38 48.09
N PRO C 409 2.10 5.97 48.75
CA PRO C 409 2.83 4.77 48.30
C PRO C 409 2.02 3.47 48.39
N GLU C 410 1.00 3.45 49.25
CA GLU C 410 0.11 2.29 49.38
C GLU C 410 -0.83 2.09 48.18
N LEU C 411 -1.00 3.13 47.35
CA LEU C 411 -1.69 3.00 46.04
C LEU C 411 -0.99 2.08 45.04
N PHE C 412 0.31 1.83 45.24
CA PHE C 412 1.08 0.96 44.36
C PHE C 412 1.10 -0.47 44.91
N ILE C 413 0.92 -1.44 44.01
CA ILE C 413 1.02 -2.87 44.33
C ILE C 413 2.06 -3.49 43.41
N PRO C 414 2.62 -4.67 43.78
CA PRO C 414 3.59 -5.33 42.90
C PRO C 414 3.04 -5.65 41.50
N VAL C 415 3.93 -5.65 40.51
CA VAL C 415 3.55 -5.98 39.14
C VAL C 415 3.47 -7.51 39.05
N GLU C 416 2.28 -8.02 38.73
CA GLU C 416 2.06 -9.46 38.56
C GLU C 416 1.29 -9.74 37.27
N ASP C 417 1.93 -10.47 36.37
CA ASP C 417 1.30 -10.92 35.11
C ASP C 417 0.23 -12.00 35.32
N ASP C 418 0.38 -12.81 36.37
CA ASP C 418 -0.65 -13.79 36.78
C ASP C 418 -1.90 -13.05 37.30
N VAL C 419 -3.03 -13.24 36.63
CA VAL C 419 -4.25 -12.47 36.92
C VAL C 419 -4.92 -12.80 38.27
N MET C 420 -4.74 -14.03 38.76
CA MET C 420 -5.30 -14.43 40.07
C MET C 420 -4.57 -13.74 41.21
N GLU C 421 -3.24 -13.80 41.17
CA GLU C 421 -2.39 -13.15 42.18
C GLU C 421 -2.46 -11.61 42.13
N ARG C 422 -2.79 -11.05 40.97
CA ARG C 422 -3.00 -9.59 40.81
C ARG C 422 -4.27 -9.13 41.54
N GLN C 423 -5.34 -9.91 41.42
CA GLN C 423 -6.61 -9.63 42.10
C GLN C 423 -6.48 -9.70 43.62
N ARG C 424 -5.69 -10.65 44.11
CA ARG C 424 -5.34 -10.74 45.54
C ARG C 424 -4.81 -9.40 46.08
N LEU C 425 -3.79 -8.88 45.39
CA LEU C 425 -3.10 -7.66 45.82
C LEU C 425 -3.97 -6.41 45.76
N ILE C 426 -4.95 -6.39 44.87
CA ILE C 426 -5.92 -5.29 44.79
C ILE C 426 -6.84 -5.30 46.02
N GLU C 427 -7.30 -6.49 46.41
CA GLU C 427 -8.16 -6.66 47.59
C GLU C 427 -7.47 -6.28 48.91
N SER C 428 -6.17 -6.60 49.01
CA SER C 428 -5.39 -6.28 50.21
C SER C 428 -5.30 -4.79 50.54
N VAL C 429 -5.33 -3.94 49.51
CA VAL C 429 -5.30 -2.48 49.69
C VAL C 429 -6.69 -1.99 50.13
N PRO C 430 -6.77 -1.20 51.23
CA PRO C 430 -8.05 -0.59 51.63
C PRO C 430 -8.64 0.37 50.59
N ASP C 431 -9.95 0.60 50.69
CA ASP C 431 -10.62 1.60 49.85
C ASP C 431 -10.28 3.03 50.29
N SER C 432 -9.93 3.20 51.57
CA SER C 432 -9.49 4.49 52.12
C SER C 432 -8.25 5.04 51.41
N VAL C 433 -7.33 4.16 51.02
CA VAL C 433 -6.15 4.55 50.23
C VAL C 433 -6.62 4.96 48.83
N THR C 434 -6.49 6.24 48.53
CA THR C 434 -7.08 6.86 47.36
C THR C 434 -6.28 8.12 46.98
N PRO C 435 -6.21 8.45 45.67
CA PRO C 435 -5.53 9.70 45.31
C PRO C 435 -6.28 10.93 45.85
N LEU C 436 -5.52 11.95 46.24
CA LEU C 436 -6.07 13.14 46.91
C LEU C 436 -5.77 14.40 46.11
N ILE C 437 -6.75 14.88 45.34
CA ILE C 437 -6.62 16.14 44.63
C ILE C 437 -6.74 17.27 45.66
N ILE C 438 -5.59 17.74 46.14
CA ILE C 438 -5.51 18.80 47.15
C ILE C 438 -5.71 20.22 46.60
N TYR C 439 -5.72 20.37 45.27
CA TYR C 439 -5.97 21.67 44.64
C TYR C 439 -6.37 21.48 43.18
N GLU C 440 -7.37 22.24 42.74
CA GLU C 440 -7.77 22.27 41.34
C GLU C 440 -8.03 23.73 40.90
N GLU C 441 -7.74 24.02 39.64
CA GLU C 441 -7.96 25.35 39.08
C GLU C 441 -8.24 25.25 37.59
N THR C 442 -8.91 26.27 37.05
CA THR C 442 -9.26 26.31 35.63
C THR C 442 -9.09 27.72 35.08
N THR C 443 -9.06 27.82 33.75
CA THR C 443 -8.92 29.11 33.08
C THR C 443 -9.39 29.04 31.63
N ASP C 444 -10.00 30.12 31.15
CA ASP C 444 -10.42 30.21 29.76
C ASP C 444 -9.26 30.53 28.80
N ILE C 445 -8.10 30.86 29.35
CA ILE C 445 -6.91 31.16 28.55
C ILE C 445 -6.01 29.92 28.53
N TRP C 446 -4.99 29.85 29.40
CA TRP C 446 -4.18 28.63 29.53
C TRP C 446 -3.42 28.61 30.86
N ILE C 447 -3.05 27.41 31.29
CA ILE C 447 -2.22 27.25 32.49
C ILE C 447 -0.76 27.34 32.08
N ASN C 448 -0.04 28.28 32.70
CA ASN C 448 1.41 28.35 32.60
C ASN C 448 2.02 27.61 33.78
N ILE C 449 2.77 26.55 33.48
CA ILE C 449 3.41 25.73 34.50
C ILE C 449 4.62 26.48 35.05
N HIS C 450 4.84 26.32 36.36
CA HIS C 450 5.96 26.98 37.06
C HIS C 450 6.55 26.06 38.13
N ASP C 451 7.69 26.47 38.66
CA ASP C 451 8.49 25.66 39.58
C ASP C 451 8.24 25.97 41.06
N ILE C 452 7.32 26.91 41.35
CA ILE C 452 6.85 27.20 42.70
C ILE C 452 5.87 26.13 43.20
N PHE C 453 6.24 25.47 44.30
CA PHE C 453 5.33 24.62 45.08
C PHE C 453 6.03 24.23 46.37
N HIS C 454 5.72 24.91 47.47
CA HIS C 454 6.33 24.65 48.77
C HIS C 454 5.35 23.95 49.69
N VAL C 455 5.73 22.78 50.22
CA VAL C 455 4.90 22.01 51.15
C VAL C 455 5.43 22.15 52.59
N PHE C 456 4.58 22.65 53.49
CA PHE C 456 4.92 22.77 54.91
C PHE C 456 4.88 21.40 55.59
N PRO C 457 5.54 21.26 56.76
CA PRO C 457 5.40 20.01 57.50
C PRO C 457 3.98 19.80 58.01
N GLN C 458 3.51 18.55 58.01
CA GLN C 458 2.16 18.21 58.44
C GLN C 458 2.03 18.24 59.97
N SER C 459 1.32 19.24 60.48
CA SER C 459 1.01 19.32 61.90
C SER C 459 -0.16 18.38 62.22
N HIS C 460 -1.34 18.68 61.68
CA HIS C 460 -2.50 17.78 61.79
C HIS C 460 -2.35 16.61 60.83
N GLU C 461 -3.01 15.51 61.17
CA GLU C 461 -2.91 14.27 60.40
C GLU C 461 -3.67 14.36 59.08
N GLU C 462 -4.87 14.93 59.13
CA GLU C 462 -5.78 14.98 57.98
C GLU C 462 -5.79 16.38 57.33
N GLU C 463 -4.65 17.06 57.34
CA GLU C 463 -4.46 18.32 56.62
C GLU C 463 -3.10 18.34 55.92
N ILE C 464 -3.03 19.09 54.81
CA ILE C 464 -1.77 19.46 54.17
C ILE C 464 -1.80 20.96 53.93
N GLU C 465 -0.71 21.63 54.29
CA GLU C 465 -0.58 23.08 54.15
C GLU C 465 0.55 23.33 53.13
N PHE C 466 0.36 24.28 52.22
CA PHE C 466 1.34 24.55 51.16
C PHE C 466 1.19 25.92 50.50
N ILE C 467 2.25 26.40 49.85
CA ILE C 467 2.21 27.61 49.04
C ILE C 467 2.28 27.24 47.56
N PHE C 468 1.37 27.80 46.77
CA PHE C 468 1.34 27.63 45.31
C PHE C 468 1.19 29.01 44.67
N ALA C 469 1.46 29.11 43.37
CA ALA C 469 1.27 30.34 42.62
C ALA C 469 0.24 30.10 41.53
N SER C 470 -0.55 31.12 41.21
CA SER C 470 -1.57 31.01 40.17
C SER C 470 -1.96 32.34 39.52
N GLU C 471 -2.19 32.29 38.21
CA GLU C 471 -2.80 33.38 37.45
C GLU C 471 -4.32 33.22 37.29
N CYS C 472 -4.90 32.15 37.83
CA CYS C 472 -6.29 31.79 37.56
C CYS C 472 -7.34 32.63 38.29
N LYS C 473 -7.00 33.25 39.43
CA LYS C 473 -7.94 34.10 40.16
C LYS C 473 -8.02 35.49 39.55
N THR C 474 -6.88 36.15 39.46
CA THR C 474 -6.79 37.58 39.14
C THR C 474 -6.27 37.91 37.73
N GLY C 475 -5.74 36.93 37.00
CA GLY C 475 -5.06 37.17 35.73
C GLY C 475 -3.61 37.65 35.88
N PHE C 476 -3.05 37.46 37.07
CA PHE C 476 -1.66 37.77 37.39
C PHE C 476 -1.17 36.74 38.40
N ARG C 477 0.10 36.31 38.26
CA ARG C 477 0.64 35.21 39.06
C ARG C 477 0.96 35.70 40.46
N HIS C 478 0.28 35.13 41.45
CA HIS C 478 0.48 35.49 42.85
C HIS C 478 0.54 34.26 43.73
N LEU C 479 1.15 34.43 44.89
CA LEU C 479 1.36 33.33 45.85
C LEU C 479 0.14 33.21 46.75
N TYR C 480 -0.26 31.97 47.03
CA TYR C 480 -1.42 31.68 47.87
C TYR C 480 -1.05 30.61 48.89
N LYS C 481 -1.44 30.84 50.14
CA LYS C 481 -1.28 29.84 51.21
C LYS C 481 -2.56 29.04 51.30
N ILE C 482 -2.45 27.73 51.07
CA ILE C 482 -3.62 26.85 50.96
C ILE C 482 -3.52 25.73 51.97
N THR C 483 -4.64 25.43 52.63
CA THR C 483 -4.76 24.30 53.55
C THR C 483 -5.90 23.42 53.06
N SER C 484 -5.61 22.13 52.82
CA SER C 484 -6.60 21.20 52.26
C SER C 484 -6.89 20.06 53.24
N ILE C 485 -8.13 19.58 53.23
CA ILE C 485 -8.58 18.51 54.15
C ILE C 485 -8.52 17.18 53.43
N LEU C 486 -7.76 16.24 53.98
CA LEU C 486 -7.54 14.93 53.36
C LEU C 486 -8.66 13.98 53.78
N LYS C 487 -9.81 14.12 53.13
CA LYS C 487 -10.99 13.33 53.46
C LYS C 487 -10.91 11.88 52.99
N GLU C 488 -11.74 11.04 53.59
CA GLU C 488 -12.07 9.74 53.03
C GLU C 488 -12.87 10.00 51.76
N SER C 489 -12.58 9.24 50.70
CA SER C 489 -13.26 9.43 49.42
C SER C 489 -14.67 8.84 49.47
N LYS C 490 -15.60 9.49 48.76
CA LYS C 490 -16.96 8.97 48.58
C LYS C 490 -16.95 7.69 47.76
N TYR C 491 -16.09 7.66 46.74
CA TYR C 491 -15.86 6.47 45.90
C TYR C 491 -15.31 5.30 46.72
N LYS C 492 -15.80 4.10 46.41
CA LYS C 492 -15.31 2.85 47.02
C LYS C 492 -14.99 1.83 45.95
N ARG C 493 -13.79 1.24 46.04
CA ARG C 493 -13.26 0.30 45.05
C ARG C 493 -13.79 -1.14 45.23
N SER C 494 -14.32 -1.46 46.41
CA SER C 494 -14.88 -2.78 46.72
C SER C 494 -16.00 -3.18 45.76
N SER C 495 -16.97 -2.28 45.61
CA SER C 495 -18.08 -2.47 44.66
C SER C 495 -17.61 -2.46 43.20
N GLY C 496 -16.52 -1.73 42.92
CA GLY C 496 -15.81 -1.85 41.65
C GLY C 496 -16.51 -1.14 40.50
N GLY C 497 -16.72 0.16 40.67
CA GLY C 497 -17.19 1.05 39.60
C GLY C 497 -16.08 2.01 39.21
N LEU C 498 -16.36 2.90 38.27
CA LEU C 498 -15.43 3.98 37.92
C LEU C 498 -15.76 5.21 38.78
N PRO C 499 -14.73 5.95 39.27
CA PRO C 499 -15.05 7.16 40.04
C PRO C 499 -15.53 8.33 39.16
N ALA C 500 -16.40 9.15 39.74
CA ALA C 500 -16.89 10.37 39.09
C ALA C 500 -15.79 11.45 39.09
N PRO C 501 -15.91 12.46 38.22
CA PRO C 501 -14.92 13.55 38.10
C PRO C 501 -14.40 14.14 39.42
N SER C 502 -15.30 14.40 40.37
CA SER C 502 -14.95 15.07 41.64
C SER C 502 -14.91 14.15 42.86
N ASP C 503 -14.71 12.84 42.66
CA ASP C 503 -14.67 11.87 43.77
C ASP C 503 -13.39 11.90 44.62
N PHE C 504 -12.30 12.41 44.05
CA PHE C 504 -11.02 12.51 44.76
C PHE C 504 -10.65 13.94 45.19
N LYS C 505 -11.55 14.90 44.98
CA LYS C 505 -11.28 16.30 45.35
C LYS C 505 -11.38 16.50 46.85
N CYS C 506 -10.51 17.36 47.38
CA CYS C 506 -10.46 17.68 48.79
C CYS C 506 -11.11 19.04 49.03
N PRO C 507 -11.83 19.21 50.16
CA PRO C 507 -12.34 20.55 50.47
C PRO C 507 -11.20 21.51 50.84
N ILE C 508 -11.25 22.73 50.32
CA ILE C 508 -10.25 23.75 50.59
C ILE C 508 -10.64 24.48 51.88
N LYS C 509 -9.95 24.16 52.98
CA LYS C 509 -10.23 24.78 54.29
C LYS C 509 -9.89 26.27 54.33
N GLU C 510 -8.82 26.65 53.64
CA GLU C 510 -8.32 28.02 53.66
C GLU C 510 -7.55 28.33 52.36
N GLU C 511 -7.62 29.57 51.90
CA GLU C 511 -6.88 30.01 50.71
C GLU C 511 -6.55 31.50 50.82
N ILE C 512 -5.52 31.81 51.61
CA ILE C 512 -5.08 33.19 51.82
C ILE C 512 -4.24 33.63 50.62
N ALA C 513 -4.47 34.84 50.14
CA ALA C 513 -3.63 35.44 49.09
C ALA C 513 -2.46 36.20 49.73
N ILE C 514 -1.24 35.68 49.56
CA ILE C 514 -0.04 36.30 50.13
C ILE C 514 0.32 37.58 49.36
N THR C 515 0.15 37.56 48.04
CA THR C 515 0.41 38.74 47.21
C THR C 515 -0.76 39.03 46.27
N SER C 516 -0.82 40.27 45.77
CA SER C 516 -1.88 40.72 44.88
C SER C 516 -1.51 42.02 44.18
N GLY C 517 -2.09 42.26 43.01
CA GLY C 517 -1.85 43.48 42.23
C GLY C 517 -1.77 43.25 40.74
N GLU C 518 -1.51 44.34 40.00
CA GLU C 518 -1.37 44.30 38.54
C GLU C 518 0.09 44.08 38.15
N TRP C 519 0.64 42.99 38.68
CA TRP C 519 2.03 42.60 38.47
C TRP C 519 2.12 41.11 38.80
N GLU C 520 3.23 40.46 38.44
CA GLU C 520 3.36 39.01 38.68
C GLU C 520 4.56 38.59 39.52
N VAL C 521 4.37 37.50 40.26
CA VAL C 521 5.44 36.71 40.85
C VAL C 521 6.04 35.84 39.74
N LEU C 522 7.36 35.69 39.76
CA LEU C 522 8.08 34.90 38.76
C LEU C 522 8.38 33.48 39.27
N GLY C 523 8.18 32.49 38.40
CA GLY C 523 8.38 31.08 38.75
C GLY C 523 8.92 30.18 37.65
N ARG C 524 9.73 30.75 36.75
CA ARG C 524 10.33 30.00 35.64
C ARG C 524 11.77 30.43 35.41
N HIS C 525 12.50 29.59 34.69
CA HIS C 525 13.89 29.86 34.28
C HIS C 525 14.80 30.19 35.46
N GLY C 526 14.59 29.51 36.59
CA GLY C 526 15.39 29.73 37.81
C GLY C 526 14.74 30.54 38.91
N SER C 527 13.72 31.32 38.55
CA SER C 527 12.94 32.07 39.54
C SER C 527 12.07 31.11 40.36
N ASN C 528 12.09 31.30 41.67
CA ASN C 528 11.36 30.46 42.61
C ASN C 528 11.24 31.24 43.93
N ILE C 529 10.73 30.59 44.96
CA ILE C 529 10.63 31.20 46.29
C ILE C 529 11.54 30.51 47.29
N GLN C 530 11.84 31.21 48.38
CA GLN C 530 12.51 30.66 49.54
C GLN C 530 11.64 30.98 50.74
N VAL C 531 11.36 29.98 51.57
CA VAL C 531 10.48 30.13 52.72
C VAL C 531 11.28 30.08 54.01
N ASP C 532 11.07 31.09 54.85
CA ASP C 532 11.66 31.17 56.18
C ASP C 532 10.58 30.71 57.14
N GLU C 533 10.62 29.45 57.54
CA GLU C 533 9.60 28.89 58.43
C GLU C 533 9.65 29.43 59.86
N VAL C 534 10.83 29.90 60.29
CA VAL C 534 11.01 30.46 61.64
C VAL C 534 10.36 31.85 61.75
N ARG C 535 10.81 32.79 60.91
CA ARG C 535 10.21 34.13 60.84
C ARG C 535 8.86 34.18 60.11
N ARG C 536 8.50 33.08 59.43
CA ARG C 536 7.22 32.92 58.76
C ARG C 536 7.09 33.94 57.61
N LEU C 537 8.15 33.95 56.78
CA LEU C 537 8.28 34.85 55.64
C LEU C 537 8.54 34.05 54.36
N VAL C 538 8.20 34.66 53.23
CA VAL C 538 8.49 34.09 51.91
C VAL C 538 9.21 35.14 51.07
N TYR C 539 10.33 34.74 50.46
CA TYR C 539 11.07 35.58 49.53
C TYR C 539 10.64 35.18 48.12
N PHE C 540 10.47 36.16 47.24
CA PHE C 540 10.04 35.89 45.87
C PHE C 540 10.56 36.97 44.90
N GLU C 541 10.61 36.63 43.62
CA GLU C 541 10.98 37.59 42.59
C GLU C 541 9.70 38.07 41.92
N GLY C 542 9.69 39.31 41.44
CA GLY C 542 8.49 39.85 40.81
C GLY C 542 8.67 41.12 40.01
N THR C 543 7.57 41.53 39.37
CA THR C 543 7.52 42.74 38.53
C THR C 543 6.76 43.92 39.18
N LYS C 544 6.57 43.89 40.50
CA LYS C 544 5.76 44.91 41.18
C LYS C 544 6.20 46.32 40.90
N ASP C 545 7.51 46.57 40.97
CA ASP C 545 8.03 47.89 40.72
C ASP C 545 7.98 48.25 39.24
N SER C 546 8.16 47.27 38.35
CA SER C 546 8.05 47.51 36.91
C SER C 546 8.04 46.22 36.09
N PRO C 547 7.34 46.22 34.93
CA PRO C 547 7.44 45.08 34.01
C PRO C 547 8.79 44.96 33.30
N LEU C 548 9.62 46.00 33.35
CA LEU C 548 10.95 45.98 32.73
C LEU C 548 12.10 45.66 33.70
N GLU C 549 11.78 45.33 34.96
CA GLU C 549 12.79 44.98 35.95
C GLU C 549 12.28 43.88 36.89
N HIS C 550 13.03 42.79 36.99
CA HIS C 550 12.78 41.79 38.04
C HIS C 550 13.44 42.25 39.34
N HIS C 551 12.72 42.08 40.46
CA HIS C 551 13.23 42.47 41.79
C HIS C 551 12.90 41.43 42.83
N LEU C 552 13.75 41.35 43.84
CA LEU C 552 13.55 40.45 44.97
C LEU C 552 12.67 41.16 45.98
N TYR C 553 11.67 40.45 46.49
CA TYR C 553 10.77 40.96 47.52
C TYR C 553 10.69 39.97 48.67
N VAL C 554 10.10 40.40 49.77
CA VAL C 554 9.84 39.54 50.92
C VAL C 554 8.54 40.00 51.60
N VAL C 555 7.80 39.02 52.13
CA VAL C 555 6.51 39.27 52.76
C VAL C 555 6.16 38.12 53.68
N SER C 556 5.38 38.41 54.73
CA SER C 556 4.90 37.39 55.64
C SER C 556 3.82 36.57 54.94
N TYR C 557 3.83 35.25 55.16
CA TYR C 557 2.76 34.37 54.68
C TYR C 557 1.65 34.14 55.72
N VAL C 558 1.86 34.61 56.95
CA VAL C 558 0.88 34.47 58.05
C VAL C 558 -0.05 35.68 58.10
N ASN C 559 0.53 36.86 58.25
CA ASN C 559 -0.21 38.13 58.26
C ASN C 559 0.19 38.94 57.03
N PRO C 560 -0.21 38.48 55.83
CA PRO C 560 0.34 39.08 54.62
C PRO C 560 -0.11 40.52 54.38
N GLY C 561 0.84 41.42 54.15
CA GLY C 561 0.56 42.82 53.87
C GLY C 561 1.68 43.50 53.12
N GLU C 562 2.38 44.41 53.80
CA GLU C 562 3.51 45.15 53.22
C GLU C 562 4.51 44.24 52.51
N VAL C 563 4.81 44.55 51.26
CA VAL C 563 5.77 43.79 50.46
C VAL C 563 7.07 44.59 50.37
N THR C 564 8.07 44.18 51.15
CA THR C 564 9.37 44.85 51.16
C THR C 564 10.22 44.44 49.97
N ARG C 565 10.71 45.41 49.20
CA ARG C 565 11.69 45.14 48.15
C ARG C 565 13.10 45.09 48.75
N LEU C 566 13.91 44.16 48.27
CA LEU C 566 15.29 43.99 48.74
C LEU C 566 16.36 44.35 47.69
N THR C 567 15.98 44.47 46.42
CA THR C 567 16.94 44.80 45.35
C THR C 567 16.82 46.28 44.95
N ASP C 568 17.93 46.86 44.50
CA ASP C 568 17.98 48.28 44.13
C ASP C 568 17.40 48.54 42.74
N ARG C 569 16.54 49.56 42.65
CA ARG C 569 15.95 49.99 41.37
C ARG C 569 17.01 50.49 40.40
N GLY C 570 16.65 50.51 39.12
CA GLY C 570 17.59 50.84 38.06
C GLY C 570 18.32 49.64 37.46
N TYR C 571 18.11 48.45 38.04
CA TYR C 571 18.62 47.19 37.50
C TYR C 571 17.52 46.12 37.53
N SER C 572 17.66 45.12 36.65
CA SER C 572 16.87 43.89 36.74
C SER C 572 17.74 42.82 37.40
N HIS C 573 17.15 42.03 38.29
CA HIS C 573 17.90 41.10 39.13
C HIS C 573 17.42 39.66 38.94
N SER C 574 18.34 38.71 38.99
CA SER C 574 18.04 37.29 39.11
C SER C 574 18.71 36.83 40.39
N CYS C 575 17.92 36.36 41.36
CA CYS C 575 18.40 36.17 42.73
C CYS C 575 18.33 34.73 43.22
N CYS C 576 19.19 34.43 44.20
CA CYS C 576 19.28 33.13 44.84
C CYS C 576 19.40 33.38 46.34
N ILE C 577 18.42 32.92 47.12
CA ILE C 577 18.40 33.15 48.57
C ILE C 577 19.06 31.96 49.27
N SER C 578 19.99 32.23 50.17
CA SER C 578 20.62 31.18 50.99
C SER C 578 19.55 30.33 51.69
N GLN C 579 19.84 29.04 51.84
CA GLN C 579 18.92 28.14 52.57
C GLN C 579 18.67 28.57 54.01
N HIS C 580 19.60 29.32 54.60
CA HIS C 580 19.48 29.83 55.97
C HIS C 580 18.83 31.22 56.03
N CYS C 581 18.36 31.72 54.88
CA CYS C 581 17.63 33.00 54.79
C CYS C 581 18.35 34.20 55.43
N ASP C 582 19.69 34.15 55.45
CA ASP C 582 20.52 35.19 56.06
C ASP C 582 21.43 35.92 55.06
N PHE C 583 21.43 35.47 53.81
CA PHE C 583 22.16 36.11 52.70
C PHE C 583 21.33 35.93 51.43
N PHE C 584 21.65 36.70 50.40
CA PHE C 584 21.18 36.40 49.06
C PHE C 584 22.13 36.94 48.01
N ILE C 585 22.18 36.26 46.87
CA ILE C 585 23.02 36.66 45.76
C ILE C 585 22.09 37.17 44.69
N SER C 586 22.54 38.18 43.95
CA SER C 586 21.78 38.77 42.86
C SER C 586 22.69 38.94 41.65
N LYS C 587 22.25 38.39 40.51
CA LYS C 587 22.86 38.65 39.21
C LYS C 587 22.05 39.76 38.57
N TYR C 588 22.65 40.95 38.45
CA TYR C 588 21.93 42.15 38.02
C TYR C 588 22.60 42.84 36.84
N SER C 589 21.81 43.58 36.08
CA SER C 589 22.32 44.45 35.01
C SER C 589 21.29 45.52 34.67
N ASN C 590 21.69 46.42 33.78
CA ASN C 590 20.76 47.33 33.12
C ASN C 590 21.25 47.62 31.72
N GLN C 591 20.48 48.40 30.98
CA GLN C 591 20.77 48.64 29.56
C GLN C 591 22.22 49.08 29.28
N LYS C 592 22.78 49.90 30.17
CA LYS C 592 24.12 50.48 30.01
C LYS C 592 25.25 49.65 30.62
N ASN C 593 25.00 49.04 31.77
CA ASN C 593 26.01 48.30 32.54
C ASN C 593 25.88 46.78 32.37
N PRO C 594 26.98 46.07 32.01
CA PRO C 594 26.97 44.60 31.92
C PRO C 594 26.66 43.87 33.23
N HIS C 595 26.58 42.54 33.13
CA HIS C 595 26.10 41.71 34.23
C HIS C 595 27.11 41.69 35.36
N CYS C 596 26.61 41.78 36.59
CA CYS C 596 27.40 41.66 37.82
C CYS C 596 26.71 40.66 38.74
N VAL C 597 27.48 39.99 39.59
CA VAL C 597 26.92 39.11 40.61
C VAL C 597 27.45 39.56 41.95
N SER C 598 26.56 39.85 42.89
CA SER C 598 26.95 40.36 44.20
C SER C 598 26.21 39.69 45.34
N LEU C 599 26.86 39.64 46.49
CA LEU C 599 26.35 39.02 47.71
C LEU C 599 25.81 40.10 48.66
N TYR C 600 24.59 39.90 49.16
CA TYR C 600 23.94 40.83 50.06
C TYR C 600 23.57 40.09 51.35
N LYS C 601 23.89 40.69 52.50
CA LYS C 601 23.55 40.12 53.79
C LYS C 601 22.18 40.62 54.23
N LEU C 602 21.31 39.70 54.63
CA LEU C 602 20.01 40.02 55.22
C LEU C 602 20.11 40.11 56.75
N SER C 603 19.29 40.98 57.32
CA SER C 603 19.21 41.14 58.78
C SER C 603 17.94 41.91 59.18
N SER C 604 17.61 41.83 60.46
CA SER C 604 16.40 42.47 61.02
C SER C 604 16.79 43.52 62.06
N PRO C 605 15.98 44.59 62.21
CA PRO C 605 16.13 45.41 63.42
C PRO C 605 15.65 44.63 64.65
N GLU C 606 16.27 44.92 65.80
CA GLU C 606 16.05 44.14 67.05
C GLU C 606 14.58 44.10 67.48
N ASP C 607 13.85 45.18 67.24
CA ASP C 607 12.44 45.29 67.65
C ASP C 607 11.43 44.52 66.78
N ASP C 608 11.83 44.06 65.60
CA ASP C 608 10.89 43.41 64.67
C ASP C 608 11.58 42.47 63.67
N PRO C 609 11.53 41.14 63.92
CA PRO C 609 12.02 40.16 62.95
C PRO C 609 11.32 40.15 61.56
N THR C 610 10.05 40.57 61.50
CA THR C 610 9.31 40.71 60.22
C THR C 610 9.98 41.68 59.23
N CYS C 611 10.58 42.75 59.75
CA CYS C 611 11.23 43.74 58.92
C CYS C 611 12.58 43.23 58.44
N LYS C 612 12.80 43.25 57.13
CA LYS C 612 14.01 42.73 56.52
C LYS C 612 14.76 43.82 55.76
N THR C 613 16.01 44.04 56.15
CA THR C 613 16.89 45.01 55.52
C THR C 613 18.04 44.24 54.90
N LYS C 614 18.64 44.83 53.86
CA LYS C 614 19.78 44.23 53.18
C LYS C 614 21.02 45.11 53.30
N GLU C 615 22.17 44.51 53.07
CA GLU C 615 23.45 45.21 53.10
C GLU C 615 24.42 44.51 52.15
N PHE C 616 25.04 45.27 51.26
CA PHE C 616 26.09 44.77 50.38
C PHE C 616 27.21 44.18 51.23
N TRP C 617 27.58 42.94 50.91
CA TRP C 617 28.65 42.24 51.61
C TRP C 617 29.91 42.16 50.74
N ALA C 618 29.77 41.64 49.53
CA ALA C 618 30.90 41.45 48.63
C ALA C 618 30.49 41.19 47.19
N THR C 619 31.46 41.36 46.29
CA THR C 619 31.30 41.09 44.87
C THR C 619 31.82 39.70 44.53
N ILE C 620 31.02 38.95 43.77
CA ILE C 620 31.44 37.66 43.24
C ILE C 620 31.91 37.81 41.79
N LEU C 621 31.22 38.64 41.00
CA LEU C 621 31.63 38.95 39.64
C LEU C 621 31.47 40.44 39.32
N ASP C 622 32.56 41.06 38.87
CA ASP C 622 32.58 42.49 38.47
C ASP C 622 32.20 42.63 37.01
N SER C 623 31.51 43.73 36.69
CA SER C 623 31.22 44.08 35.30
C SER C 623 32.52 44.47 34.59
N ALA C 624 32.53 44.26 33.27
CA ALA C 624 33.62 44.77 32.42
C ALA C 624 33.66 46.31 32.41
N GLY C 625 32.50 46.93 32.64
CA GLY C 625 32.36 48.39 32.58
C GLY C 625 31.88 48.74 31.18
N PRO C 626 30.91 49.68 31.05
CA PRO C 626 30.31 49.93 29.73
C PRO C 626 31.37 50.08 28.63
N LEU C 627 31.35 49.18 27.65
CA LEU C 627 32.42 49.08 26.65
C LEU C 627 32.14 50.11 25.53
N PRO C 628 33.06 51.09 25.30
CA PRO C 628 32.80 52.21 24.35
C PRO C 628 32.30 51.86 22.93
N ASP C 629 32.68 50.68 22.42
CA ASP C 629 32.19 50.20 21.10
C ASP C 629 30.67 49.92 21.05
N TYR C 630 30.06 49.57 22.19
CA TYR C 630 28.62 49.30 22.29
C TYR C 630 27.84 50.52 22.81
N THR C 631 26.95 51.05 21.98
CA THR C 631 25.98 52.07 22.40
C THR C 631 24.63 51.38 22.66
N PRO C 632 24.11 51.48 23.89
CA PRO C 632 22.82 50.83 24.19
C PRO C 632 21.61 51.54 23.55
N PRO C 633 20.46 50.85 23.50
CA PRO C 633 19.22 51.46 23.02
C PRO C 633 18.48 52.26 24.10
N GLU C 634 17.48 53.02 23.67
CA GLU C 634 16.53 53.67 24.56
C GLU C 634 15.27 52.82 24.60
N ILE C 635 14.81 52.51 25.80
CA ILE C 635 13.49 51.94 25.97
C ILE C 635 12.48 53.07 25.78
N PHE C 636 11.52 52.85 24.88
CA PHE C 636 10.36 53.73 24.71
C PHE C 636 9.06 52.99 25.03
N SER C 637 7.95 53.69 24.94
CA SER C 637 6.63 53.08 25.03
C SER C 637 5.52 53.97 24.46
N PHE C 638 4.43 53.33 24.03
CA PHE C 638 3.28 54.03 23.48
C PHE C 638 1.98 53.39 23.97
N GLU C 639 0.95 54.22 24.13
CA GLU C 639 -0.37 53.75 24.53
C GLU C 639 -1.09 53.27 23.27
N SER C 640 -1.21 51.95 23.14
CA SER C 640 -1.78 51.35 21.93
C SER C 640 -3.30 51.49 21.91
N THR C 641 -3.86 51.51 20.70
CA THR C 641 -5.33 51.48 20.51
C THR C 641 -5.98 50.21 21.06
N THR C 642 -5.17 49.17 21.28
CA THR C 642 -5.60 47.92 21.90
C THR C 642 -5.94 48.03 23.39
N GLY C 643 -5.58 49.16 24.02
CA GLY C 643 -5.83 49.38 25.44
C GLY C 643 -4.74 48.82 26.34
N PHE C 644 -3.50 48.86 25.86
CA PHE C 644 -2.32 48.39 26.59
C PHE C 644 -1.16 49.32 26.31
N THR C 645 -0.31 49.55 27.31
CA THR C 645 0.99 50.17 27.10
C THR C 645 1.90 49.10 26.48
N LEU C 646 2.50 49.41 25.33
CA LEU C 646 3.49 48.51 24.68
C LEU C 646 4.87 49.13 24.74
N TYR C 647 5.86 48.34 25.15
CA TYR C 647 7.24 48.82 25.32
C TYR C 647 8.09 48.38 24.14
N GLY C 648 9.11 49.18 23.84
CA GLY C 648 10.03 48.92 22.73
C GLY C 648 11.45 49.37 23.03
N MET C 649 12.39 48.92 22.20
CA MET C 649 13.79 49.38 22.25
C MET C 649 14.11 50.04 20.92
N LEU C 650 14.81 51.17 20.98
CA LEU C 650 15.17 51.96 19.80
C LEU C 650 16.68 52.17 19.74
N TYR C 651 17.31 51.63 18.70
CA TYR C 651 18.72 51.90 18.41
C TYR C 651 18.78 53.02 17.36
N LYS C 652 19.07 54.24 17.81
CA LYS C 652 19.30 55.36 16.90
C LYS C 652 20.64 55.16 16.17
N PRO C 653 20.74 55.54 14.87
CA PRO C 653 21.99 55.32 14.16
C PRO C 653 23.16 56.17 14.71
N HIS C 654 24.36 55.61 14.62
CA HIS C 654 25.57 56.27 15.11
C HIS C 654 25.92 57.42 14.16
N ASP C 655 26.21 58.60 14.71
CA ASP C 655 26.42 59.84 13.95
C ASP C 655 25.18 60.22 13.10
N LEU C 656 24.12 60.63 13.79
CA LEU C 656 22.91 61.13 13.12
C LEU C 656 23.22 62.39 12.32
N GLN C 657 22.78 62.41 11.07
CA GLN C 657 22.79 63.63 10.26
C GLN C 657 21.42 64.29 10.43
N PRO C 658 21.39 65.60 10.73
CA PRO C 658 20.11 66.30 10.64
C PRO C 658 19.61 66.35 9.19
N GLY C 659 18.29 66.30 9.01
CA GLY C 659 17.67 66.37 7.69
C GLY C 659 17.89 65.16 6.78
N LYS C 660 18.15 63.99 7.38
CA LYS C 660 18.27 62.73 6.64
C LYS C 660 17.46 61.62 7.30
N LYS C 661 17.06 60.64 6.50
CA LYS C 661 16.27 59.51 6.98
C LYS C 661 16.95 58.19 6.61
N TYR C 662 16.96 57.27 7.58
CA TYR C 662 17.76 56.04 7.52
C TYR C 662 16.87 54.79 7.37
N PRO C 663 17.44 53.71 6.79
CA PRO C 663 16.69 52.46 6.61
C PRO C 663 16.55 51.72 7.95
N THR C 664 15.35 51.20 8.21
CA THR C 664 15.01 50.66 9.52
C THR C 664 14.87 49.13 9.51
N VAL C 665 15.61 48.45 10.39
CA VAL C 665 15.50 47.01 10.57
C VAL C 665 14.77 46.69 11.87
N LEU C 666 13.55 46.17 11.74
CA LEU C 666 12.77 45.68 12.88
C LEU C 666 13.22 44.25 13.23
N PHE C 667 13.84 44.08 14.40
CA PHE C 667 14.13 42.74 14.92
C PHE C 667 12.93 42.30 15.77
N ILE C 668 12.51 41.05 15.60
CA ILE C 668 11.29 40.55 16.23
C ILE C 668 11.43 39.12 16.76
N TYR C 669 10.75 38.85 17.87
CA TYR C 669 10.40 37.48 18.26
C TYR C 669 8.87 37.41 18.36
N GLY C 670 8.29 38.13 19.31
CA GLY C 670 6.84 38.34 19.36
C GLY C 670 5.95 37.19 19.78
N GLY C 671 6.55 36.05 20.11
CA GLY C 671 5.80 34.87 20.56
C GLY C 671 5.65 34.84 22.06
N PRO C 672 4.90 33.85 22.57
CA PRO C 672 4.69 33.69 24.01
C PRO C 672 5.92 33.17 24.72
N GLN C 673 5.95 33.37 26.03
CA GLN C 673 7.02 32.94 26.93
C GLN C 673 8.36 33.70 26.75
N VAL C 674 8.30 34.89 26.13
CA VAL C 674 9.49 35.72 25.90
C VAL C 674 9.17 37.20 26.08
N GLN C 675 10.16 37.94 26.60
CA GLN C 675 10.14 39.40 26.64
C GLN C 675 11.51 39.88 26.16
N LEU C 676 11.54 40.60 25.05
CA LEU C 676 12.80 41.15 24.53
C LEU C 676 13.12 42.55 25.07
N VAL C 677 12.10 43.29 25.49
CA VAL C 677 12.25 44.66 25.94
C VAL C 677 12.17 44.70 27.45
N ASN C 678 13.29 45.05 28.07
CA ASN C 678 13.40 45.19 29.52
C ASN C 678 14.71 45.90 29.85
N ASN C 679 14.90 46.23 31.11
CA ASN C 679 16.11 46.94 31.53
C ASN C 679 17.20 45.96 31.92
N ARG C 680 17.80 45.36 30.90
CA ARG C 680 18.94 44.45 31.05
C ARG C 680 19.96 44.79 29.99
N PHE C 681 21.18 44.33 30.19
CA PHE C 681 22.26 44.59 29.24
C PHE C 681 22.05 43.71 28.02
N LYS C 682 21.87 44.34 26.86
CA LYS C 682 21.64 43.63 25.61
C LYS C 682 22.89 43.55 24.73
N GLY C 683 24.03 44.02 25.23
CA GLY C 683 25.27 44.07 24.45
C GLY C 683 26.10 42.80 24.36
N VAL C 684 25.51 41.65 24.71
CA VAL C 684 26.15 40.35 24.50
C VAL C 684 25.32 39.57 23.48
N LYS C 685 24.08 39.26 23.85
CA LYS C 685 23.15 38.51 23.01
C LYS C 685 22.78 39.31 21.76
N TYR C 686 22.39 40.57 21.96
CA TYR C 686 21.96 41.47 20.88
C TYR C 686 23.00 42.58 20.65
N PHE C 687 24.28 42.21 20.70
CA PHE C 687 25.38 43.11 20.38
C PHE C 687 25.30 43.56 18.93
N ARG C 688 24.86 42.66 18.06
CA ARG C 688 24.87 42.91 16.62
C ARG C 688 23.72 43.79 16.12
N LEU C 689 22.79 44.16 17.01
CA LEU C 689 21.82 45.24 16.76
C LEU C 689 22.54 46.58 16.77
N ASN C 690 23.40 46.78 17.78
CA ASN C 690 24.32 47.93 17.84
C ASN C 690 25.23 48.01 16.59
N THR C 691 25.68 46.87 16.09
CA THR C 691 26.49 46.81 14.86
C THR C 691 25.71 47.31 13.62
N LEU C 692 24.42 46.97 13.54
CA LEU C 692 23.57 47.49 12.46
C LEU C 692 23.45 49.00 12.58
N ALA C 693 23.27 49.50 13.79
CA ALA C 693 23.19 50.94 14.04
C ALA C 693 24.49 51.70 13.69
N SER C 694 25.64 51.05 13.87
CA SER C 694 26.93 51.65 13.49
C SER C 694 27.12 51.76 11.98
N LEU C 695 26.47 50.88 11.22
CA LEU C 695 26.52 50.90 9.74
C LEU C 695 25.52 51.87 9.10
N GLY C 696 24.57 52.39 9.89
CA GLY C 696 23.60 53.38 9.44
C GLY C 696 22.14 52.96 9.46
N TYR C 697 21.82 51.83 10.08
CA TYR C 697 20.43 51.37 10.17
C TYR C 697 19.77 51.87 11.45
N VAL C 698 18.47 52.10 11.40
CA VAL C 698 17.68 52.27 12.62
C VAL C 698 17.25 50.87 13.01
N VAL C 699 17.29 50.54 14.30
CA VAL C 699 16.86 49.22 14.77
C VAL C 699 15.76 49.36 15.82
N VAL C 700 14.67 48.63 15.61
CA VAL C 700 13.51 48.67 16.50
C VAL C 700 13.19 47.25 16.98
N VAL C 701 12.81 47.14 18.26
CA VAL C 701 12.33 45.89 18.86
C VAL C 701 11.09 46.26 19.66
N ILE C 702 9.99 45.52 19.48
CA ILE C 702 8.73 45.82 20.16
C ILE C 702 8.13 44.54 20.73
N ASP C 703 7.82 44.55 22.02
CA ASP C 703 7.06 43.46 22.65
C ASP C 703 5.57 43.66 22.37
N ASN C 704 5.08 42.98 21.34
CA ASN C 704 3.66 42.95 21.02
C ASN C 704 2.85 42.13 22.01
N ARG C 705 1.52 42.17 21.84
CA ARG C 705 0.59 41.34 22.64
C ARG C 705 0.93 39.86 22.51
N GLY C 706 0.84 39.14 23.62
CA GLY C 706 1.33 37.74 23.71
C GLY C 706 2.64 37.58 24.47
N SER C 707 3.46 38.64 24.46
CA SER C 707 4.68 38.78 25.25
C SER C 707 4.53 38.41 26.73
N CYS C 708 5.66 38.09 27.34
CA CYS C 708 5.76 37.62 28.73
C CYS C 708 5.74 38.83 29.70
N HIS C 709 5.50 38.54 30.98
CA HIS C 709 5.61 39.51 32.10
C HIS C 709 4.63 40.68 32.10
N ARG C 710 3.42 40.47 31.56
CA ARG C 710 2.38 41.49 31.59
C ARG C 710 1.02 40.95 32.07
N GLY C 711 1.00 39.74 32.64
CA GLY C 711 -0.24 39.11 33.07
C GLY C 711 -0.87 38.25 31.99
N LEU C 712 -1.81 37.40 32.42
CA LEU C 712 -2.40 36.38 31.55
C LEU C 712 -3.33 36.94 30.45
N LYS C 713 -4.11 37.97 30.75
CA LYS C 713 -5.02 38.60 29.77
C LYS C 713 -4.23 39.19 28.59
N PHE C 714 -3.17 39.91 28.88
CA PHE C 714 -2.23 40.44 27.85
C PHE C 714 -1.68 39.31 26.97
N GLU C 715 -1.31 38.20 27.61
CA GLU C 715 -0.72 37.06 26.91
C GLU C 715 -1.76 36.34 26.05
N GLY C 716 -2.98 36.22 26.57
CA GLY C 716 -4.10 35.57 25.88
C GLY C 716 -4.64 36.22 24.62
N ALA C 717 -4.27 37.48 24.39
CA ALA C 717 -4.65 38.24 23.18
C ALA C 717 -4.73 37.41 21.89
N PHE C 718 -3.71 36.60 21.64
CA PHE C 718 -3.66 35.79 20.40
C PHE C 718 -4.13 34.33 20.53
N LYS C 719 -4.94 34.01 21.54
CA LYS C 719 -5.44 32.63 21.65
C LYS C 719 -6.32 32.31 20.44
N TYR C 720 -6.05 31.15 19.83
CA TYR C 720 -6.66 30.74 18.56
C TYR C 720 -6.35 31.63 17.34
N LYS C 721 -5.57 32.69 17.52
CA LYS C 721 -5.42 33.75 16.51
C LYS C 721 -3.93 34.05 16.28
N MET C 722 -3.09 33.01 16.32
CA MET C 722 -1.66 33.23 16.13
C MET C 722 -1.38 33.71 14.70
N GLY C 723 -0.48 34.70 14.61
CA GLY C 723 -0.15 35.37 13.36
C GLY C 723 -1.08 36.48 12.93
N GLN C 724 -2.16 36.73 13.67
CA GLN C 724 -3.21 37.66 13.24
C GLN C 724 -3.29 39.00 14.00
N ILE C 725 -2.55 39.14 15.10
CA ILE C 725 -2.50 40.41 15.87
C ILE C 725 -1.10 41.01 16.08
N GLU C 726 -0.06 40.22 15.85
CA GLU C 726 1.29 40.60 16.27
C GLU C 726 1.82 41.75 15.43
N ILE C 727 1.58 41.68 14.13
CA ILE C 727 2.14 42.64 13.19
C ILE C 727 1.42 44.00 13.26
N ASP C 728 0.15 43.99 13.69
CA ASP C 728 -0.55 45.26 13.99
C ASP C 728 0.23 46.05 15.04
N ASP C 729 0.54 45.40 16.15
CA ASP C 729 1.28 46.01 17.25
C ASP C 729 2.66 46.48 16.82
N GLN C 730 3.33 45.72 15.96
CA GLN C 730 4.66 46.10 15.45
C GLN C 730 4.51 47.36 14.61
N VAL C 731 3.60 47.30 13.64
CA VAL C 731 3.36 48.43 12.71
C VAL C 731 2.92 49.68 13.47
N GLU C 732 2.04 49.50 14.45
CA GLU C 732 1.57 50.61 15.30
C GLU C 732 2.73 51.29 16.02
N GLY C 733 3.61 50.49 16.61
CA GLY C 733 4.81 51.02 17.25
C GLY C 733 5.77 51.63 16.26
N LEU C 734 5.88 51.03 15.08
CA LEU C 734 6.75 51.53 14.03
C LEU C 734 6.29 52.89 13.51
N GLN C 735 4.97 53.08 13.42
CA GLN C 735 4.38 54.38 13.04
C GLN C 735 4.48 55.42 14.16
N TYR C 736 4.26 55.01 15.41
CA TYR C 736 4.48 55.87 16.58
C TYR C 736 5.89 56.46 16.58
N LEU C 737 6.89 55.61 16.34
CA LEU C 737 8.28 56.06 16.27
C LEU C 737 8.48 57.02 15.10
N ALA C 738 7.89 56.70 13.93
CA ALA C 738 8.04 57.51 12.72
C ALA C 738 7.52 58.95 12.88
N SER C 739 6.31 59.09 13.41
CA SER C 739 5.71 60.41 13.64
C SER C 739 6.57 61.30 14.55
N ARG C 740 7.21 60.68 15.55
CA ARG C 740 8.04 61.41 16.51
C ARG C 740 9.50 61.58 16.08
N TYR C 741 10.04 60.62 15.32
CA TYR C 741 11.42 60.69 14.82
C TYR C 741 11.40 60.68 13.28
N ASP C 742 11.68 61.84 12.69
CA ASP C 742 11.72 61.97 11.23
C ASP C 742 12.86 61.20 10.53
N PHE C 743 13.88 60.75 11.28
CA PHE C 743 14.98 59.95 10.71
C PHE C 743 14.63 58.49 10.32
N ILE C 744 13.46 57.99 10.74
CA ILE C 744 13.00 56.67 10.31
C ILE C 744 12.39 56.76 8.92
N ASP C 745 12.93 56.00 7.97
CA ASP C 745 12.43 55.97 6.59
C ASP C 745 11.49 54.79 6.37
N LEU C 746 10.19 55.03 6.49
CA LEU C 746 9.18 53.96 6.31
C LEU C 746 9.16 53.32 4.90
N ASP C 747 9.85 53.93 3.93
CA ASP C 747 10.04 53.30 2.61
C ASP C 747 10.97 52.09 2.67
N ARG C 748 12.02 52.18 3.48
CA ARG C 748 13.03 51.12 3.60
C ARG C 748 13.01 50.45 4.98
N VAL C 749 11.99 49.62 5.21
CA VAL C 749 11.89 48.85 6.46
C VAL C 749 12.05 47.35 6.22
N GLY C 750 13.00 46.74 6.93
CA GLY C 750 13.20 45.29 6.95
C GLY C 750 12.78 44.68 8.28
N ILE C 751 12.34 43.41 8.24
CA ILE C 751 11.95 42.66 9.43
C ILE C 751 12.75 41.35 9.51
N HIS C 752 13.17 40.98 10.72
CA HIS C 752 14.01 39.80 10.91
C HIS C 752 13.80 39.16 12.27
N GLY C 753 13.73 37.83 12.28
CA GLY C 753 13.57 37.07 13.51
C GLY C 753 13.86 35.59 13.33
N TRP C 754 14.00 34.89 14.45
CA TRP C 754 14.24 33.44 14.47
C TRP C 754 13.12 32.72 15.18
N SER C 755 12.74 31.56 14.65
CA SER C 755 11.67 30.73 15.19
C SER C 755 10.31 31.46 15.08
N TYR C 756 9.73 31.94 16.18
CA TYR C 756 8.46 32.66 16.12
C TYR C 756 8.67 34.01 15.41
N GLY C 757 9.84 34.60 15.66
CA GLY C 757 10.27 35.80 14.96
C GLY C 757 10.40 35.59 13.46
N GLY C 758 10.86 34.41 13.05
CA GLY C 758 10.91 34.05 11.64
C GLY C 758 9.53 33.86 11.05
N TYR C 759 8.65 33.22 11.83
CA TYR C 759 7.25 33.06 11.51
C TYR C 759 6.57 34.41 11.29
N LEU C 760 6.73 35.31 12.26
CA LEU C 760 6.13 36.64 12.16
C LEU C 760 6.73 37.46 11.02
N SER C 761 8.02 37.28 10.75
CA SER C 761 8.66 37.96 9.63
C SER C 761 8.00 37.58 8.30
N LEU C 762 7.68 36.30 8.13
CA LEU C 762 6.95 35.83 6.95
C LEU C 762 5.54 36.40 6.91
N MET C 763 4.87 36.41 8.05
CA MET C 763 3.54 37.01 8.17
C MET C 763 3.55 38.50 7.85
N ALA C 764 4.60 39.20 8.27
CA ALA C 764 4.75 40.63 7.99
C ALA C 764 4.79 40.90 6.49
N LEU C 765 5.67 40.20 5.78
CA LEU C 765 5.80 40.33 4.32
C LEU C 765 4.53 39.88 3.57
N MET C 766 3.85 38.88 4.13
CA MET C 766 2.63 38.34 3.55
C MET C 766 1.48 39.33 3.72
N GLN C 767 1.28 39.76 4.96
CA GLN C 767 0.16 40.66 5.30
C GLN C 767 0.38 42.11 4.90
N ARG C 768 1.60 42.61 5.09
CA ARG C 768 1.88 44.04 4.97
C ARG C 768 3.08 44.32 4.06
N SER C 769 2.96 43.92 2.80
CA SER C 769 3.90 44.28 1.74
C SER C 769 4.20 45.79 1.72
N ASP C 770 3.15 46.58 1.92
CA ASP C 770 3.23 48.04 1.99
C ASP C 770 4.23 48.61 3.00
N ILE C 771 4.30 48.02 4.20
CA ILE C 771 5.20 48.49 5.26
C ILE C 771 6.61 47.89 5.14
N PHE C 772 6.68 46.59 4.86
CA PHE C 772 7.93 45.83 4.97
C PHE C 772 8.56 45.47 3.62
N ARG C 773 9.70 46.10 3.31
CA ARG C 773 10.43 45.83 2.06
C ARG C 773 11.03 44.43 2.02
N VAL C 774 11.76 44.07 3.08
CA VAL C 774 12.42 42.77 3.17
C VAL C 774 12.04 42.00 4.43
N ALA C 775 12.05 40.67 4.33
CA ALA C 775 11.80 39.80 5.46
C ALA C 775 12.84 38.68 5.46
N ILE C 776 13.65 38.64 6.52
CA ILE C 776 14.58 37.54 6.76
C ILE C 776 13.97 36.63 7.83
N ALA C 777 13.52 35.45 7.43
CA ALA C 777 12.92 34.48 8.34
C ALA C 777 13.94 33.40 8.68
N GLY C 778 14.22 33.25 9.97
CA GLY C 778 15.12 32.21 10.47
C GLY C 778 14.33 31.12 11.15
N ALA C 779 14.55 29.87 10.73
CA ALA C 779 13.90 28.69 11.32
C ALA C 779 12.39 28.92 11.55
N PRO C 780 11.69 29.40 10.51
CA PRO C 780 10.32 29.81 10.73
C PRO C 780 9.38 28.61 10.86
N VAL C 781 8.40 28.72 11.76
CA VAL C 781 7.26 27.80 11.80
C VAL C 781 6.33 28.25 10.69
N THR C 782 6.20 27.44 9.64
CA THR C 782 5.34 27.76 8.50
C THR C 782 3.99 27.06 8.48
N LEU C 783 3.76 26.12 9.40
CA LEU C 783 2.64 25.19 9.29
C LEU C 783 2.40 24.54 10.65
N TRP C 784 1.41 25.05 11.38
CA TRP C 784 1.21 24.65 12.78
C TRP C 784 0.86 23.18 13.02
N ILE C 785 0.26 22.51 12.04
CA ILE C 785 0.02 21.06 12.15
C ILE C 785 1.30 20.20 12.22
N PHE C 786 2.44 20.77 11.81
CA PHE C 786 3.77 20.14 11.95
C PHE C 786 4.47 20.34 13.32
N TYR C 787 4.01 21.29 14.13
CA TYR C 787 4.60 21.54 15.46
C TYR C 787 3.97 20.61 16.51
N ASP C 788 4.61 20.50 17.68
CA ASP C 788 4.20 19.56 18.74
C ASP C 788 2.87 19.89 19.45
N THR C 789 2.35 18.90 20.17
CA THR C 789 1.09 19.04 20.91
C THR C 789 1.19 20.08 22.01
N GLY C 790 2.14 19.86 22.91
CA GLY C 790 2.29 20.68 24.11
C GLY C 790 2.27 22.18 23.90
N TYR C 791 2.97 22.65 22.87
CA TYR C 791 3.01 24.08 22.54
C TYR C 791 1.72 24.51 21.83
N THR C 792 1.48 23.90 20.67
CA THR C 792 0.46 24.37 19.73
C THR C 792 -0.96 24.32 20.29
N GLU C 793 -1.30 23.22 20.96
CA GLU C 793 -2.65 23.06 21.53
C GLU C 793 -2.91 23.99 22.72
N ARG C 794 -1.86 24.50 23.35
CA ARG C 794 -1.98 25.46 24.45
C ARG C 794 -2.56 26.79 23.97
N TYR C 795 -2.03 27.27 22.84
CA TYR C 795 -2.36 28.58 22.31
C TYR C 795 -3.40 28.53 21.19
N MET C 796 -3.48 27.42 20.46
CA MET C 796 -4.37 27.29 19.30
C MET C 796 -5.43 26.19 19.42
N GLY C 797 -5.45 25.46 20.54
CA GLY C 797 -6.38 24.34 20.72
C GLY C 797 -6.16 23.21 19.72
N HIS C 798 -7.05 22.22 19.76
CA HIS C 798 -7.01 21.10 18.84
C HIS C 798 -7.35 21.59 17.42
N PRO C 799 -6.65 21.09 16.38
CA PRO C 799 -6.86 21.63 15.01
C PRO C 799 -8.28 21.51 14.42
N ASP C 800 -9.04 20.52 14.87
CA ASP C 800 -10.46 20.38 14.55
C ASP C 800 -11.33 21.55 15.07
N GLN C 801 -11.01 22.07 16.26
CA GLN C 801 -11.78 23.17 16.89
C GLN C 801 -11.24 24.56 16.58
N ASN C 802 -10.28 24.68 15.67
CA ASN C 802 -9.81 25.98 15.20
C ASN C 802 -9.34 25.87 13.74
N GLU C 803 -10.17 25.27 12.90
CA GLU C 803 -9.83 25.03 11.50
C GLU C 803 -9.32 26.30 10.79
N GLN C 804 -9.99 27.42 11.07
CA GLN C 804 -9.65 28.69 10.41
C GLN C 804 -8.35 29.30 10.95
N GLY C 805 -8.19 29.27 12.27
CA GLY C 805 -6.99 29.82 12.93
C GLY C 805 -5.71 29.12 12.54
N TYR C 806 -5.78 27.79 12.44
CA TYR C 806 -4.66 26.99 11.90
C TYR C 806 -4.37 27.33 10.44
N TYR C 807 -5.41 27.53 9.62
CA TYR C 807 -5.22 27.96 8.24
C TYR C 807 -4.61 29.36 8.16
N LEU C 808 -5.33 30.34 8.71
CA LEU C 808 -4.91 31.74 8.68
C LEU C 808 -3.59 31.97 9.39
N GLY C 809 -3.28 31.14 10.40
CA GLY C 809 -2.00 31.22 11.10
C GLY C 809 -0.83 30.43 10.50
N SER C 810 -1.00 29.84 9.32
CA SER C 810 0.03 28.98 8.69
C SER C 810 0.52 29.51 7.34
N VAL C 811 1.70 30.12 7.32
CA VAL C 811 2.20 30.78 6.09
C VAL C 811 2.41 29.85 4.89
N ALA C 812 2.64 28.57 5.13
CA ALA C 812 2.84 27.60 4.04
C ALA C 812 1.58 27.43 3.15
N MET C 813 0.40 27.55 3.75
CA MET C 813 -0.86 27.43 3.01
C MET C 813 -1.41 28.77 2.48
N GLN C 814 -0.61 29.83 2.52
CA GLN C 814 -0.97 31.13 1.97
C GLN C 814 0.17 31.70 1.12
N ALA C 815 0.88 30.79 0.43
CA ALA C 815 2.06 31.17 -0.37
C ALA C 815 1.71 32.14 -1.51
N GLU C 816 0.48 32.03 -2.03
CA GLU C 816 -0.03 32.95 -3.07
C GLU C 816 0.00 34.45 -2.67
N LYS C 817 -0.02 34.74 -1.38
CA LYS C 817 0.00 36.12 -0.87
C LYS C 817 1.38 36.76 -0.75
N PHE C 818 2.46 36.02 -1.06
CA PHE C 818 3.82 36.59 -1.02
C PHE C 818 4.07 37.46 -2.26
N PRO C 819 5.03 38.41 -2.17
CA PRO C 819 5.33 39.27 -3.32
C PRO C 819 5.82 38.53 -4.56
N SER C 820 5.50 39.07 -5.73
CA SER C 820 6.05 38.59 -7.00
C SER C 820 7.37 39.27 -7.35
N GLU C 821 7.88 40.16 -6.48
CA GLU C 821 9.21 40.74 -6.63
C GLU C 821 10.24 39.85 -5.93
N PRO C 822 11.44 39.68 -6.51
CA PRO C 822 12.53 39.02 -5.79
C PRO C 822 13.28 40.00 -4.88
N ASN C 823 14.27 39.48 -4.15
CA ASN C 823 15.07 40.27 -3.19
C ASN C 823 14.26 40.90 -2.05
N ARG C 824 13.14 40.27 -1.69
CA ARG C 824 12.32 40.68 -0.54
C ARG C 824 12.12 39.59 0.51
N LEU C 825 12.54 38.36 0.22
CA LEU C 825 12.35 37.23 1.11
C LEU C 825 13.64 36.42 1.21
N LEU C 826 14.16 36.29 2.44
CA LEU C 826 15.31 35.43 2.73
C LEU C 826 14.92 34.39 3.78
N LEU C 827 15.05 33.12 3.40
CA LEU C 827 14.82 31.99 4.33
C LEU C 827 16.15 31.44 4.84
N LEU C 828 16.25 31.30 6.16
CA LEU C 828 17.42 30.72 6.81
C LEU C 828 16.95 29.54 7.64
N HIS C 829 17.58 28.38 7.49
CA HIS C 829 17.26 27.24 8.34
C HIS C 829 18.46 26.36 8.59
N GLY C 830 18.57 25.88 9.84
CA GLY C 830 19.43 24.76 10.17
C GLY C 830 18.89 23.46 9.58
N PHE C 831 19.76 22.69 8.95
CA PHE C 831 19.37 21.46 8.24
C PHE C 831 18.98 20.33 9.19
N LEU C 832 19.56 20.33 10.39
CA LEU C 832 19.38 19.27 11.40
C LEU C 832 18.52 19.67 12.61
N ASP C 833 17.99 20.90 12.62
CA ASP C 833 17.26 21.45 13.77
C ASP C 833 16.03 20.59 14.06
N GLU C 834 15.84 20.20 15.32
CA GLU C 834 14.79 19.24 15.69
C GLU C 834 13.73 19.76 16.67
N ASN C 835 13.66 21.08 16.86
CA ASN C 835 12.52 21.72 17.53
C ASN C 835 11.60 22.32 16.47
N VAL C 836 12.18 23.14 15.60
CA VAL C 836 11.52 23.62 14.38
C VAL C 836 12.17 22.89 13.19
N HIS C 837 11.48 21.87 12.67
CA HIS C 837 12.06 20.99 11.65
C HIS C 837 12.26 21.70 10.33
N PHE C 838 13.14 21.14 9.51
CA PHE C 838 13.39 21.71 8.18
C PHE C 838 12.16 21.61 7.28
N ALA C 839 11.32 20.60 7.53
CA ALA C 839 10.06 20.43 6.80
C ALA C 839 9.17 21.69 6.73
N HIS C 840 9.22 22.52 7.78
CA HIS C 840 8.57 23.83 7.75
C HIS C 840 9.08 24.70 6.60
N THR C 841 10.40 24.74 6.40
CA THR C 841 10.97 25.47 5.29
C THR C 841 10.74 24.75 3.97
N SER C 842 10.97 23.43 3.92
CA SER C 842 10.87 22.70 2.65
C SER C 842 9.44 22.64 2.09
N ILE C 843 8.44 22.58 2.97
CA ILE C 843 7.03 22.63 2.53
C ILE C 843 6.66 24.03 2.02
N LEU C 844 7.18 25.08 2.66
CA LEU C 844 6.97 26.47 2.21
C LEU C 844 7.57 26.64 0.83
N LEU C 845 8.84 26.29 0.70
CA LEU C 845 9.54 26.33 -0.60
C LEU C 845 8.72 25.64 -1.69
N SER C 846 8.19 24.47 -1.37
CA SER C 846 7.37 23.71 -2.31
C SER C 846 6.17 24.53 -2.77
N PHE C 847 5.46 25.14 -1.82
CA PHE C 847 4.29 25.95 -2.13
C PHE C 847 4.62 27.27 -2.85
N LEU C 848 5.75 27.89 -2.49
CA LEU C 848 6.22 29.10 -3.20
C LEU C 848 6.54 28.80 -4.66
N VAL C 849 7.12 27.63 -4.93
CA VAL C 849 7.39 27.18 -6.28
C VAL C 849 6.08 26.94 -7.04
N ARG C 850 5.13 26.25 -6.41
CA ARG C 850 3.75 26.09 -6.96
C ARG C 850 3.14 27.44 -7.34
N ALA C 851 3.25 28.41 -6.44
CA ALA C 851 2.70 29.75 -6.65
C ALA C 851 3.59 30.69 -7.48
N GLY C 852 4.66 30.18 -8.08
CA GLY C 852 5.55 30.98 -8.93
C GLY C 852 6.20 32.18 -8.26
N LYS C 853 6.43 32.09 -6.95
CA LYS C 853 6.98 33.18 -6.15
C LYS C 853 8.48 33.02 -5.97
N PRO C 854 9.23 34.14 -5.88
CA PRO C 854 10.66 34.08 -5.64
C PRO C 854 11.01 34.00 -4.15
N TYR C 855 12.23 33.54 -3.87
CA TYR C 855 12.80 33.51 -2.52
C TYR C 855 14.32 33.45 -2.63
N ASP C 856 14.99 33.73 -1.52
CA ASP C 856 16.41 33.46 -1.36
C ASP C 856 16.59 32.51 -0.17
N LEU C 857 17.53 31.58 -0.29
CA LEU C 857 17.69 30.52 0.70
C LEU C 857 19.14 30.35 1.11
N GLN C 858 19.36 30.30 2.43
CA GLN C 858 20.65 29.95 3.02
C GLN C 858 20.41 28.78 3.96
N ILE C 859 21.20 27.71 3.79
CA ILE C 859 21.11 26.54 4.67
C ILE C 859 22.39 26.45 5.52
N TYR C 860 22.21 26.06 6.78
CA TYR C 860 23.30 25.91 7.74
C TYR C 860 23.31 24.49 8.28
N PRO C 861 23.88 23.52 7.54
CA PRO C 861 23.97 22.16 8.11
C PRO C 861 25.02 22.10 9.25
N GLN C 862 24.95 21.03 10.04
CA GLN C 862 25.74 20.87 11.29
C GLN C 862 25.28 21.81 12.41
N PRO C 870 29.35 28.03 15.46
CA PRO C 870 30.63 28.72 15.62
C PRO C 870 31.10 29.41 14.34
N GLU C 871 31.39 28.64 13.30
CA GLU C 871 31.87 29.15 12.01
C GLU C 871 30.69 29.61 11.14
N SER C 872 29.57 28.91 11.26
CA SER C 872 28.34 29.23 10.52
C SER C 872 27.57 30.42 11.07
N GLY C 873 27.68 30.68 12.37
CA GLY C 873 27.15 31.91 12.97
C GLY C 873 27.86 33.15 12.45
N GLU C 874 29.16 33.04 12.20
CA GLU C 874 29.92 34.11 11.55
C GLU C 874 29.44 34.32 10.12
N HIS C 875 29.22 33.21 9.40
CA HIS C 875 28.68 33.24 8.03
C HIS C 875 27.27 33.86 7.98
N TYR C 876 26.43 33.50 8.94
CA TYR C 876 25.08 34.04 9.05
C TYR C 876 25.05 35.56 9.18
N GLU C 877 25.85 36.08 10.11
CA GLU C 877 25.96 37.52 10.35
C GLU C 877 26.49 38.26 9.13
N LEU C 878 27.44 37.63 8.45
CA LEU C 878 28.02 38.18 7.22
C LEU C 878 26.96 38.26 6.12
N HIS C 879 26.26 37.15 5.87
CA HIS C 879 25.24 37.12 4.83
C HIS C 879 24.11 38.10 5.11
N LEU C 880 23.70 38.22 6.37
CA LEU C 880 22.59 39.08 6.75
C LEU C 880 22.91 40.57 6.59
N LEU C 881 24.08 40.98 7.08
CA LEU C 881 24.58 42.36 6.86
C LEU C 881 24.65 42.69 5.37
N HIS C 882 25.18 41.75 4.59
CA HIS C 882 25.27 41.92 3.15
C HIS C 882 23.91 41.94 2.44
N TYR C 883 22.98 41.09 2.87
CA TYR C 883 21.64 41.05 2.30
C TYR C 883 20.87 42.35 2.55
N LEU C 884 20.98 42.87 3.79
CA LEU C 884 20.37 44.14 4.15
C LEU C 884 21.00 45.30 3.37
N GLN C 885 22.32 45.26 3.21
CA GLN C 885 23.05 46.25 2.41
C GLN C 885 22.55 46.28 0.97
N GLU C 886 22.59 45.13 0.31
CA GLU C 886 22.21 45.00 -1.11
C GLU C 886 20.74 45.24 -1.41
N ASN C 887 19.85 44.97 -0.45
CA ASN C 887 18.40 45.00 -0.69
C ASN C 887 17.60 45.91 0.26
N LEU C 888 18.29 46.69 1.09
CA LEU C 888 17.62 47.67 1.97
C LEU C 888 18.43 48.95 2.15
N GLY C 889 19.66 48.83 2.63
CA GLY C 889 20.48 49.98 3.03
C GLY C 889 21.04 50.86 1.93
N SER C 890 21.88 50.29 1.06
CA SER C 890 22.67 51.08 0.09
C SER C 890 21.84 51.65 -1.06
N ARG C 891 22.47 52.50 -1.86
CA ARG C 891 21.81 53.11 -3.03
C ARG C 891 21.49 52.08 -4.12
N ILE C 892 22.31 51.03 -4.23
CA ILE C 892 22.09 49.96 -5.21
C ILE C 892 20.71 49.31 -5.00
N ALA C 893 20.30 49.17 -3.74
CA ALA C 893 18.96 48.66 -3.40
C ALA C 893 17.84 49.58 -3.90
N ALA C 894 18.05 50.88 -3.76
CA ALA C 894 17.12 51.88 -4.27
C ALA C 894 17.04 51.91 -5.79
N LEU C 895 18.15 51.60 -6.48
CA LEU C 895 18.14 51.42 -7.94
C LEU C 895 17.35 50.17 -8.32
N LYS C 896 17.72 49.04 -7.73
CA LYS C 896 17.10 47.72 -8.02
C LYS C 896 15.58 47.69 -8.21
N VAL C 897 14.84 48.50 -7.46
CA VAL C 897 13.37 48.51 -7.57
C VAL C 897 12.89 49.17 -8.87
#